data_4ZO9
#
_entry.id   4ZO9
#
_cell.length_a   89.490
_cell.length_b   94.760
_cell.length_c   215.232
_cell.angle_alpha   90.000
_cell.angle_beta   96.320
_cell.angle_gamma   90.000
#
_symmetry.space_group_name_H-M   'I 1 2 1'
#
loop_
_entity.id
_entity.type
_entity.pdbx_description
1 polymer 'Lin1840 protein'
2 branched beta-D-glucopyranose-(1-3)-alpha-D-glucopyranose
3 non-polymer 'MAGNESIUM ION'
4 non-polymer GLYCEROL
5 non-polymer beta-D-glucopyranose
6 water water
#
_entity_poly.entity_id   1
_entity_poly.type   'polypeptide(L)'
_entity_poly.pdbx_seq_one_letter_code
;MEQEKVQELVSQMTLDEKIAQCLQLSPFLFKGTNKNAELTGPLLQEMKLTDAHTENAGSVLGSSSALDMIGIQEAYLKTN
RLGIPLVFMADVIHGYKTVFPIPLALGCSFDRETVRVMAEVSALEATADGHHVTFSPMLDLVRDPRWGRVMESTGEDPFL
NSELGKAMVDGYQGDASKLNENLEQMAACVKHFAAYGAAEAGLEYNTVNMSTRELYQNYLPAYNAAIQAGAKLVMTAFNV
VDGIPATMNKWLNRDVLRGEMEFDGVLISAWGAVAEVINHGTARNPKEAAQFSMEAGVDLEMMTTCYIHELKGLIEEGKL
SENLLDEAVLRMLNLKNDLGLFEDPYRGLKNNDRTKDILTDESRGKARAAGVESAVLLENKSRLLPLAKEAKIALVGPLA
TSPDILGGWNVYGEEKDGINVETGLREVFETVEVVSTEYTELSEEDKVAVKAAVQNMDVVVLALGEKNEWGGEAGSLATI
RLPEAQYQLAKFVQTLGKPVVITLFNGRPLEVKELAESSDALLELWFPGTEAGRVTADLLSGASNPSGKLSMSFPQTTGQ
IPVYYNHLRTGRPQTPENKGERYVSHYLDIPNEPFYPFGYGKSYSEFELKTSSLPKELNLGESLHVEVTIKNISDIAGKE
VIQVYLQDVTASISRPVKELKAFEKVALQAGEEKTVTFELTSEAFSFYNHQLEKVQEPGLHRVFVGTSSEDVDVFEVEVG
GYVLEHHHHHH
;
_entity_poly.pdbx_strand_id   A,B
#
# COMPACT_ATOMS: atom_id res chain seq x y z
N MET A 1 18.63 12.75 -43.87
CA MET A 1 18.49 12.14 -45.22
C MET A 1 17.06 11.65 -45.47
N GLU A 2 16.75 11.38 -46.73
CA GLU A 2 15.45 10.85 -47.10
C GLU A 2 15.19 9.47 -46.52
N GLN A 3 13.91 9.20 -46.21
CA GLN A 3 13.49 7.92 -45.67
C GLN A 3 13.88 6.70 -46.49
N GLU A 4 13.87 6.82 -47.80
CA GLU A 4 14.30 5.73 -48.67
C GLU A 4 15.74 5.31 -48.33
N LYS A 5 16.58 6.31 -48.06
CA LYS A 5 17.97 6.03 -47.70
C LYS A 5 18.05 5.29 -46.34
N VAL A 6 17.20 5.68 -45.39
CA VAL A 6 17.14 4.97 -44.08
C VAL A 6 16.65 3.52 -44.27
N GLN A 7 15.56 3.34 -45.02
CA GLN A 7 15.07 1.99 -45.29
C GLN A 7 16.11 1.13 -46.01
N GLU A 8 16.81 1.74 -46.97
CA GLU A 8 17.89 1.07 -47.70
C GLU A 8 18.96 0.54 -46.75
N LEU A 9 19.34 1.35 -45.76
CA LEU A 9 20.37 0.99 -44.75
C LEU A 9 19.98 -0.30 -44.04
N VAL A 10 18.70 -0.37 -43.66
CA VAL A 10 18.17 -1.53 -42.98
C VAL A 10 18.35 -2.78 -43.84
N SER A 11 17.82 -2.73 -45.06
CA SER A 11 18.02 -3.75 -46.07
C SER A 11 19.45 -4.19 -46.22
N GLN A 12 20.43 -3.29 -46.10
CA GLN A 12 21.85 -3.66 -46.35
C GLN A 12 22.58 -4.22 -45.16
N MET A 13 22.06 -4.02 -43.95
CA MET A 13 22.73 -4.53 -42.76
C MET A 13 22.59 -6.04 -42.73
N THR A 14 23.62 -6.68 -42.19
CA THR A 14 23.58 -8.08 -41.90
C THR A 14 22.79 -8.28 -40.63
N LEU A 15 22.40 -9.53 -40.38
CA LEU A 15 21.71 -9.92 -39.19
C LEU A 15 22.54 -9.52 -37.95
N ASP A 16 23.83 -9.84 -37.98
CA ASP A 16 24.69 -9.50 -36.86
C ASP A 16 24.75 -7.99 -36.62
N GLU A 17 24.82 -7.21 -37.69
CA GLU A 17 24.74 -5.73 -37.58
C GLU A 17 23.42 -5.23 -36.98
N LYS A 18 22.31 -5.80 -37.43
CA LYS A 18 20.97 -5.38 -36.94
C LYS A 18 20.82 -5.64 -35.44
N ILE A 19 21.31 -6.78 -34.99
CA ILE A 19 21.27 -7.17 -33.60
C ILE A 19 22.06 -6.18 -32.72
N ALA A 20 23.26 -5.79 -33.16
CA ALA A 20 24.17 -4.95 -32.36
C ALA A 20 23.68 -3.51 -32.30
N GLN A 21 22.98 -3.11 -33.36
CA GLN A 21 22.27 -1.82 -33.37
C GLN A 21 21.28 -1.73 -32.21
N CYS A 22 20.85 -2.87 -31.66
CA CYS A 22 19.94 -2.89 -30.54
C CYS A 22 20.61 -2.96 -29.15
N LEU A 23 21.92 -2.63 -29.08
CA LEU A 23 22.69 -2.70 -27.85
C LEU A 23 23.21 -1.33 -27.49
N GLN A 24 23.08 -0.95 -26.23
CA GLN A 24 23.72 0.31 -25.71
C GLN A 24 24.79 -0.01 -24.68
N LEU A 25 25.90 0.73 -24.75
CA LEU A 25 27.05 0.44 -23.89
C LEU A 25 27.63 1.68 -23.31
N SER A 26 28.29 1.51 -22.18
CA SER A 26 28.92 2.60 -21.47
C SER A 26 30.05 3.06 -22.35
N PRO A 27 30.56 4.30 -22.16
CA PRO A 27 31.50 4.85 -23.16
C PRO A 27 32.88 4.16 -23.18
N PHE A 28 33.28 3.65 -22.03
CA PHE A 28 34.60 3.03 -21.89
C PHE A 28 34.67 1.61 -22.43
N LEU A 29 33.56 1.09 -23.00
CA LEU A 29 33.56 -0.19 -23.74
C LEU A 29 33.90 0.03 -25.20
N PHE A 30 34.04 1.30 -25.62
CA PHE A 30 34.36 1.69 -26.97
C PHE A 30 35.82 2.14 -27.03
N LYS A 31 36.49 1.77 -28.12
CA LYS A 31 37.73 2.41 -28.51
C LYS A 31 37.52 3.89 -28.76
N GLY A 32 38.56 4.66 -28.46
CA GLY A 32 38.51 6.12 -28.58
C GLY A 32 37.91 6.85 -27.40
N THR A 33 37.50 6.15 -26.35
CA THR A 33 37.05 6.84 -25.13
C THR A 33 38.26 7.57 -24.56
N ASN A 34 38.06 8.63 -23.80
CA ASN A 34 39.20 9.23 -23.11
C ASN A 34 39.03 9.30 -21.61
N LYS A 35 38.19 8.44 -21.04
CA LYS A 35 38.10 8.30 -19.58
C LYS A 35 37.84 6.84 -19.20
N ASN A 36 38.39 6.39 -18.08
CA ASN A 36 38.15 5.01 -17.53
C ASN A 36 38.55 3.84 -18.46
N ALA A 37 39.54 4.08 -19.32
CA ALA A 37 40.08 3.04 -20.21
C ALA A 37 40.60 1.81 -19.43
N GLU A 38 40.89 1.96 -18.15
CA GLU A 38 41.27 0.81 -17.31
C GLU A 38 40.06 -0.12 -16.98
N LEU A 39 38.86 0.37 -17.21
CA LEU A 39 37.70 -0.49 -16.97
C LEU A 39 37.39 -1.38 -18.20
N THR A 40 37.98 -1.05 -19.35
CA THR A 40 37.54 -1.55 -20.66
C THR A 40 37.81 -3.02 -20.88
N GLY A 41 39.03 -3.45 -20.58
CA GLY A 41 39.44 -4.86 -20.79
C GLY A 41 38.68 -5.91 -19.98
N PRO A 42 38.73 -5.82 -18.66
CA PRO A 42 37.97 -6.73 -17.79
C PRO A 42 36.45 -6.75 -18.06
N LEU A 43 35.85 -5.60 -18.32
CA LEU A 43 34.38 -5.54 -18.50
C LEU A 43 33.95 -6.09 -19.86
N LEU A 44 34.68 -5.80 -20.93
CA LEU A 44 34.45 -6.45 -22.22
C LEU A 44 34.43 -7.96 -22.06
N GLN A 45 35.42 -8.45 -21.28
CA GLN A 45 35.57 -9.88 -20.99
C GLN A 45 34.41 -10.49 -20.18
N GLU A 46 33.97 -9.84 -19.12
CA GLU A 46 32.79 -10.26 -18.31
C GLU A 46 31.47 -10.35 -19.12
N MET A 47 31.30 -9.41 -20.05
CA MET A 47 30.14 -9.30 -20.90
C MET A 47 30.28 -10.07 -22.19
N LYS A 48 31.51 -10.51 -22.45
CA LYS A 48 31.87 -11.35 -23.60
C LYS A 48 31.58 -10.64 -24.93
N LEU A 49 31.94 -9.36 -24.94
CA LEU A 49 31.79 -8.50 -26.11
C LEU A 49 33.08 -8.48 -26.89
N THR A 50 32.95 -8.41 -28.22
CA THR A 50 34.05 -8.43 -29.17
C THR A 50 33.95 -7.11 -29.95
N ASP A 51 34.93 -6.82 -30.80
CA ASP A 51 34.86 -5.69 -31.71
C ASP A 51 33.67 -5.80 -32.65
N ALA A 52 33.40 -7.02 -33.10
CA ALA A 52 32.32 -7.20 -34.01
C ALA A 52 31.07 -6.55 -33.32
N HIS A 53 30.94 -6.71 -32.01
CA HIS A 53 29.81 -6.12 -31.24
C HIS A 53 29.96 -4.60 -31.12
N THR A 54 31.07 -4.16 -30.52
CA THR A 54 31.23 -2.76 -30.15
C THR A 54 31.30 -1.86 -31.39
N GLU A 55 31.88 -2.35 -32.48
CA GLU A 55 31.95 -1.57 -33.73
C GLU A 55 30.61 -1.44 -34.48
N ASN A 56 29.63 -2.21 -34.02
CA ASN A 56 28.25 -2.17 -34.51
C ASN A 56 27.14 -1.80 -33.45
N ALA A 57 27.54 -1.53 -32.21
CA ALA A 57 26.63 -1.10 -31.18
C ALA A 57 25.89 0.11 -31.60
N GLY A 58 24.61 0.16 -31.18
CA GLY A 58 23.69 1.20 -31.56
C GLY A 58 23.88 2.47 -30.80
N SER A 59 24.28 2.37 -29.53
CA SER A 59 24.21 3.55 -28.72
C SER A 59 25.21 3.56 -27.58
N VAL A 60 25.59 4.78 -27.19
CA VAL A 60 26.39 5.07 -26.01
C VAL A 60 25.58 5.73 -24.93
N LEU A 61 25.84 5.32 -23.68
CA LEU A 61 25.13 5.78 -22.46
C LEU A 61 26.09 6.41 -21.51
N GLY A 62 25.86 7.66 -21.16
CA GLY A 62 26.68 8.32 -20.15
C GLY A 62 28.09 8.67 -20.60
N SER A 63 28.24 9.22 -21.79
CA SER A 63 29.53 9.87 -22.18
C SER A 63 29.97 10.89 -21.10
N SER A 64 31.28 11.09 -20.90
CA SER A 64 31.74 12.00 -19.84
C SER A 64 31.99 13.45 -20.27
N SER A 65 32.18 13.70 -21.56
CA SER A 65 32.43 15.08 -22.09
C SER A 65 32.25 15.15 -23.60
N ALA A 66 32.34 16.34 -24.18
CA ALA A 66 32.37 16.46 -25.65
C ALA A 66 33.51 15.65 -26.26
N LEU A 67 34.68 15.69 -25.63
CA LEU A 67 35.87 14.94 -26.15
C LEU A 67 35.69 13.43 -26.11
N ASP A 68 35.05 12.92 -25.07
CA ASP A 68 34.75 11.50 -24.99
C ASP A 68 33.91 11.18 -26.23
N MET A 69 32.81 11.91 -26.38
N MET A 69 32.81 11.90 -26.37
CA MET A 69 31.89 11.72 -27.52
CA MET A 69 31.90 11.73 -27.51
C MET A 69 32.65 11.79 -28.84
C MET A 69 32.64 11.80 -28.83
N ILE A 70 33.37 12.87 -29.05
CA ILE A 70 34.01 13.08 -30.34
C ILE A 70 34.92 11.92 -30.68
N GLY A 71 35.76 11.52 -29.72
CA GLY A 71 36.76 10.46 -29.93
C GLY A 71 36.14 9.08 -30.15
N ILE A 72 35.03 8.85 -29.47
CA ILE A 72 34.34 7.60 -29.55
C ILE A 72 33.67 7.50 -30.90
N GLN A 73 32.97 8.57 -31.30
CA GLN A 73 32.24 8.62 -32.58
C GLN A 73 33.21 8.52 -33.80
N GLU A 74 34.34 9.19 -33.66
CA GLU A 74 35.36 9.25 -34.71
C GLU A 74 36.01 7.91 -34.94
N ALA A 75 36.40 7.25 -33.86
CA ALA A 75 36.96 5.91 -34.00
C ALA A 75 35.89 4.93 -34.50
N TYR A 76 34.67 5.02 -33.99
CA TYR A 76 33.56 4.15 -34.44
C TYR A 76 33.24 4.28 -35.96
N LEU A 77 33.26 5.52 -36.49
CA LEU A 77 33.03 5.76 -37.91
C LEU A 77 34.25 5.41 -38.80
N LYS A 78 35.46 5.30 -38.25
CA LYS A 78 36.55 4.75 -39.07
C LYS A 78 36.21 3.30 -39.46
N THR A 79 35.56 2.58 -38.54
CA THR A 79 35.48 1.12 -38.62
C THR A 79 34.09 0.54 -38.98
N ASN A 80 33.02 1.32 -38.79
CA ASN A 80 31.68 0.94 -39.13
C ASN A 80 31.43 0.84 -40.64
N ARG A 81 30.95 -0.33 -41.05
CA ARG A 81 30.89 -0.67 -42.46
C ARG A 81 30.00 0.26 -43.28
N LEU A 82 28.76 0.47 -42.81
CA LEU A 82 27.81 1.31 -43.56
C LEU A 82 27.75 2.74 -43.10
N GLY A 83 28.53 3.11 -42.08
CA GLY A 83 28.56 4.51 -41.67
C GLY A 83 27.36 4.90 -40.81
N ILE A 84 26.92 4.03 -39.94
CA ILE A 84 25.79 4.40 -39.04
C ILE A 84 26.41 4.99 -37.76
N PRO A 85 26.29 6.30 -37.55
CA PRO A 85 26.84 6.92 -36.34
C PRO A 85 26.10 6.46 -35.04
N LEU A 86 26.81 6.53 -33.91
CA LEU A 86 26.23 6.23 -32.57
C LEU A 86 25.34 7.32 -32.13
N VAL A 87 24.27 6.97 -31.40
CA VAL A 87 23.49 7.95 -30.66
C VAL A 87 23.97 7.92 -29.18
N PHE A 88 24.28 9.12 -28.66
CA PHE A 88 24.69 9.37 -27.28
C PHE A 88 23.55 9.83 -26.38
N MET A 89 23.35 9.07 -25.31
CA MET A 89 22.25 9.35 -24.34
C MET A 89 22.78 9.62 -22.92
N ALA A 90 22.02 10.43 -22.16
CA ALA A 90 22.44 10.70 -20.77
C ALA A 90 21.30 11.05 -19.83
N ASP A 91 21.58 10.96 -18.56
CA ASP A 91 20.69 11.44 -17.49
C ASP A 91 20.88 12.95 -17.21
N VAL A 92 20.03 13.80 -17.81
CA VAL A 92 19.97 15.21 -17.50
C VAL A 92 18.56 15.36 -16.95
N ILE A 93 18.52 15.31 -15.64
CA ILE A 93 17.30 15.16 -14.89
C ILE A 93 16.75 16.49 -14.41
N HIS A 94 17.59 17.26 -13.79
CA HIS A 94 17.23 18.61 -13.37
C HIS A 94 18.44 19.56 -13.57
N GLY A 95 19.00 19.51 -14.75
CA GLY A 95 20.18 20.30 -15.07
C GLY A 95 21.39 19.49 -15.42
N TYR A 96 22.28 20.12 -16.20
CA TYR A 96 23.52 19.49 -16.60
C TYR A 96 24.65 19.92 -15.67
N LYS A 97 25.27 21.07 -15.96
CA LYS A 97 26.31 21.63 -15.10
C LYS A 97 25.73 22.72 -14.23
N THR A 98 24.87 23.57 -14.81
CA THR A 98 23.98 24.42 -14.01
C THR A 98 22.80 23.63 -13.46
N VAL A 99 22.87 23.37 -12.16
CA VAL A 99 21.92 22.45 -11.57
C VAL A 99 20.73 23.23 -11.02
N PHE A 100 19.55 22.82 -11.47
CA PHE A 100 18.30 23.42 -11.08
C PHE A 100 17.72 22.59 -9.92
N PRO A 101 16.61 23.08 -9.34
CA PRO A 101 16.03 22.30 -8.22
C PRO A 101 15.61 20.90 -8.68
N ILE A 102 15.56 19.97 -7.73
CA ILE A 102 15.12 18.60 -8.04
C ILE A 102 13.67 18.59 -8.55
N PRO A 103 13.31 17.58 -9.39
CA PRO A 103 11.95 17.70 -9.97
C PRO A 103 10.83 17.93 -9.00
N LEU A 104 10.91 17.37 -7.80
CA LEU A 104 9.79 17.43 -6.83
C LEU A 104 9.66 18.88 -6.37
N ALA A 105 10.80 19.56 -6.27
CA ALA A 105 10.81 20.96 -5.93
C ALA A 105 10.23 21.73 -7.14
N LEU A 106 10.61 21.37 -8.36
CA LEU A 106 10.01 22.02 -9.54
C LEU A 106 8.46 21.74 -9.55
N GLY A 107 8.03 20.59 -9.08
CA GLY A 107 6.56 20.38 -8.93
C GLY A 107 5.94 21.52 -8.08
N CYS A 108 6.58 21.84 -6.95
CA CYS A 108 6.07 22.84 -5.98
C CYS A 108 6.01 24.28 -6.54
N SER A 109 6.77 24.53 -7.61
CA SER A 109 6.64 25.80 -8.32
C SER A 109 5.23 26.05 -8.93
N PHE A 110 4.55 24.97 -9.30
CA PHE A 110 3.31 25.05 -10.09
C PHE A 110 3.50 26.00 -11.26
N ASP A 111 4.69 26.05 -11.83
CA ASP A 111 4.99 27.01 -12.87
C ASP A 111 5.56 26.34 -14.12
N ARG A 112 4.75 26.25 -15.15
CA ARG A 112 5.08 25.55 -16.36
C ARG A 112 6.34 26.16 -17.02
N GLU A 113 6.46 27.49 -17.02
CA GLU A 113 7.59 28.20 -17.70
C GLU A 113 8.93 28.01 -16.94
N THR A 114 8.90 27.98 -15.60
CA THR A 114 10.08 27.60 -14.85
C THR A 114 10.58 26.23 -15.36
N VAL A 115 9.66 25.31 -15.53
CA VAL A 115 10.01 23.96 -15.92
C VAL A 115 10.52 23.89 -17.35
N ARG A 116 9.88 24.59 -18.26
CA ARG A 116 10.35 24.64 -19.64
C ARG A 116 11.77 25.23 -19.68
N VAL A 117 12.00 26.32 -18.95
CA VAL A 117 13.30 27.00 -18.96
C VAL A 117 14.43 26.11 -18.42
N MET A 118 14.15 25.39 -17.33
CA MET A 118 15.10 24.38 -16.77
C MET A 118 15.45 23.38 -17.89
N ALA A 119 14.43 22.83 -18.55
CA ALA A 119 14.67 21.86 -19.63
C ALA A 119 15.47 22.47 -20.81
N GLU A 120 15.11 23.68 -21.22
CA GLU A 120 15.90 24.40 -22.25
C GLU A 120 17.37 24.64 -21.89
N VAL A 121 17.61 25.06 -20.66
CA VAL A 121 18.99 25.31 -20.25
C VAL A 121 19.79 24.01 -20.16
N SER A 122 19.15 22.97 -19.69
CA SER A 122 19.75 21.65 -19.61
C SER A 122 20.19 21.15 -20.97
N ALA A 123 19.31 21.29 -21.96
CA ALA A 123 19.61 20.86 -23.35
C ALA A 123 20.73 21.67 -23.95
N LEU A 124 20.68 23.00 -23.73
CA LEU A 124 21.73 23.90 -24.21
C LEU A 124 23.10 23.39 -23.80
N GLU A 125 23.25 23.07 -22.51
CA GLU A 125 24.53 22.59 -21.97
C GLU A 125 24.85 21.16 -22.32
N ALA A 126 23.82 20.32 -22.23
CA ALA A 126 24.03 18.90 -22.53
C ALA A 126 24.45 18.71 -24.00
N THR A 127 23.80 19.41 -24.93
CA THR A 127 24.22 19.37 -26.35
C THR A 127 25.65 19.92 -26.54
N ALA A 128 25.99 20.93 -25.76
CA ALA A 128 27.36 21.47 -25.80
C ALA A 128 28.42 20.46 -25.37
N ASP A 129 28.02 19.43 -24.64
CA ASP A 129 28.94 18.37 -24.25
C ASP A 129 28.72 17.07 -25.02
N GLY A 130 27.95 17.18 -26.10
CA GLY A 130 27.81 16.10 -27.05
C GLY A 130 26.69 15.12 -26.83
N HIS A 131 25.73 15.41 -25.91
CA HIS A 131 24.65 14.46 -25.66
C HIS A 131 23.45 14.73 -26.57
N HIS A 132 22.84 13.65 -27.09
CA HIS A 132 21.73 13.77 -28.05
C HIS A 132 20.35 13.58 -27.42
N VAL A 133 20.31 12.79 -26.35
CA VAL A 133 19.07 12.35 -25.69
C VAL A 133 19.26 12.48 -24.18
N THR A 134 18.23 13.01 -23.50
CA THR A 134 18.21 12.93 -22.06
C THR A 134 17.16 11.94 -21.53
N PHE A 135 17.48 11.22 -20.44
CA PHE A 135 16.51 10.31 -19.83
C PHE A 135 15.64 11.07 -18.83
N SER A 136 14.85 11.98 -19.37
CA SER A 136 13.91 12.85 -18.68
C SER A 136 12.80 13.31 -19.67
N PRO A 137 11.60 13.63 -19.20
CA PRO A 137 11.07 13.68 -17.84
C PRO A 137 10.77 12.30 -17.18
N MET A 138 11.00 12.26 -15.87
CA MET A 138 10.50 11.15 -15.05
C MET A 138 9.04 11.47 -14.63
N LEU A 139 8.13 10.61 -15.06
CA LEU A 139 6.65 10.85 -14.95
C LEU A 139 5.88 9.86 -14.08
N ASP A 140 6.60 9.19 -13.18
CA ASP A 140 5.99 8.26 -12.26
C ASP A 140 5.20 8.99 -11.16
N LEU A 141 3.88 8.76 -11.10
CA LEU A 141 3.08 9.28 -10.01
C LEU A 141 3.61 8.66 -8.71
N VAL A 142 3.68 9.52 -7.67
CA VAL A 142 4.17 9.14 -6.36
C VAL A 142 3.19 9.50 -5.25
N ARG A 143 2.83 8.50 -4.42
CA ARG A 143 2.06 8.66 -3.20
C ARG A 143 2.78 8.16 -1.92
N ASP A 144 4.07 7.83 -2.03
CA ASP A 144 4.81 7.08 -1.02
C ASP A 144 6.21 7.65 -0.87
N PRO A 145 6.38 8.59 0.09
CA PRO A 145 7.67 9.24 0.34
C PRO A 145 8.81 8.37 0.89
N ARG A 146 8.53 7.12 1.26
CA ARG A 146 9.59 6.16 1.58
C ARG A 146 10.49 5.96 0.38
N TRP A 147 9.89 5.96 -0.81
CA TRP A 147 10.61 5.65 -2.06
C TRP A 147 11.58 6.77 -2.36
N GLY A 148 12.88 6.45 -2.49
CA GLY A 148 13.84 7.47 -2.81
C GLY A 148 13.59 8.23 -4.06
N ARG A 149 12.95 7.61 -5.05
CA ARG A 149 12.82 8.25 -6.35
C ARG A 149 11.67 9.27 -6.41
N VAL A 150 11.00 9.58 -5.31
CA VAL A 150 10.06 10.74 -5.31
C VAL A 150 10.68 12.03 -5.75
N MET A 151 11.98 12.18 -5.49
CA MET A 151 12.71 13.41 -5.86
C MET A 151 12.67 13.72 -7.34
N GLU A 152 12.45 12.69 -8.16
CA GLU A 152 12.49 12.78 -9.66
C GLU A 152 11.09 13.03 -10.28
N SER A 153 10.07 12.85 -9.47
CA SER A 153 8.70 13.06 -9.88
C SER A 153 8.35 14.47 -9.50
N THR A 154 7.29 14.97 -10.14
CA THR A 154 6.71 16.25 -9.77
C THR A 154 5.61 16.06 -8.76
N GLY A 155 5.34 14.82 -8.36
CA GLY A 155 4.45 14.60 -7.22
C GLY A 155 3.23 13.68 -7.32
N GLU A 156 2.25 13.97 -6.45
CA GLU A 156 1.03 13.15 -6.29
C GLU A 156 -0.16 13.40 -7.24
N ASP A 157 -0.10 14.43 -8.08
CA ASP A 157 -1.22 14.74 -8.99
C ASP A 157 -0.87 14.44 -10.45
N PRO A 158 -1.65 13.56 -11.08
CA PRO A 158 -1.53 13.26 -12.48
C PRO A 158 -1.64 14.51 -13.34
N PHE A 159 -2.58 15.42 -13.02
CA PHE A 159 -2.78 16.65 -13.88
C PHE A 159 -1.53 17.54 -13.86
N LEU A 160 -1.11 17.95 -12.66
CA LEU A 160 0.15 18.63 -12.53
C LEU A 160 1.32 17.91 -13.20
N ASN A 161 1.46 16.65 -12.89
CA ASN A 161 2.52 15.89 -13.49
C ASN A 161 2.49 15.94 -15.03
N SER A 162 1.30 15.76 -15.58
CA SER A 162 1.12 15.86 -17.05
C SER A 162 1.55 17.23 -17.59
N GLU A 163 1.08 18.27 -16.94
CA GLU A 163 1.34 19.63 -17.41
C GLU A 163 2.82 19.97 -17.32
N LEU A 164 3.48 19.62 -16.24
CA LEU A 164 4.90 19.92 -16.16
C LEU A 164 5.73 18.98 -17.04
N GLY A 165 5.26 17.76 -17.22
CA GLY A 165 5.93 16.83 -18.15
C GLY A 165 6.00 17.40 -19.58
N LYS A 166 4.88 17.91 -20.06
CA LYS A 166 4.80 18.56 -21.36
C LYS A 166 5.72 19.74 -21.45
N ALA A 167 5.70 20.58 -20.42
CA ALA A 167 6.67 21.68 -20.35
C ALA A 167 8.13 21.25 -20.49
N MET A 168 8.54 20.18 -19.80
CA MET A 168 9.91 19.66 -19.90
C MET A 168 10.25 19.16 -21.27
N VAL A 169 9.35 18.37 -21.85
CA VAL A 169 9.49 17.89 -23.25
C VAL A 169 9.64 19.08 -24.19
N ASP A 170 8.75 20.06 -24.08
CA ASP A 170 8.83 21.26 -24.95
C ASP A 170 10.19 21.97 -24.74
N GLY A 171 10.61 22.11 -23.48
CA GLY A 171 11.90 22.79 -23.20
C GLY A 171 13.12 22.07 -23.70
N TYR A 172 13.14 20.74 -23.57
CA TYR A 172 14.30 19.93 -24.08
C TYR A 172 14.30 19.94 -25.62
N GLN A 173 13.13 19.70 -26.21
CA GLN A 173 13.08 19.37 -27.64
C GLN A 173 12.78 20.53 -28.57
N GLY A 174 12.07 21.53 -28.08
CA GLY A 174 11.48 22.55 -28.95
C GLY A 174 10.55 21.86 -29.95
N ASP A 175 10.61 22.33 -31.18
CA ASP A 175 9.85 21.76 -32.25
C ASP A 175 10.46 20.40 -32.58
N ALA A 176 9.80 19.31 -32.20
CA ALA A 176 10.36 17.95 -32.35
C ALA A 176 10.76 17.61 -33.81
N SER A 177 10.03 18.14 -34.78
CA SER A 177 10.31 17.81 -36.20
C SER A 177 11.48 18.59 -36.78
N LYS A 178 12.13 19.46 -36.00
CA LYS A 178 13.37 20.11 -36.44
C LYS A 178 14.58 19.81 -35.55
N LEU A 179 14.64 18.64 -34.89
CA LEU A 179 15.84 18.29 -34.12
C LEU A 179 17.11 18.05 -35.00
N ASN A 180 16.92 17.90 -36.31
CA ASN A 180 18.07 17.79 -37.20
C ASN A 180 18.74 19.14 -37.48
N GLU A 181 18.01 20.24 -37.23
CA GLU A 181 18.49 21.64 -37.37
C GLU A 181 18.75 22.38 -36.04
N ASN A 182 17.92 22.18 -35.03
CA ASN A 182 18.08 22.92 -33.77
C ASN A 182 19.00 22.17 -32.83
N LEU A 183 20.32 22.34 -33.00
CA LEU A 183 21.28 21.45 -32.36
C LEU A 183 21.63 21.84 -30.89
N GLU A 184 20.90 22.82 -30.37
CA GLU A 184 20.92 23.17 -28.93
C GLU A 184 19.77 22.55 -28.16
N GLN A 185 18.80 21.94 -28.87
CA GLN A 185 17.73 21.13 -28.27
C GLN A 185 18.13 19.68 -28.40
N MET A 186 17.47 18.77 -27.68
CA MET A 186 17.80 17.34 -27.68
C MET A 186 16.55 16.50 -27.52
N ALA A 187 16.67 15.20 -27.79
CA ALA A 187 15.54 14.29 -27.66
C ALA A 187 15.31 14.00 -26.18
N ALA A 188 14.03 13.90 -25.84
CA ALA A 188 13.59 13.55 -24.51
C ALA A 188 13.14 12.12 -24.56
N CYS A 189 13.33 11.45 -23.43
CA CYS A 189 12.93 10.10 -23.16
C CYS A 189 12.07 10.04 -21.90
N VAL A 190 10.79 9.85 -22.10
CA VAL A 190 9.84 9.63 -21.00
C VAL A 190 10.21 8.37 -20.19
N LYS A 191 10.14 8.42 -18.86
CA LYS A 191 10.43 7.22 -18.06
C LYS A 191 9.57 7.27 -16.78
N HIS A 192 9.38 6.18 -16.07
CA HIS A 192 9.72 4.80 -16.43
C HIS A 192 8.41 4.10 -16.78
N PHE A 193 8.24 3.61 -18.01
CA PHE A 193 6.89 3.02 -18.40
C PHE A 193 6.69 1.61 -17.80
N ALA A 194 5.79 1.37 -16.85
CA ALA A 194 4.86 2.32 -16.22
C ALA A 194 4.64 1.98 -14.73
N ALA A 195 4.23 3.00 -13.97
CA ALA A 195 3.69 2.87 -12.58
C ALA A 195 4.73 2.46 -11.53
N TYR A 196 5.97 2.82 -11.79
CA TYR A 196 7.14 2.42 -10.97
C TYR A 196 7.07 3.01 -9.56
N GLY A 197 6.53 4.24 -9.47
CA GLY A 197 6.27 4.95 -8.21
C GLY A 197 5.38 4.30 -7.20
N ALA A 198 4.68 3.24 -7.61
CA ALA A 198 3.75 2.60 -6.68
C ALA A 198 4.41 1.42 -5.96
N ALA A 199 5.75 1.32 -6.06
CA ALA A 199 6.51 0.28 -5.40
C ALA A 199 6.00 0.00 -4.00
N GLU A 200 5.73 -1.28 -3.73
CA GLU A 200 5.07 -1.67 -2.48
C GLU A 200 6.03 -1.31 -1.31
N ALA A 201 5.46 -0.71 -0.25
CA ALA A 201 6.19 -0.37 0.99
C ALA A 201 7.32 0.62 0.77
N GLY A 202 7.30 1.31 -0.37
CA GLY A 202 8.33 2.24 -0.78
C GLY A 202 9.69 1.64 -1.03
N LEU A 203 9.74 0.33 -1.19
CA LEU A 203 10.98 -0.42 -1.36
C LEU A 203 11.48 -0.41 -2.82
N GLU A 204 12.74 -0.09 -3.04
CA GLU A 204 13.18 0.00 -4.40
C GLU A 204 12.97 -1.30 -5.17
N TYR A 205 12.46 -1.11 -6.38
CA TYR A 205 12.22 -2.17 -7.39
C TYR A 205 11.12 -3.13 -7.02
N ASN A 206 10.36 -2.78 -5.99
CA ASN A 206 9.44 -3.74 -5.44
C ASN A 206 8.13 -3.81 -6.23
N THR A 207 7.39 -4.89 -6.00
CA THR A 207 6.08 -5.13 -6.55
C THR A 207 5.16 -3.93 -6.65
N VAL A 208 4.57 -3.79 -7.81
CA VAL A 208 3.50 -2.83 -8.06
C VAL A 208 2.28 -3.64 -8.47
N ASN A 209 1.14 -3.25 -7.93
CA ASN A 209 -0.16 -3.84 -8.30
C ASN A 209 -1.24 -2.83 -8.05
N MET A 210 -2.02 -2.63 -9.09
CA MET A 210 -3.23 -1.82 -9.09
CA MET A 210 -3.23 -1.81 -9.10
C MET A 210 -4.15 -2.38 -10.18
N SER A 211 -5.46 -2.12 -10.11
CA SER A 211 -6.35 -2.55 -11.19
C SER A 211 -6.02 -1.78 -12.47
N THR A 212 -6.31 -2.41 -13.60
CA THR A 212 -6.12 -1.80 -14.90
C THR A 212 -6.77 -0.42 -14.95
N ARG A 213 -7.99 -0.34 -14.42
CA ARG A 213 -8.72 0.94 -14.38
C ARG A 213 -7.95 2.05 -13.69
N GLU A 214 -7.39 1.72 -12.53
CA GLU A 214 -6.56 2.67 -11.80
C GLU A 214 -5.27 3.04 -12.54
N LEU A 215 -4.68 2.05 -13.18
CA LEU A 215 -3.53 2.32 -14.06
C LEU A 215 -3.94 3.40 -15.10
N TYR A 216 -5.04 3.18 -15.85
CA TYR A 216 -5.49 4.21 -16.82
C TYR A 216 -5.81 5.56 -16.18
N GLN A 217 -6.50 5.50 -15.04
CA GLN A 217 -7.08 6.71 -14.40
C GLN A 217 -6.03 7.65 -13.87
N ASN A 218 -5.03 7.09 -13.22
CA ASN A 218 -4.03 7.89 -12.46
C ASN A 218 -2.55 7.72 -12.88
N TYR A 219 -2.16 6.49 -13.24
CA TYR A 219 -0.75 6.16 -13.45
C TYR A 219 -0.26 6.36 -14.89
N LEU A 220 -1.15 6.22 -15.88
CA LEU A 220 -0.75 6.47 -17.29
C LEU A 220 -0.87 7.92 -17.82
N PRO A 221 -1.81 8.72 -17.26
CA PRO A 221 -2.04 9.96 -18.00
C PRO A 221 -0.78 10.82 -18.22
N ALA A 222 0.16 10.89 -17.28
CA ALA A 222 1.29 11.79 -17.54
C ALA A 222 2.23 11.29 -18.65
N TYR A 223 2.55 10.01 -18.68
CA TYR A 223 3.38 9.53 -19.80
C TYR A 223 2.66 9.87 -21.09
N ASN A 224 1.35 9.63 -21.09
CA ASN A 224 0.58 9.87 -22.30
C ASN A 224 0.70 11.32 -22.79
N ALA A 225 0.52 12.26 -21.89
CA ALA A 225 0.56 13.68 -22.26
C ALA A 225 1.95 14.00 -22.88
N ALA A 226 3.01 13.45 -22.28
CA ALA A 226 4.36 13.72 -22.80
C ALA A 226 4.63 13.08 -24.17
N ILE A 227 4.08 11.87 -24.35
CA ILE A 227 4.06 11.19 -25.65
C ILE A 227 3.30 12.03 -26.70
N GLN A 228 2.07 12.44 -26.40
CA GLN A 228 1.29 13.25 -27.34
C GLN A 228 1.98 14.59 -27.62
N ALA A 229 2.81 15.09 -26.71
CA ALA A 229 3.54 16.37 -26.98
C ALA A 229 4.85 16.15 -27.78
N GLY A 230 5.16 14.91 -28.13
CA GLY A 230 6.21 14.64 -29.07
C GLY A 230 7.47 14.02 -28.51
N ALA A 231 7.42 13.53 -27.27
CA ALA A 231 8.60 12.90 -26.67
C ALA A 231 9.15 11.82 -27.60
N LYS A 232 10.44 11.86 -27.89
CA LYS A 232 10.99 11.00 -28.91
C LYS A 232 11.17 9.56 -28.48
N LEU A 233 11.62 9.35 -27.24
CA LEU A 233 11.81 7.99 -26.71
C LEU A 233 10.95 7.71 -25.45
N VAL A 234 10.78 6.45 -25.13
CA VAL A 234 10.21 5.99 -23.87
C VAL A 234 11.11 4.96 -23.25
N MET A 235 11.26 4.98 -21.94
CA MET A 235 12.08 3.94 -21.22
C MET A 235 11.16 3.00 -20.39
N THR A 236 11.45 1.69 -20.38
CA THR A 236 10.64 0.72 -19.66
C THR A 236 10.94 0.90 -18.17
N ALA A 237 10.04 0.36 -17.33
CA ALA A 237 10.23 0.35 -15.91
C ALA A 237 10.77 -1.03 -15.35
N PHE A 238 11.46 -0.97 -14.21
CA PHE A 238 11.92 -2.12 -13.45
C PHE A 238 10.88 -3.10 -12.89
N ASN A 239 9.74 -2.55 -12.46
CA ASN A 239 8.64 -3.25 -11.78
C ASN A 239 7.81 -4.11 -12.69
N VAL A 240 7.18 -5.10 -12.08
CA VAL A 240 6.03 -5.78 -12.67
C VAL A 240 4.87 -4.83 -12.84
N VAL A 241 4.07 -5.04 -13.89
CA VAL A 241 2.78 -4.39 -14.07
C VAL A 241 1.80 -5.53 -14.18
N ASP A 242 0.84 -5.59 -13.28
CA ASP A 242 -0.03 -6.78 -13.13
C ASP A 242 0.63 -8.13 -13.34
N GLY A 243 1.76 -8.29 -12.66
CA GLY A 243 2.41 -9.57 -12.62
C GLY A 243 3.46 -9.77 -13.65
N ILE A 244 3.57 -8.90 -14.65
CA ILE A 244 4.58 -9.12 -15.73
C ILE A 244 5.53 -7.97 -15.72
N PRO A 245 6.86 -8.22 -15.61
CA PRO A 245 7.83 -7.12 -15.70
C PRO A 245 7.51 -6.23 -16.88
N ALA A 246 7.48 -4.90 -16.68
CA ALA A 246 7.09 -4.01 -17.75
C ALA A 246 7.94 -4.19 -19.05
N THR A 247 9.17 -4.62 -18.88
CA THR A 247 10.11 -4.70 -20.02
C THR A 247 9.62 -5.74 -21.05
N MET A 248 9.08 -6.86 -20.58
CA MET A 248 8.57 -7.92 -21.46
C MET A 248 7.02 -8.01 -21.43
N ASN A 249 6.39 -6.92 -21.09
CA ASN A 249 4.93 -6.91 -20.98
C ASN A 249 4.36 -6.43 -22.31
N LYS A 250 3.89 -7.42 -23.10
CA LYS A 250 3.44 -7.23 -24.45
C LYS A 250 2.25 -6.32 -24.47
N TRP A 251 1.22 -6.63 -23.69
CA TRP A 251 0.00 -5.80 -23.57
C TRP A 251 0.37 -4.32 -23.31
N LEU A 252 1.21 -4.10 -22.31
CA LEU A 252 1.63 -2.77 -21.95
C LEU A 252 2.30 -1.98 -23.01
N ASN A 253 3.32 -2.58 -23.61
CA ASN A 253 4.16 -1.85 -24.54
C ASN A 253 3.70 -1.91 -25.98
N ARG A 254 3.06 -3.00 -26.43
CA ARG A 254 2.56 -3.06 -27.81
C ARG A 254 1.15 -2.47 -27.86
N ASP A 255 0.24 -3.04 -27.08
CA ASP A 255 -1.19 -2.65 -27.13
C ASP A 255 -1.44 -1.24 -26.64
N VAL A 256 -0.94 -0.91 -25.45
CA VAL A 256 -1.13 0.44 -24.86
C VAL A 256 -0.15 1.50 -25.48
N LEU A 257 1.14 1.30 -25.35
CA LEU A 257 2.10 2.33 -25.77
C LEU A 257 2.10 2.53 -27.25
N ARG A 258 2.34 1.47 -28.01
CA ARG A 258 2.40 1.58 -29.45
C ARG A 258 1.03 1.59 -30.11
N GLY A 259 0.06 0.86 -29.57
CA GLY A 259 -1.33 0.95 -30.11
C GLY A 259 -2.11 2.19 -29.71
N GLU A 260 -2.50 2.24 -28.43
CA GLU A 260 -3.41 3.30 -27.96
C GLU A 260 -2.74 4.63 -27.92
N MET A 261 -1.51 4.66 -27.41
CA MET A 261 -0.78 5.93 -27.28
C MET A 261 -0.09 6.33 -28.56
N GLU A 262 -0.10 5.42 -29.54
CA GLU A 262 0.41 5.63 -30.91
C GLU A 262 1.88 6.02 -30.91
N PHE A 263 2.64 5.50 -29.93
CA PHE A 263 4.08 5.74 -29.85
C PHE A 263 4.84 4.86 -30.87
N ASP A 264 5.64 5.53 -31.69
CA ASP A 264 6.36 4.89 -32.75
C ASP A 264 7.86 5.29 -32.73
N GLY A 265 8.39 5.70 -31.59
CA GLY A 265 9.84 5.87 -31.36
C GLY A 265 10.50 4.67 -30.70
N VAL A 266 11.79 4.84 -30.37
CA VAL A 266 12.64 3.88 -29.66
C VAL A 266 12.11 3.64 -28.24
N LEU A 267 11.89 2.37 -27.94
CA LEU A 267 11.61 1.89 -26.56
C LEU A 267 12.93 1.34 -26.12
N ILE A 268 13.55 1.99 -25.12
CA ILE A 268 14.85 1.59 -24.52
C ILE A 268 14.57 0.99 -23.18
N SER A 269 15.31 -0.03 -22.80
CA SER A 269 15.12 -0.68 -21.52
C SER A 269 15.68 0.17 -20.45
N ALA A 270 15.13 0.10 -19.24
CA ALA A 270 15.90 0.65 -18.13
C ALA A 270 17.15 -0.21 -17.99
N TRP A 271 18.11 0.28 -17.25
CA TRP A 271 19.38 -0.40 -17.11
C TRP A 271 19.26 -1.87 -16.64
N GLY A 272 19.69 -2.80 -17.50
CA GLY A 272 19.62 -4.21 -17.20
C GLY A 272 18.23 -4.85 -17.17
N ALA A 273 17.17 -4.07 -17.33
CA ALA A 273 15.84 -4.58 -17.16
C ALA A 273 15.47 -5.78 -18.08
N VAL A 274 16.15 -5.87 -19.25
CA VAL A 274 15.93 -6.98 -20.17
C VAL A 274 16.37 -8.30 -19.50
N ALA A 275 17.60 -8.34 -18.99
CA ALA A 275 18.16 -9.52 -18.30
C ALA A 275 17.43 -9.79 -16.99
N GLU A 276 17.05 -8.73 -16.31
CA GLU A 276 16.40 -8.84 -14.97
C GLU A 276 15.05 -9.54 -15.01
N VAL A 277 14.44 -9.70 -16.20
CA VAL A 277 13.14 -10.42 -16.25
C VAL A 277 13.34 -11.87 -15.79
N ILE A 278 14.60 -12.34 -15.88
CA ILE A 278 14.99 -13.65 -15.33
C ILE A 278 14.86 -13.64 -13.80
N ASN A 279 15.50 -12.68 -13.16
CA ASN A 279 15.36 -12.56 -11.72
C ASN A 279 13.91 -12.51 -11.28
N HIS A 280 13.07 -11.83 -12.08
CA HIS A 280 11.66 -11.66 -11.75
C HIS A 280 10.94 -12.96 -11.84
N GLY A 281 11.58 -13.91 -12.50
CA GLY A 281 11.03 -15.27 -12.66
C GLY A 281 9.98 -15.41 -13.78
N THR A 282 10.03 -14.55 -14.77
CA THR A 282 9.22 -14.63 -15.99
C THR A 282 10.05 -14.88 -17.31
N ALA A 283 11.33 -15.21 -17.16
CA ALA A 283 12.09 -15.81 -18.29
C ALA A 283 12.99 -16.80 -17.62
N ARG A 284 13.28 -17.95 -18.26
CA ARG A 284 14.16 -18.97 -17.66
C ARG A 284 15.66 -18.58 -17.79
N ASN A 285 16.00 -17.83 -18.80
CA ASN A 285 17.42 -17.68 -19.27
C ASN A 285 17.53 -16.51 -20.24
N PRO A 286 18.77 -16.16 -20.65
CA PRO A 286 18.81 -15.01 -21.60
C PRO A 286 18.16 -15.23 -22.95
N LYS A 287 18.04 -16.49 -23.35
CA LYS A 287 17.34 -16.73 -24.64
C LYS A 287 15.85 -16.36 -24.48
N GLU A 288 15.24 -16.66 -23.36
CA GLU A 288 13.82 -16.32 -23.24
C GLU A 288 13.72 -14.81 -23.02
N ALA A 289 14.63 -14.21 -22.25
CA ALA A 289 14.51 -12.77 -22.00
C ALA A 289 14.54 -11.95 -23.28
N ALA A 290 15.48 -12.34 -24.17
CA ALA A 290 15.63 -11.69 -25.44
C ALA A 290 14.33 -11.84 -26.24
N GLN A 291 13.82 -13.05 -26.30
CA GLN A 291 12.65 -13.29 -27.11
C GLN A 291 11.49 -12.44 -26.61
N PHE A 292 11.23 -12.50 -25.31
CA PHE A 292 10.05 -11.83 -24.73
C PHE A 292 10.18 -10.30 -24.83
N SER A 293 11.38 -9.80 -24.73
CA SER A 293 11.52 -8.36 -24.70
C SER A 293 11.41 -7.88 -26.10
N MET A 294 11.90 -8.65 -27.06
CA MET A 294 11.72 -8.25 -28.46
C MET A 294 10.26 -8.40 -28.87
N GLU A 295 9.60 -9.48 -28.48
CA GLU A 295 8.13 -9.56 -28.70
C GLU A 295 7.38 -8.33 -28.17
N ALA A 296 7.82 -7.80 -27.05
CA ALA A 296 7.12 -6.71 -26.44
C ALA A 296 7.56 -5.37 -27.03
N GLY A 297 8.54 -5.38 -27.92
CA GLY A 297 8.87 -4.19 -28.74
C GLY A 297 9.94 -3.30 -28.14
N VAL A 298 10.75 -3.88 -27.29
CA VAL A 298 11.88 -3.15 -26.68
C VAL A 298 12.94 -3.08 -27.78
N ASP A 299 13.33 -1.87 -28.18
CA ASP A 299 14.26 -1.70 -29.30
C ASP A 299 15.71 -1.69 -28.95
N LEU A 300 16.01 -1.45 -27.67
CA LEU A 300 17.37 -1.02 -27.29
C LEU A 300 17.65 -1.52 -25.86
N GLU A 301 18.56 -2.49 -25.76
CA GLU A 301 18.87 -3.13 -24.51
C GLU A 301 20.00 -2.35 -23.82
N MET A 302 19.71 -1.75 -22.67
CA MET A 302 20.70 -0.94 -21.97
C MET A 302 21.67 -1.78 -21.12
N MET A 303 22.91 -1.93 -21.63
CA MET A 303 24.03 -2.55 -20.89
C MET A 303 23.89 -4.02 -20.42
N THR A 304 22.99 -4.80 -21.03
CA THR A 304 23.05 -6.28 -20.87
C THR A 304 23.13 -6.91 -22.25
N THR A 305 23.28 -8.22 -22.32
CA THR A 305 23.69 -8.85 -23.54
C THR A 305 22.70 -9.88 -24.06
N CYS A 306 21.45 -9.84 -23.62
CA CYS A 306 20.53 -10.90 -24.05
C CYS A 306 20.39 -10.85 -25.54
N TYR A 307 20.13 -9.65 -26.08
CA TYR A 307 19.98 -9.51 -27.52
C TYR A 307 21.21 -9.92 -28.31
N ILE A 308 22.36 -9.34 -27.98
CA ILE A 308 23.53 -9.61 -28.82
C ILE A 308 23.86 -11.11 -28.80
N HIS A 309 23.72 -11.80 -27.68
CA HIS A 309 24.13 -13.21 -27.60
C HIS A 309 23.07 -14.20 -28.08
N GLU A 310 21.81 -13.79 -28.12
CA GLU A 310 20.70 -14.74 -28.32
C GLU A 310 19.75 -14.48 -29.54
N LEU A 311 19.70 -13.26 -30.04
CA LEU A 311 18.75 -12.99 -31.17
C LEU A 311 18.98 -13.80 -32.44
N LYS A 312 20.23 -14.03 -32.79
CA LYS A 312 20.55 -14.78 -34.02
C LYS A 312 19.90 -16.19 -33.99
N GLY A 313 20.24 -16.95 -32.96
CA GLY A 313 19.70 -18.32 -32.79
C GLY A 313 18.16 -18.32 -32.75
N LEU A 314 17.58 -17.32 -32.10
CA LEU A 314 16.13 -17.18 -32.07
C LEU A 314 15.55 -16.98 -33.46
N ILE A 315 16.18 -16.11 -34.22
CA ILE A 315 15.75 -15.84 -35.56
C ILE A 315 16.06 -17.00 -36.49
N GLU A 316 17.27 -17.53 -36.41
CA GLU A 316 17.62 -18.68 -37.22
C GLU A 316 16.68 -19.86 -36.99
N GLU A 317 16.44 -20.21 -35.74
CA GLU A 317 15.47 -21.27 -35.38
C GLU A 317 14.01 -20.93 -35.63
N GLY A 318 13.64 -19.72 -36.03
CA GLY A 318 12.23 -19.35 -36.20
C GLY A 318 11.33 -19.22 -34.96
N LYS A 319 11.91 -19.00 -33.79
CA LYS A 319 11.10 -18.69 -32.59
C LYS A 319 10.66 -17.22 -32.59
N LEU A 320 11.39 -16.41 -33.35
CA LEU A 320 11.21 -14.94 -33.38
C LEU A 320 11.30 -14.47 -34.83
N SER A 321 10.36 -13.66 -35.28
CA SER A 321 10.45 -13.09 -36.62
C SER A 321 11.56 -12.05 -36.78
N GLU A 322 12.32 -12.14 -37.87
CA GLU A 322 13.29 -11.10 -38.24
C GLU A 322 12.64 -9.75 -38.52
N ASN A 323 11.35 -9.74 -38.87
CA ASN A 323 10.63 -8.50 -39.11
C ASN A 323 10.59 -7.63 -37.85
N LEU A 324 10.45 -8.23 -36.68
CA LEU A 324 10.43 -7.45 -35.42
C LEU A 324 11.80 -6.80 -35.20
N LEU A 325 12.85 -7.53 -35.50
CA LEU A 325 14.19 -6.94 -35.43
C LEU A 325 14.38 -5.79 -36.40
N ASP A 326 13.90 -5.97 -37.63
CA ASP A 326 13.92 -4.90 -38.64
C ASP A 326 13.14 -3.67 -38.18
N GLU A 327 12.04 -3.88 -37.49
CA GLU A 327 11.21 -2.75 -37.01
C GLU A 327 12.00 -1.93 -35.94
N ALA A 328 12.62 -2.64 -35.01
CA ALA A 328 13.51 -2.04 -34.01
C ALA A 328 14.67 -1.23 -34.62
N VAL A 329 15.43 -1.86 -35.52
CA VAL A 329 16.51 -1.16 -36.21
C VAL A 329 15.94 0.08 -36.92
N LEU A 330 14.77 -0.01 -37.57
CA LEU A 330 14.28 1.15 -38.28
C LEU A 330 13.97 2.29 -37.32
N ARG A 331 13.40 1.99 -36.17
CA ARG A 331 13.21 3.06 -35.18
C ARG A 331 14.57 3.67 -34.70
N MET A 332 15.59 2.85 -34.52
CA MET A 332 16.90 3.37 -34.10
C MET A 332 17.50 4.32 -35.15
N LEU A 333 17.47 3.90 -36.42
CA LEU A 333 17.94 4.76 -37.50
C LEU A 333 17.04 5.99 -37.67
N ASN A 334 15.72 5.89 -37.48
CA ASN A 334 14.89 7.07 -37.61
C ASN A 334 15.24 8.10 -36.53
N LEU A 335 15.40 7.64 -35.27
CA LEU A 335 15.91 8.51 -34.19
C LEU A 335 17.17 9.24 -34.61
N LYS A 336 18.13 8.53 -35.17
CA LYS A 336 19.42 9.12 -35.56
C LYS A 336 19.22 10.12 -36.65
N ASN A 337 18.40 9.75 -37.62
CA ASN A 337 18.01 10.68 -38.71
C ASN A 337 17.29 11.93 -38.19
N ASP A 338 16.32 11.76 -37.30
CA ASP A 338 15.66 12.86 -36.61
C ASP A 338 16.64 13.83 -35.90
N LEU A 339 17.79 13.34 -35.42
CA LEU A 339 18.89 14.18 -34.80
C LEU A 339 19.95 14.72 -35.81
N GLY A 340 19.82 14.31 -37.06
CA GLY A 340 20.61 14.84 -38.14
C GLY A 340 21.96 14.18 -38.17
N LEU A 341 22.07 13.02 -37.52
CA LEU A 341 23.37 12.34 -37.31
C LEU A 341 23.98 11.77 -38.58
N PHE A 342 23.15 11.49 -39.57
CA PHE A 342 23.68 11.13 -40.94
C PHE A 342 24.22 12.27 -41.79
N GLU A 343 23.91 13.53 -41.48
CA GLU A 343 24.57 14.69 -42.13
C GLU A 343 25.66 15.19 -41.22
N ASP A 344 25.39 15.27 -39.91
CA ASP A 344 26.37 15.72 -38.89
C ASP A 344 26.36 14.83 -37.64
N PRO A 345 27.23 13.81 -37.63
CA PRO A 345 27.25 12.85 -36.51
C PRO A 345 27.83 13.41 -35.22
N TYR A 346 28.45 14.59 -35.30
CA TYR A 346 29.03 15.29 -34.16
C TYR A 346 28.08 16.37 -33.65
N ARG A 347 26.90 16.43 -34.25
CA ARG A 347 25.82 17.31 -33.83
C ARG A 347 26.25 18.71 -33.37
N GLY A 348 27.02 19.36 -34.25
CA GLY A 348 27.32 20.79 -34.13
C GLY A 348 28.65 21.06 -33.46
N LEU A 349 29.34 20.01 -33.03
CA LEU A 349 30.51 20.17 -32.18
C LEU A 349 31.83 20.11 -32.94
N LYS A 350 31.80 19.61 -34.16
CA LYS A 350 33.04 19.16 -34.78
C LYS A 350 34.00 20.31 -34.96
N ASN A 351 33.48 21.42 -35.49
CA ASN A 351 34.21 22.68 -35.60
C ASN A 351 33.68 23.84 -34.73
N ASN A 352 33.01 23.48 -33.64
CA ASN A 352 32.39 24.48 -32.81
C ASN A 352 32.41 24.06 -31.33
N ASP A 353 33.51 24.44 -30.67
CA ASP A 353 33.62 24.31 -29.20
C ASP A 353 32.59 25.22 -28.54
N ARG A 354 31.62 24.60 -27.86
CA ARG A 354 30.56 25.33 -27.19
C ARG A 354 30.75 25.34 -25.67
N THR A 355 31.99 25.26 -25.18
CA THR A 355 32.30 25.50 -23.77
C THR A 355 31.58 26.77 -23.28
N LYS A 356 31.51 27.78 -24.15
CA LYS A 356 30.99 29.08 -23.78
C LYS A 356 29.54 28.99 -23.30
N ASP A 357 28.81 27.96 -23.72
CA ASP A 357 27.39 27.83 -23.40
C ASP A 357 27.13 27.15 -22.06
N ILE A 358 28.18 26.68 -21.38
CA ILE A 358 28.09 25.89 -20.16
C ILE A 358 28.30 26.70 -18.87
N LEU A 359 27.32 26.69 -17.96
CA LEU A 359 27.45 27.34 -16.65
C LEU A 359 27.70 28.84 -16.86
N THR A 360 26.90 29.46 -17.73
CA THR A 360 26.96 30.91 -17.92
C THR A 360 26.25 31.58 -16.73
N ASP A 361 26.46 32.88 -16.59
CA ASP A 361 25.74 33.66 -15.61
C ASP A 361 24.24 33.81 -15.89
N GLU A 362 23.86 33.87 -17.17
CA GLU A 362 22.46 33.92 -17.49
C GLU A 362 21.82 32.64 -16.98
N SER A 363 22.48 31.51 -17.22
CA SER A 363 21.95 30.23 -16.78
C SER A 363 21.81 30.11 -15.24
N ARG A 364 22.87 30.47 -14.51
CA ARG A 364 22.81 30.56 -13.02
C ARG A 364 21.63 31.42 -12.48
N GLY A 365 21.38 32.54 -13.12
CA GLY A 365 20.21 33.38 -12.84
C GLY A 365 18.89 32.65 -13.00
N LYS A 366 18.73 31.89 -14.10
CA LYS A 366 17.53 31.09 -14.29
C LYS A 366 17.30 30.00 -13.23
N ALA A 367 18.38 29.36 -12.82
CA ALA A 367 18.37 28.35 -11.72
C ALA A 367 18.03 28.97 -10.36
N ARG A 368 18.60 30.14 -10.10
CA ARG A 368 18.24 30.91 -8.93
C ARG A 368 16.77 31.25 -8.97
N ALA A 369 16.29 31.72 -10.14
CA ALA A 369 14.87 32.01 -10.28
C ALA A 369 14.04 30.75 -10.04
N ALA A 370 14.52 29.64 -10.58
CA ALA A 370 13.80 28.36 -10.43
C ALA A 370 13.70 27.97 -8.96
N GLY A 371 14.81 28.12 -8.30
CA GLY A 371 14.92 27.84 -6.88
C GLY A 371 13.97 28.67 -6.04
N VAL A 372 13.87 29.97 -6.35
CA VAL A 372 12.96 30.84 -5.61
C VAL A 372 11.49 30.60 -5.92
N GLU A 373 11.17 30.03 -7.10
CA GLU A 373 9.79 29.60 -7.50
C GLU A 373 9.31 28.32 -6.81
N SER A 374 10.29 27.47 -6.49
CA SER A 374 10.03 26.10 -6.01
C SER A 374 9.97 25.92 -4.51
N ALA A 375 10.65 26.79 -3.76
CA ALA A 375 10.66 26.68 -2.32
C ALA A 375 9.24 26.87 -1.75
N VAL A 376 8.99 26.24 -0.63
CA VAL A 376 7.63 26.28 0.00
C VAL A 376 7.75 26.76 1.42
N LEU A 377 7.16 27.92 1.68
CA LEU A 377 7.09 28.45 3.03
C LEU A 377 6.00 27.78 3.74
N LEU A 378 6.34 27.05 4.78
CA LEU A 378 5.36 26.19 5.44
C LEU A 378 4.81 26.83 6.73
N GLU A 379 5.67 27.53 7.47
CA GLU A 379 5.28 28.25 8.72
C GLU A 379 6.00 29.59 8.75
N ASN A 380 5.28 30.59 9.27
CA ASN A 380 5.92 31.90 9.50
C ASN A 380 5.13 32.62 10.54
N LYS A 381 5.43 32.29 11.77
CA LYS A 381 4.67 32.80 12.91
C LYS A 381 5.22 34.14 13.36
N SER A 382 4.35 35.09 13.50
CA SER A 382 4.77 36.41 13.98
C SER A 382 5.38 37.24 12.89
N ARG A 383 5.25 36.86 11.63
CA ARG A 383 5.99 37.57 10.59
C ARG A 383 7.45 37.67 10.95
N LEU A 384 8.01 36.61 11.50
CA LEU A 384 9.47 36.48 11.63
C LEU A 384 10.22 36.75 10.31
N LEU A 385 9.75 36.11 9.24
CA LEU A 385 10.32 36.33 7.92
C LEU A 385 9.52 37.38 7.15
N PRO A 386 10.15 38.17 6.25
CA PRO A 386 11.54 38.26 5.87
C PRO A 386 12.36 38.85 6.98
N LEU A 387 13.62 38.44 7.07
CA LEU A 387 14.50 39.01 8.05
C LEU A 387 15.00 40.39 7.48
N ALA A 388 15.49 41.29 8.32
CA ALA A 388 16.04 42.54 7.84
C ALA A 388 17.51 42.28 7.48
N LYS A 389 18.04 42.98 6.48
CA LYS A 389 19.43 42.79 6.11
C LYS A 389 20.38 42.99 7.27
N GLU A 390 19.99 43.81 8.24
CA GLU A 390 20.88 43.96 9.42
C GLU A 390 20.60 42.97 10.61
N ALA A 391 19.65 42.03 10.46
CA ALA A 391 19.46 41.01 11.49
C ALA A 391 20.76 40.24 11.73
N LYS A 392 21.04 40.01 12.99
CA LYS A 392 22.20 39.26 13.39
C LYS A 392 21.80 37.77 13.48
N ILE A 393 22.45 36.96 12.64
CA ILE A 393 22.05 35.56 12.39
C ILE A 393 23.01 34.54 12.97
N ALA A 394 22.53 33.66 13.82
CA ALA A 394 23.26 32.44 14.15
C ALA A 394 22.81 31.37 13.15
N LEU A 395 23.76 30.95 12.31
CA LEU A 395 23.51 29.95 11.28
C LEU A 395 24.04 28.61 11.78
N VAL A 396 23.16 27.69 12.15
CA VAL A 396 23.62 26.44 12.73
C VAL A 396 22.95 25.22 12.12
N GLY A 397 23.63 24.08 12.20
CA GLY A 397 23.11 22.80 11.76
C GLY A 397 23.95 22.18 10.65
N PRO A 398 23.56 20.98 10.23
CA PRO A 398 24.27 20.25 9.23
C PRO A 398 24.26 20.88 7.83
N LEU A 399 23.29 21.73 7.53
CA LEU A 399 23.20 22.41 6.24
C LEU A 399 23.72 23.85 6.25
N ALA A 400 24.35 24.26 7.38
CA ALA A 400 24.97 25.57 7.45
C ALA A 400 26.03 25.73 6.39
N THR A 401 26.89 24.72 6.26
CA THR A 401 28.06 24.78 5.35
C THR A 401 28.18 23.61 4.36
N SER A 402 27.30 22.62 4.48
CA SER A 402 27.38 21.45 3.63
C SER A 402 27.37 21.81 2.14
N PRO A 403 28.31 21.25 1.37
CA PRO A 403 28.23 21.49 -0.10
C PRO A 403 27.14 20.64 -0.82
N ASP A 404 26.46 19.77 -0.07
CA ASP A 404 25.50 18.78 -0.62
C ASP A 404 24.07 19.38 -0.73
N ILE A 405 23.94 20.27 -1.70
CA ILE A 405 22.70 21.00 -1.98
C ILE A 405 22.29 20.93 -3.45
N LEU A 406 22.95 20.07 -4.23
CA LEU A 406 22.67 19.99 -5.67
C LEU A 406 21.62 18.93 -5.99
N GLY A 407 21.36 18.02 -5.07
CA GLY A 407 20.28 17.07 -5.17
C GLY A 407 20.74 15.71 -5.65
N GLY A 408 19.90 14.71 -5.48
CA GLY A 408 20.11 13.44 -6.20
C GLY A 408 19.99 13.63 -7.74
N TRP A 409 20.47 12.63 -8.47
CA TRP A 409 20.37 12.59 -9.91
C TRP A 409 21.00 13.87 -10.49
N ASN A 410 22.18 14.16 -9.96
CA ASN A 410 23.06 15.20 -10.43
C ASN A 410 24.30 14.53 -10.99
N VAL A 411 24.25 14.13 -12.23
CA VAL A 411 25.25 13.25 -12.75
C VAL A 411 26.47 14.05 -13.20
N TYR A 412 26.30 15.32 -13.56
CA TYR A 412 27.36 16.11 -14.18
C TYR A 412 27.75 17.38 -13.42
N GLY A 413 26.93 17.82 -12.47
CA GLY A 413 27.17 19.09 -11.79
C GLY A 413 28.14 18.97 -10.64
N GLU A 414 28.83 20.05 -10.33
CA GLU A 414 29.97 20.00 -9.44
C GLU A 414 29.66 20.86 -8.24
N GLU A 415 29.88 20.30 -7.06
CA GLU A 415 29.65 20.95 -5.79
C GLU A 415 30.46 22.20 -5.61
N LYS A 416 31.65 22.26 -6.22
CA LYS A 416 32.53 23.44 -6.09
C LYS A 416 31.96 24.69 -6.74
N ASP A 417 31.07 24.53 -7.75
CA ASP A 417 30.41 25.66 -8.40
C ASP A 417 29.15 26.09 -7.67
N GLY A 418 28.70 25.25 -6.71
CA GLY A 418 27.50 25.48 -5.95
C GLY A 418 27.72 26.51 -4.85
N ILE A 419 26.62 27.11 -4.42
CA ILE A 419 26.66 28.10 -3.37
C ILE A 419 26.00 27.53 -2.10
N ASN A 420 26.81 27.27 -1.08
CA ASN A 420 26.28 26.82 0.20
C ASN A 420 25.48 27.89 1.01
N VAL A 421 24.85 27.45 2.10
CA VAL A 421 23.97 28.36 2.82
C VAL A 421 24.73 29.56 3.40
N GLU A 422 25.85 29.30 4.03
CA GLU A 422 26.67 30.36 4.62
C GLU A 422 27.12 31.39 3.61
N THR A 423 27.68 30.92 2.51
CA THR A 423 28.18 31.85 1.48
C THR A 423 27.02 32.68 0.94
N GLY A 424 25.89 32.01 0.73
CA GLY A 424 24.68 32.68 0.28
C GLY A 424 24.23 33.73 1.27
N LEU A 425 24.25 33.40 2.56
CA LEU A 425 23.80 34.39 3.57
C LEU A 425 24.73 35.59 3.73
N ARG A 426 26.05 35.36 3.65
CA ARG A 426 27.02 36.47 3.85
C ARG A 426 27.06 37.48 2.71
N GLU A 427 26.50 37.15 1.55
CA GLU A 427 26.34 38.17 0.48
C GLU A 427 25.21 39.18 0.81
N VAL A 428 24.35 38.82 1.74
CA VAL A 428 23.07 39.53 1.94
C VAL A 428 23.05 40.14 3.33
N PHE A 429 23.52 39.37 4.33
CA PHE A 429 23.49 39.73 5.76
C PHE A 429 24.89 40.06 6.29
N GLU A 430 25.06 41.19 6.97
CA GLU A 430 26.41 41.64 7.47
C GLU A 430 26.89 40.80 8.64
N THR A 431 25.99 40.44 9.57
CA THR A 431 26.39 39.62 10.72
C THR A 431 25.84 38.17 10.70
N VAL A 432 26.75 37.24 10.46
CA VAL A 432 26.45 35.83 10.55
C VAL A 432 27.50 35.11 11.37
N GLU A 433 27.03 34.41 12.40
CA GLU A 433 27.89 33.51 13.18
C GLU A 433 27.46 32.04 12.93
N VAL A 434 28.41 31.19 12.58
CA VAL A 434 28.14 29.84 12.09
C VAL A 434 28.67 28.80 13.01
N VAL A 435 27.89 27.77 13.18
CA VAL A 435 28.24 26.56 13.90
C VAL A 435 27.66 25.40 13.07
N SER A 436 28.54 24.81 12.30
CA SER A 436 28.29 23.61 11.58
C SER A 436 28.17 22.40 12.54
N THR A 437 27.25 21.49 12.28
CA THR A 437 27.16 20.25 13.04
C THR A 437 27.02 19.14 12.01
N GLU A 438 27.16 17.90 12.45
CA GLU A 438 27.11 16.74 11.58
C GLU A 438 25.69 16.30 11.37
N TYR A 439 25.49 15.51 10.31
CA TYR A 439 24.17 15.13 9.93
C TYR A 439 23.49 14.22 10.93
N THR A 440 24.27 13.38 11.61
CA THR A 440 23.66 12.32 12.39
C THR A 440 24.04 12.31 13.88
N GLU A 441 24.68 13.37 14.33
CA GLU A 441 25.20 13.46 15.70
C GLU A 441 24.83 14.82 16.31
N LEU A 442 24.81 14.86 17.64
CA LEU A 442 24.66 16.14 18.37
C LEU A 442 25.48 16.03 19.67
N SER A 443 26.69 16.60 19.68
CA SER A 443 27.59 16.44 20.79
C SER A 443 27.41 17.54 21.78
N GLU A 444 27.90 17.30 22.99
CA GLU A 444 27.95 18.32 24.03
C GLU A 444 28.69 19.52 23.57
N GLU A 445 29.82 19.30 22.92
CA GLU A 445 30.63 20.40 22.42
C GLU A 445 29.85 21.26 21.37
N ASP A 446 29.06 20.60 20.52
CA ASP A 446 28.23 21.31 19.54
C ASP A 446 27.27 22.21 20.27
N LYS A 447 26.66 21.68 21.32
CA LYS A 447 25.65 22.44 22.03
C LYS A 447 26.23 23.68 22.69
N VAL A 448 27.37 23.53 23.34
CA VAL A 448 28.10 24.66 23.89
C VAL A 448 28.32 25.65 22.78
N ALA A 449 28.86 25.21 21.64
CA ALA A 449 29.16 26.13 20.55
C ALA A 449 27.89 26.77 19.93
N VAL A 450 26.81 25.99 19.78
CA VAL A 450 25.53 26.55 19.34
C VAL A 450 25.02 27.57 20.35
N LYS A 451 25.09 27.23 21.63
CA LYS A 451 24.61 28.15 22.67
C LYS A 451 25.38 29.49 22.66
N ALA A 452 26.69 29.44 22.50
CA ALA A 452 27.49 30.67 22.43
C ALA A 452 27.09 31.54 21.23
N ALA A 453 26.91 30.93 20.05
CA ALA A 453 26.59 31.69 18.84
C ALA A 453 25.20 32.31 18.91
N VAL A 454 24.25 31.56 19.45
CA VAL A 454 22.87 32.07 19.61
C VAL A 454 22.79 33.23 20.63
N GLN A 455 23.48 33.09 21.77
CA GLN A 455 23.61 34.19 22.74
C GLN A 455 24.12 35.48 22.09
N ASN A 456 25.07 35.38 21.18
CA ASN A 456 25.57 36.56 20.46
C ASN A 456 24.60 37.25 19.46
N MET A 457 23.75 36.46 18.81
CA MET A 457 22.95 36.93 17.68
C MET A 457 21.48 37.14 18.05
N ASP A 458 20.66 37.62 17.12
CA ASP A 458 19.21 37.89 17.42
C ASP A 458 18.23 36.81 16.92
N VAL A 459 18.58 36.09 15.85
CA VAL A 459 17.67 35.07 15.26
C VAL A 459 18.48 33.84 14.82
N VAL A 460 17.86 32.68 14.83
CA VAL A 460 18.61 31.50 14.47
C VAL A 460 18.10 31.08 13.12
N VAL A 461 19.04 30.88 12.20
CA VAL A 461 18.78 30.11 10.98
C VAL A 461 19.31 28.67 11.21
N LEU A 462 18.36 27.75 11.42
CA LEU A 462 18.66 26.35 11.71
C LEU A 462 18.54 25.54 10.43
N ALA A 463 19.66 25.16 9.83
CA ALA A 463 19.70 24.53 8.51
C ALA A 463 19.80 23.01 8.70
N LEU A 464 18.68 22.32 8.49
CA LEU A 464 18.60 20.90 8.67
C LEU A 464 18.44 20.23 7.31
N GLY A 465 18.78 18.97 7.22
CA GLY A 465 18.50 18.24 5.99
C GLY A 465 18.98 16.84 5.83
N GLU A 466 18.60 16.27 4.68
CA GLU A 466 19.11 14.96 4.27
C GLU A 466 20.38 15.10 3.45
N LYS A 467 21.26 14.10 3.53
CA LYS A 467 22.31 13.91 2.48
C LYS A 467 21.56 13.43 1.23
N ASN A 468 22.01 13.78 0.04
CA ASN A 468 21.23 13.36 -1.15
C ASN A 468 21.21 11.84 -1.30
N GLU A 469 22.29 11.22 -0.81
CA GLU A 469 22.45 9.75 -0.90
C GLU A 469 21.38 8.98 -0.09
N TRP A 470 20.62 9.67 0.76
CA TRP A 470 19.50 9.05 1.45
C TRP A 470 18.22 8.95 0.63
N GLY A 471 18.26 9.48 -0.59
CA GLY A 471 17.26 9.29 -1.63
C GLY A 471 17.86 9.05 -3.00
N GLY A 472 17.04 9.25 -4.02
CA GLY A 472 17.35 8.86 -5.36
C GLY A 472 17.13 7.37 -5.54
N GLU A 473 17.71 6.79 -6.56
CA GLU A 473 17.51 5.34 -6.81
C GLU A 473 18.07 4.45 -5.70
N ALA A 474 17.27 3.53 -5.15
CA ALA A 474 17.74 2.56 -4.16
C ALA A 474 18.21 3.27 -2.88
N GLY A 475 17.55 4.38 -2.61
CA GLY A 475 17.59 5.16 -1.35
C GLY A 475 16.21 5.17 -0.70
N SER A 476 15.70 3.99 -0.37
CA SER A 476 14.38 3.81 0.27
C SER A 476 14.60 3.89 1.77
N LEU A 477 13.75 4.68 2.44
CA LEU A 477 13.73 4.73 3.89
C LEU A 477 12.42 4.25 4.43
N ALA A 478 12.44 3.28 5.36
CA ALA A 478 11.23 2.80 5.96
C ALA A 478 10.56 3.84 6.84
N THR A 479 11.33 4.70 7.49
CA THR A 479 10.80 5.74 8.37
C THR A 479 11.26 7.05 7.73
N ILE A 480 10.28 7.87 7.34
CA ILE A 480 10.56 9.14 6.67
C ILE A 480 10.87 10.26 7.67
N ARG A 481 11.97 10.08 8.39
CA ARG A 481 12.46 11.06 9.34
C ARG A 481 13.91 11.43 9.06
N LEU A 482 14.28 12.68 9.36
CA LEU A 482 15.71 13.04 9.51
C LEU A 482 16.31 12.20 10.60
N PRO A 483 17.60 11.99 10.57
CA PRO A 483 18.22 11.49 11.79
C PRO A 483 17.72 12.15 13.07
N GLU A 484 17.51 11.36 14.09
CA GLU A 484 17.03 11.87 15.37
C GLU A 484 17.86 13.06 15.93
N ALA A 485 19.16 13.11 15.58
CA ALA A 485 20.04 14.14 16.11
C ALA A 485 19.54 15.48 15.65
N GLN A 486 18.95 15.53 14.45
CA GLN A 486 18.50 16.83 13.92
C GLN A 486 17.24 17.33 14.62
N TYR A 487 16.40 16.38 14.99
CA TYR A 487 15.20 16.72 15.77
C TYR A 487 15.65 17.16 17.19
N GLN A 488 16.65 16.50 17.75
CA GLN A 488 17.18 16.92 19.05
C GLN A 488 17.86 18.30 18.93
N LEU A 489 18.43 18.62 17.78
CA LEU A 489 19.07 19.92 17.63
C LEU A 489 18.01 20.99 17.56
N ALA A 490 16.92 20.69 16.86
CA ALA A 490 15.81 21.64 16.81
C ALA A 490 15.19 21.88 18.21
N LYS A 491 15.09 20.84 19.03
CA LYS A 491 14.58 20.94 20.40
C LYS A 491 15.53 21.79 21.24
N PHE A 492 16.84 21.55 21.14
CA PHE A 492 17.80 22.34 21.88
C PHE A 492 17.72 23.81 21.51
N VAL A 493 17.85 24.14 20.22
CA VAL A 493 17.85 25.52 19.74
C VAL A 493 16.62 26.24 20.25
N GLN A 494 15.49 25.52 20.28
CA GLN A 494 14.26 26.16 20.76
C GLN A 494 14.40 26.66 22.20
N THR A 495 15.00 25.87 23.08
CA THR A 495 15.21 26.34 24.45
C THR A 495 16.07 27.64 24.56
N LEU A 496 16.76 28.08 23.52
CA LEU A 496 17.68 29.23 23.66
C LEU A 496 16.92 30.59 23.70
N GLY A 497 15.60 30.56 23.56
CA GLY A 497 14.79 31.78 23.67
C GLY A 497 14.88 32.81 22.55
N LYS A 498 15.44 32.45 21.38
CA LYS A 498 15.55 33.41 20.24
C LYS A 498 14.70 32.88 19.13
N PRO A 499 14.17 33.75 18.24
CA PRO A 499 13.29 33.29 17.13
C PRO A 499 14.06 32.36 16.22
N VAL A 500 13.42 31.29 15.78
CA VAL A 500 14.14 30.30 14.94
C VAL A 500 13.48 30.14 13.56
N VAL A 501 14.28 30.28 12.48
CA VAL A 501 13.86 29.91 11.11
C VAL A 501 14.57 28.60 10.79
N ILE A 502 13.84 27.56 10.43
CA ILE A 502 14.44 26.29 9.94
C ILE A 502 14.37 26.28 8.41
N THR A 503 15.51 26.08 7.80
CA THR A 503 15.62 25.97 6.37
C THR A 503 15.90 24.49 6.19
N LEU A 504 14.98 23.77 5.57
CA LEU A 504 15.08 22.32 5.40
C LEU A 504 15.39 22.00 3.98
N PHE A 505 16.41 21.15 3.81
CA PHE A 505 16.89 20.60 2.56
C PHE A 505 16.71 19.07 2.55
N ASN A 506 16.08 18.59 1.48
CA ASN A 506 15.68 17.21 1.40
C ASN A 506 15.11 16.88 0.01
N GLY A 507 14.95 15.58 -0.25
CA GLY A 507 14.44 15.08 -1.51
C GLY A 507 13.13 14.33 -1.40
N ARG A 508 12.50 14.35 -0.22
CA ARG A 508 11.21 13.65 -0.01
C ARG A 508 10.44 14.35 1.04
N PRO A 509 9.10 14.20 1.01
CA PRO A 509 8.37 14.54 2.22
C PRO A 509 8.99 13.93 3.43
N LEU A 510 9.00 14.67 4.53
CA LEU A 510 9.45 14.10 5.81
C LEU A 510 8.40 14.34 6.93
N GLU A 511 8.59 13.65 8.05
CA GLU A 511 7.81 13.96 9.29
C GLU A 511 8.34 15.26 9.89
N VAL A 512 7.68 16.38 9.61
CA VAL A 512 8.18 17.65 10.02
C VAL A 512 7.36 18.29 11.17
N LYS A 513 6.37 17.57 11.71
CA LYS A 513 5.57 18.12 12.82
C LYS A 513 6.45 18.67 13.96
N GLU A 514 7.44 17.85 14.36
CA GLU A 514 8.38 18.24 15.43
C GLU A 514 9.25 19.45 15.11
N LEU A 515 9.44 19.71 13.81
CA LEU A 515 10.24 20.85 13.42
C LEU A 515 9.41 22.11 13.47
N ALA A 516 8.19 22.08 12.92
CA ALA A 516 7.22 23.14 12.98
C ALA A 516 6.93 23.54 14.42
N GLU A 517 6.74 22.58 15.29
CA GLU A 517 6.48 22.95 16.68
C GLU A 517 7.68 23.47 17.46
N SER A 518 8.88 23.31 16.95
CA SER A 518 10.10 23.74 17.64
C SER A 518 10.68 25.02 17.05
N SER A 519 9.99 25.59 16.05
CA SER A 519 10.47 26.81 15.41
C SER A 519 9.33 27.79 15.14
N ASP A 520 9.72 29.01 14.76
CA ASP A 520 8.71 30.01 14.39
C ASP A 520 8.42 30.05 12.93
N ALA A 521 9.42 29.73 12.12
CA ALA A 521 9.25 29.67 10.67
C ALA A 521 9.94 28.40 10.12
N LEU A 522 9.41 27.92 9.02
CA LEU A 522 9.91 26.72 8.40
C LEU A 522 9.82 26.89 6.88
N LEU A 523 10.94 26.81 6.21
CA LEU A 523 11.04 26.98 4.79
C LEU A 523 11.61 25.68 4.18
N GLU A 524 10.83 25.10 3.29
CA GLU A 524 11.18 23.93 2.57
C GLU A 524 11.89 24.31 1.26
N LEU A 525 13.19 24.14 1.21
CA LEU A 525 14.02 24.48 0.03
C LEU A 525 14.25 23.26 -0.90
N TRP A 526 13.89 22.07 -0.44
CA TRP A 526 14.19 20.83 -1.15
C TRP A 526 15.70 20.85 -1.40
N PHE A 527 16.11 20.50 -2.62
CA PHE A 527 17.47 20.77 -3.02
C PHE A 527 17.41 21.76 -4.20
N PRO A 528 17.74 23.05 -3.98
CA PRO A 528 17.54 24.02 -5.05
C PRO A 528 18.52 23.94 -6.25
N GLY A 529 19.64 23.23 -6.10
CA GLY A 529 20.67 23.21 -7.16
C GLY A 529 21.83 24.20 -6.92
N THR A 530 22.45 24.63 -8.02
CA THR A 530 23.76 25.33 -8.02
C THR A 530 23.71 26.58 -7.17
N GLU A 531 22.55 27.25 -7.19
CA GLU A 531 22.38 28.55 -6.52
C GLU A 531 21.70 28.47 -5.16
N ALA A 532 21.75 27.29 -4.52
CA ALA A 532 21.00 27.01 -3.26
C ALA A 532 21.14 28.06 -2.15
N GLY A 533 22.35 28.52 -1.90
CA GLY A 533 22.51 29.47 -0.80
C GLY A 533 21.93 30.85 -1.11
N ARG A 534 21.88 31.24 -2.39
CA ARG A 534 21.30 32.52 -2.81
C ARG A 534 19.79 32.43 -2.87
N VAL A 535 19.32 31.29 -3.38
CA VAL A 535 17.92 31.01 -3.27
C VAL A 535 17.47 31.23 -1.81
N THR A 536 18.22 30.67 -0.87
CA THR A 536 17.89 30.70 0.55
C THR A 536 17.93 32.16 1.11
N ALA A 537 19.04 32.82 0.83
CA ALA A 537 19.27 34.20 1.27
C ALA A 537 18.26 35.19 0.70
N ASP A 538 17.87 35.06 -0.57
CA ASP A 538 16.85 35.95 -1.16
C ASP A 538 15.44 35.72 -0.58
N LEU A 539 15.11 34.48 -0.22
CA LEU A 539 13.81 34.19 0.36
C LEU A 539 13.76 34.65 1.83
N LEU A 540 14.81 34.38 2.58
CA LEU A 540 14.85 34.81 3.99
C LEU A 540 14.82 36.37 4.19
N SER A 541 15.53 37.10 3.36
CA SER A 541 15.55 38.56 3.41
C SER A 541 14.42 39.24 2.64
N GLY A 542 13.58 38.50 1.93
CA GLY A 542 12.53 39.12 1.14
C GLY A 542 12.86 39.74 -0.23
N ALA A 543 14.13 39.65 -0.69
CA ALA A 543 14.44 40.06 -2.02
C ALA A 543 13.56 39.24 -2.94
N SER A 544 13.27 37.97 -2.56
CA SER A 544 12.23 37.15 -3.19
C SER A 544 11.17 36.73 -2.18
N ASN A 545 9.95 36.60 -2.68
CA ASN A 545 8.79 36.27 -1.87
C ASN A 545 8.35 34.82 -2.15
N PRO A 546 8.37 33.96 -1.12
CA PRO A 546 8.11 32.52 -1.39
C PRO A 546 6.80 32.38 -2.08
N SER A 547 6.72 31.43 -3.01
CA SER A 547 5.52 31.26 -3.81
C SER A 547 5.25 29.83 -4.21
N GLY A 548 6.07 28.89 -3.70
CA GLY A 548 5.87 27.45 -3.89
C GLY A 548 4.71 26.85 -3.09
N LYS A 549 4.10 25.79 -3.65
CA LYS A 549 2.95 25.08 -3.01
C LYS A 549 3.29 23.61 -3.04
N LEU A 550 2.86 22.86 -2.04
CA LEU A 550 3.29 21.50 -1.98
C LEU A 550 2.71 20.70 -3.16
N SER A 551 3.54 19.94 -3.86
CA SER A 551 3.02 19.01 -4.88
C SER A 551 2.88 17.53 -4.37
N MET A 552 3.25 17.35 -3.10
CA MET A 552 3.15 16.08 -2.43
C MET A 552 2.77 16.33 -0.96
N SER A 553 1.81 15.57 -0.43
CA SER A 553 1.32 15.62 0.94
C SER A 553 2.42 15.26 1.95
N PHE A 554 2.48 15.98 3.07
CA PHE A 554 3.45 15.69 4.12
C PHE A 554 2.70 14.94 5.23
N PRO A 555 3.00 13.65 5.39
CA PRO A 555 2.31 12.82 6.36
C PRO A 555 2.49 13.30 7.81
N GLN A 556 1.45 13.08 8.62
CA GLN A 556 1.55 13.15 10.08
C GLN A 556 2.62 12.22 10.61
N THR A 557 2.65 11.02 10.07
CA THR A 557 3.65 10.01 10.49
C THR A 557 3.87 8.96 9.39
N THR A 558 4.99 8.23 9.40
CA THR A 558 5.28 7.20 8.37
C THR A 558 4.06 6.31 8.12
N GLY A 559 3.39 5.93 9.20
CA GLY A 559 2.31 5.00 9.09
C GLY A 559 1.00 5.49 8.52
N GLN A 560 0.88 6.81 8.27
CA GLN A 560 -0.23 7.38 7.54
C GLN A 560 -0.14 7.09 6.03
N ILE A 561 1.04 6.66 5.57
CA ILE A 561 1.27 6.51 4.14
C ILE A 561 0.50 5.31 3.50
N PRO A 562 -0.11 5.51 2.33
CA PRO A 562 -0.19 6.69 1.53
C PRO A 562 -1.28 7.62 1.92
N VAL A 563 -0.97 8.89 1.90
CA VAL A 563 -1.96 9.87 2.13
C VAL A 563 -1.76 10.93 1.03
N TYR A 564 -2.86 11.35 0.43
CA TYR A 564 -2.85 12.15 -0.82
C TYR A 564 -4.21 12.92 -0.92
N TYR A 565 -4.25 14.08 -1.57
CA TYR A 565 -5.46 14.93 -1.56
C TYR A 565 -6.61 14.35 -2.38
N ASN A 566 -6.28 13.62 -3.43
CA ASN A 566 -7.33 13.11 -4.35
C ASN A 566 -7.81 11.72 -3.97
N HIS A 567 -8.39 11.64 -2.77
CA HIS A 567 -8.72 10.36 -2.20
C HIS A 567 -10.23 10.12 -2.31
N LEU A 568 -10.60 8.85 -2.22
CA LEU A 568 -11.98 8.41 -2.21
C LEU A 568 -12.61 8.74 -0.86
N ARG A 569 -13.92 8.83 -0.87
CA ARG A 569 -14.68 9.22 0.29
C ARG A 569 -14.83 8.17 1.37
N THR A 570 -14.89 6.90 0.91
CA THR A 570 -15.28 5.74 1.67
C THR A 570 -16.78 5.80 2.02
N GLY A 571 -17.26 4.68 2.59
CA GLY A 571 -18.65 4.50 2.94
C GLY A 571 -18.99 5.12 4.28
N ARG A 572 -17.96 5.40 5.09
CA ARG A 572 -18.15 6.01 6.41
C ARG A 572 -17.15 7.18 6.69
N PRO A 573 -17.23 8.23 5.90
CA PRO A 573 -16.28 9.31 5.96
C PRO A 573 -16.41 10.05 7.27
N GLN A 574 -15.34 10.59 7.77
CA GLN A 574 -15.54 11.50 8.86
C GLN A 574 -15.76 12.88 8.37
N THR A 575 -16.66 13.50 9.11
CA THR A 575 -17.18 14.80 8.83
C THR A 575 -16.91 15.66 10.03
N PRO A 576 -16.93 17.00 9.83
CA PRO A 576 -17.04 17.82 11.02
C PRO A 576 -18.22 17.41 11.92
N GLU A 577 -19.31 16.92 11.35
CA GLU A 577 -20.50 16.51 12.13
C GLU A 577 -20.40 15.19 12.95
N ASN A 578 -19.71 14.16 12.46
CA ASN A 578 -19.51 12.90 13.23
C ASN A 578 -18.16 12.78 13.96
N LYS A 579 -17.34 13.83 13.89
CA LYS A 579 -16.02 13.83 14.53
C LYS A 579 -16.16 13.28 15.95
N GLY A 580 -15.25 12.39 16.34
CA GLY A 580 -15.34 11.70 17.64
C GLY A 580 -16.21 10.45 17.76
N GLU A 581 -17.05 10.15 16.76
CA GLU A 581 -17.72 8.85 16.74
C GLU A 581 -16.70 7.76 16.45
N ARG A 582 -16.95 6.57 16.96
CA ARG A 582 -16.05 5.42 16.73
C ARG A 582 -16.17 4.87 15.28
N TYR A 583 -17.38 4.59 14.83
CA TYR A 583 -17.55 3.80 13.65
C TYR A 583 -17.45 4.62 12.33
N VAL A 584 -16.30 5.29 12.14
CA VAL A 584 -15.99 6.12 10.96
C VAL A 584 -14.56 5.89 10.59
N SER A 585 -14.21 6.25 9.36
CA SER A 585 -12.83 6.12 8.87
C SER A 585 -11.91 7.10 9.55
N HIS A 586 -11.15 6.59 10.49
CA HIS A 586 -10.15 7.39 11.24
C HIS A 586 -9.11 6.49 11.86
N TYR A 587 -8.04 7.12 12.38
CA TYR A 587 -7.05 6.47 13.16
C TYR A 587 -7.25 6.86 14.63
N LEU A 588 -6.95 5.95 15.52
CA LEU A 588 -7.02 6.22 16.94
C LEU A 588 -5.95 7.16 17.42
N ASP A 589 -4.80 7.18 16.74
CA ASP A 589 -3.64 7.85 17.20
C ASP A 589 -3.15 9.06 16.38
N ILE A 590 -3.67 9.30 15.17
CA ILE A 590 -3.38 10.54 14.40
C ILE A 590 -4.62 11.04 13.66
N PRO A 591 -4.60 12.29 13.20
CA PRO A 591 -5.61 12.81 12.28
C PRO A 591 -5.60 12.16 10.92
N ASN A 592 -6.76 12.14 10.24
CA ASN A 592 -6.80 11.64 8.84
C ASN A 592 -6.05 12.53 7.89
N GLU A 593 -6.03 13.82 8.19
CA GLU A 593 -5.41 14.79 7.31
C GLU A 593 -3.90 14.65 7.37
N PRO A 594 -3.22 14.87 6.25
CA PRO A 594 -1.76 14.99 6.31
C PRO A 594 -1.31 16.19 7.11
N PHE A 595 -0.04 16.27 7.51
CA PHE A 595 0.37 17.42 8.32
C PHE A 595 0.22 18.70 7.51
N TYR A 596 0.57 18.62 6.23
CA TYR A 596 0.42 19.67 5.23
C TYR A 596 -0.14 19.04 3.93
N PRO A 597 -1.13 19.69 3.31
CA PRO A 597 -1.83 19.19 2.15
C PRO A 597 -1.28 19.66 0.84
N PHE A 598 -1.64 18.94 -0.22
CA PHE A 598 -1.31 19.31 -1.61
C PHE A 598 -1.79 20.72 -1.83
N GLY A 599 -0.95 21.51 -2.47
CA GLY A 599 -1.31 22.84 -2.93
C GLY A 599 -1.13 23.91 -1.90
N TYR A 600 -0.51 23.54 -0.76
CA TYR A 600 -0.32 24.45 0.38
C TYR A 600 1.02 25.15 0.38
N GLY A 601 1.00 26.44 0.67
CA GLY A 601 2.25 27.23 0.74
C GLY A 601 1.87 28.69 1.11
N LYS A 602 2.67 29.26 1.97
CA LYS A 602 2.44 30.63 2.41
C LYS A 602 3.14 31.64 1.50
N SER A 603 2.93 32.92 1.81
CA SER A 603 3.48 34.07 1.07
C SER A 603 3.74 35.23 2.10
N TYR A 604 4.66 36.16 1.81
CA TYR A 604 4.74 37.41 2.55
C TYR A 604 3.63 38.41 2.18
N SER A 605 2.74 38.06 1.22
CA SER A 605 1.65 38.91 0.75
C SER A 605 0.32 38.28 1.18
N GLU A 606 -0.76 38.93 0.82
CA GLU A 606 -2.11 38.46 1.15
C GLU A 606 -2.91 38.68 -0.11
N PHE A 607 -3.73 37.71 -0.49
CA PHE A 607 -4.51 37.79 -1.74
C PHE A 607 -5.96 37.64 -1.43
N GLU A 608 -6.81 38.18 -2.28
CA GLU A 608 -8.24 37.83 -2.24
C GLU A 608 -8.64 37.42 -3.64
N LEU A 609 -9.45 36.37 -3.74
CA LEU A 609 -9.83 35.77 -4.99
C LEU A 609 -11.32 35.90 -5.10
N LYS A 610 -11.81 36.12 -6.30
CA LYS A 610 -13.23 36.21 -6.53
C LYS A 610 -13.49 35.48 -7.84
N THR A 611 -14.41 34.53 -7.80
CA THR A 611 -14.79 33.76 -8.98
C THR A 611 -16.04 34.37 -9.57
N SER A 612 -16.03 34.65 -10.86
CA SER A 612 -17.25 35.14 -11.55
C SER A 612 -18.35 34.08 -11.56
N SER A 613 -19.59 34.56 -11.67
CA SER A 613 -20.78 33.71 -11.86
C SER A 613 -20.49 32.56 -12.83
N LEU A 614 -20.52 31.34 -12.31
CA LEU A 614 -20.56 30.14 -13.15
C LEU A 614 -21.99 29.81 -13.53
N PRO A 615 -22.22 29.15 -14.69
CA PRO A 615 -23.55 28.54 -14.92
C PRO A 615 -23.96 27.45 -13.91
N LYS A 616 -25.27 27.31 -13.67
CA LYS A 616 -25.85 26.22 -12.91
C LYS A 616 -25.89 24.92 -13.76
N GLU A 617 -25.87 25.00 -15.08
CA GLU A 617 -26.04 23.82 -15.93
C GLU A 617 -25.08 23.80 -17.09
N LEU A 618 -24.74 22.61 -17.57
CA LEU A 618 -23.79 22.44 -18.66
C LEU A 618 -24.26 21.27 -19.50
N ASN A 619 -24.03 21.32 -20.79
CA ASN A 619 -24.28 20.13 -21.61
C ASN A 619 -23.16 19.13 -21.52
N LEU A 620 -23.45 17.87 -21.77
CA LEU A 620 -22.39 16.92 -21.98
C LEU A 620 -21.50 17.43 -23.11
N GLY A 621 -20.19 17.16 -23.00
CA GLY A 621 -19.22 17.62 -24.01
C GLY A 621 -18.89 19.11 -23.96
N GLU A 622 -19.53 19.87 -23.08
CA GLU A 622 -19.33 21.29 -23.10
C GLU A 622 -18.21 21.65 -22.11
N SER A 623 -17.41 22.66 -22.44
CA SER A 623 -16.39 23.17 -21.53
C SER A 623 -16.99 24.10 -20.50
N LEU A 624 -16.41 24.09 -19.32
CA LEU A 624 -16.73 25.06 -18.34
C LEU A 624 -15.61 26.08 -18.30
N HIS A 625 -16.01 27.36 -18.33
CA HIS A 625 -15.10 28.52 -18.34
C HIS A 625 -15.07 29.25 -17.03
N VAL A 626 -13.92 29.27 -16.39
CA VAL A 626 -13.82 29.77 -14.99
C VAL A 626 -12.96 30.98 -14.99
N GLU A 627 -13.55 32.06 -14.55
CA GLU A 627 -12.91 33.37 -14.55
C GLU A 627 -12.75 33.75 -13.12
N VAL A 628 -11.53 34.14 -12.79
CA VAL A 628 -11.15 34.40 -11.43
C VAL A 628 -10.36 35.71 -11.35
N THR A 629 -10.75 36.59 -10.44
CA THR A 629 -10.07 37.87 -10.25
C THR A 629 -9.30 37.77 -8.96
N ILE A 630 -8.01 38.03 -9.02
CA ILE A 630 -7.18 37.98 -7.82
C ILE A 630 -6.62 39.35 -7.53
N LYS A 631 -6.57 39.71 -6.26
CA LYS A 631 -5.97 40.97 -5.89
C LYS A 631 -4.97 40.80 -4.78
N ASN A 632 -3.80 41.44 -4.92
CA ASN A 632 -2.82 41.52 -3.85
C ASN A 632 -3.24 42.67 -2.91
N ILE A 633 -3.75 42.33 -1.73
CA ILE A 633 -4.28 43.33 -0.82
C ILE A 633 -3.25 43.67 0.26
N SER A 634 -1.98 43.36 0.01
CA SER A 634 -0.92 43.71 0.93
C SER A 634 0.01 44.70 0.23
N ASP A 635 1.05 45.07 0.95
CA ASP A 635 1.99 46.03 0.51
C ASP A 635 3.24 45.39 -0.04
N ILE A 636 3.20 44.09 -0.24
CA ILE A 636 4.35 43.34 -0.64
C ILE A 636 4.04 42.66 -1.99
N ALA A 637 4.88 42.87 -3.00
CA ALA A 637 4.68 42.24 -4.30
C ALA A 637 4.75 40.70 -4.11
N GLY A 638 3.90 39.92 -4.79
CA GLY A 638 4.10 38.49 -4.71
C GLY A 638 3.33 37.70 -5.69
N LYS A 639 3.51 36.38 -5.61
CA LYS A 639 2.81 35.45 -6.47
C LYS A 639 1.99 34.44 -5.70
N GLU A 640 0.83 34.15 -6.24
CA GLU A 640 -0.12 33.20 -5.74
C GLU A 640 -0.41 32.17 -6.83
N VAL A 641 -0.68 30.97 -6.42
CA VAL A 641 -1.09 29.88 -7.36
C VAL A 641 -2.57 29.67 -7.21
N ILE A 642 -3.33 30.12 -8.22
CA ILE A 642 -4.75 29.81 -8.26
C ILE A 642 -4.89 28.35 -8.72
N GLN A 643 -5.73 27.57 -8.02
CA GLN A 643 -5.99 26.15 -8.35
C GLN A 643 -7.50 25.93 -8.52
N VAL A 644 -7.84 25.14 -9.52
CA VAL A 644 -9.23 24.73 -9.74
C VAL A 644 -9.36 23.22 -9.72
N TYR A 645 -10.26 22.73 -8.89
CA TYR A 645 -10.50 21.30 -8.69
C TYR A 645 -11.91 21.03 -9.12
N LEU A 646 -12.13 19.81 -9.57
CA LEU A 646 -13.41 19.26 -9.92
C LEU A 646 -13.68 17.99 -9.06
N GLN A 647 -14.93 17.78 -8.65
CA GLN A 647 -15.38 16.56 -8.06
C GLN A 647 -16.63 16.08 -8.81
N ASP A 648 -16.70 14.78 -9.03
CA ASP A 648 -17.88 14.10 -9.54
C ASP A 648 -18.64 13.46 -8.39
N VAL A 649 -19.77 14.03 -8.02
CA VAL A 649 -20.42 13.68 -6.75
C VAL A 649 -20.91 12.23 -6.71
N THR A 650 -21.46 11.77 -7.83
CA THR A 650 -22.03 10.44 -7.96
C THR A 650 -21.68 9.94 -9.28
N ALA A 651 -21.14 8.73 -9.31
CA ALA A 651 -20.61 8.20 -10.56
C ALA A 651 -20.66 6.68 -10.49
N SER A 652 -20.49 5.99 -11.62
CA SER A 652 -20.49 4.52 -11.64
C SER A 652 -19.20 3.90 -11.05
N ILE A 653 -18.22 4.75 -10.80
CA ILE A 653 -17.00 4.43 -10.03
C ILE A 653 -16.93 5.51 -8.94
N SER A 654 -16.48 5.12 -7.73
CA SER A 654 -16.34 6.03 -6.62
C SER A 654 -15.18 6.95 -7.02
N ARG A 655 -15.47 8.23 -7.14
CA ARG A 655 -14.56 9.24 -7.68
C ARG A 655 -13.90 10.04 -6.58
N PRO A 656 -12.70 10.56 -6.86
CA PRO A 656 -11.96 11.27 -5.82
C PRO A 656 -12.72 12.50 -5.35
N VAL A 657 -12.57 12.88 -4.09
CA VAL A 657 -13.27 14.04 -3.53
C VAL A 657 -12.93 15.36 -4.22
N LYS A 658 -11.69 15.48 -4.72
CA LYS A 658 -11.30 16.55 -5.58
C LYS A 658 -10.26 15.98 -6.53
N GLU A 659 -10.14 16.65 -7.68
CA GLU A 659 -8.99 16.50 -8.58
C GLU A 659 -8.67 17.86 -9.15
N LEU A 660 -7.38 18.15 -9.23
CA LEU A 660 -6.91 19.33 -9.81
C LEU A 660 -7.08 19.27 -11.35
N LYS A 661 -7.63 20.36 -11.93
CA LYS A 661 -7.81 20.43 -13.40
C LYS A 661 -7.33 21.69 -14.06
N ALA A 662 -6.83 22.64 -13.27
CA ALA A 662 -6.23 23.82 -13.78
C ALA A 662 -5.49 24.51 -12.69
N PHE A 663 -4.44 25.19 -13.10
CA PHE A 663 -3.71 26.02 -12.19
C PHE A 663 -3.02 27.10 -12.99
N GLU A 664 -2.81 28.25 -12.37
CA GLU A 664 -1.96 29.30 -12.88
C GLU A 664 -1.40 30.09 -11.75
N LYS A 665 -0.12 30.37 -11.88
CA LYS A 665 0.61 31.13 -10.90
C LYS A 665 0.55 32.58 -11.37
N VAL A 666 -0.04 33.44 -10.56
CA VAL A 666 -0.32 34.86 -10.94
C VAL A 666 0.59 35.84 -10.16
N ALA A 667 1.38 36.64 -10.87
CA ALA A 667 2.25 37.68 -10.22
C ALA A 667 1.52 39.03 -10.06
N LEU A 668 1.60 39.59 -8.86
CA LEU A 668 0.87 40.78 -8.52
C LEU A 668 1.72 41.71 -7.70
N GLN A 669 1.93 42.93 -8.19
CA GLN A 669 2.45 44.03 -7.36
C GLN A 669 1.51 44.38 -6.20
N ALA A 670 2.03 45.03 -5.20
CA ALA A 670 1.20 45.55 -4.11
C ALA A 670 -0.02 46.29 -4.69
N GLY A 671 -1.21 45.94 -4.24
CA GLY A 671 -2.47 46.54 -4.73
C GLY A 671 -2.93 46.16 -6.14
N GLU A 672 -2.12 45.41 -6.89
CA GLU A 672 -2.48 45.02 -8.27
C GLU A 672 -3.54 43.91 -8.36
N GLU A 673 -4.36 44.00 -9.40
CA GLU A 673 -5.47 43.07 -9.63
C GLU A 673 -5.44 42.48 -11.05
N LYS A 674 -5.65 41.17 -11.15
CA LYS A 674 -5.77 40.51 -12.44
C LYS A 674 -6.95 39.56 -12.54
N THR A 675 -7.42 39.38 -13.76
CA THR A 675 -8.42 38.41 -14.09
C THR A 675 -7.71 37.36 -14.92
N VAL A 676 -7.88 36.10 -14.54
CA VAL A 676 -7.38 34.96 -15.34
C VAL A 676 -8.57 34.08 -15.55
N THR A 677 -8.54 33.33 -16.62
CA THR A 677 -9.66 32.48 -17.04
C THR A 677 -9.15 31.08 -17.27
N PHE A 678 -9.97 30.06 -17.02
CA PHE A 678 -9.55 28.65 -17.20
C PHE A 678 -10.66 28.01 -18.04
N GLU A 679 -10.31 27.09 -18.90
CA GLU A 679 -11.26 26.26 -19.59
C GLU A 679 -11.12 24.81 -19.09
N LEU A 680 -12.16 24.28 -18.48
CA LEU A 680 -12.15 22.89 -18.10
C LEU A 680 -12.94 22.23 -19.24
N THR A 681 -12.28 21.49 -20.10
CA THR A 681 -12.99 20.86 -21.20
C THR A 681 -13.76 19.68 -20.65
N SER A 682 -14.55 19.04 -21.48
CA SER A 682 -15.35 17.92 -21.02
C SER A 682 -14.45 16.74 -20.65
N GLU A 683 -13.24 16.72 -21.19
CA GLU A 683 -12.29 15.75 -20.68
C GLU A 683 -12.02 15.96 -19.15
N ALA A 684 -11.97 17.18 -18.65
CA ALA A 684 -11.78 17.36 -17.16
C ALA A 684 -12.93 16.70 -16.39
N PHE A 685 -14.06 16.46 -17.05
CA PHE A 685 -15.24 15.83 -16.39
C PHE A 685 -15.35 14.31 -16.53
N SER A 686 -14.46 13.74 -17.31
CA SER A 686 -14.55 12.33 -17.74
C SER A 686 -13.66 11.43 -16.88
N PHE A 687 -13.88 10.13 -16.98
CA PHE A 687 -13.09 9.18 -16.22
C PHE A 687 -13.30 7.82 -16.83
N TYR A 688 -12.43 6.87 -16.45
CA TYR A 688 -12.53 5.48 -16.84
C TYR A 688 -13.49 4.69 -16.02
N ASN A 689 -14.42 4.05 -16.71
CA ASN A 689 -15.43 3.28 -16.07
C ASN A 689 -14.98 1.86 -15.83
N HIS A 690 -15.82 1.02 -15.24
CA HIS A 690 -15.28 -0.30 -14.90
C HIS A 690 -15.09 -1.15 -16.13
N GLN A 691 -15.71 -0.72 -17.23
CA GLN A 691 -15.41 -1.31 -18.52
C GLN A 691 -14.13 -0.76 -19.26
N LEU A 692 -13.36 0.13 -18.58
CA LEU A 692 -12.17 0.79 -19.17
C LEU A 692 -12.46 1.72 -20.38
N GLU A 693 -13.71 2.10 -20.50
CA GLU A 693 -14.12 3.18 -21.36
C GLU A 693 -13.93 4.54 -20.66
N LYS A 694 -13.37 5.45 -21.43
CA LYS A 694 -13.28 6.85 -21.06
C LYS A 694 -14.65 7.45 -21.28
N VAL A 695 -15.37 7.80 -20.22
CA VAL A 695 -16.76 8.25 -20.32
C VAL A 695 -17.03 9.60 -19.65
N GLN A 696 -18.12 10.25 -20.08
CA GLN A 696 -18.72 11.39 -19.41
C GLN A 696 -20.14 10.99 -19.08
N GLU A 697 -20.42 11.05 -17.79
CA GLU A 697 -21.73 10.76 -17.24
C GLU A 697 -22.44 12.07 -16.86
N PRO A 698 -23.72 12.21 -17.24
CA PRO A 698 -24.51 13.32 -16.67
C PRO A 698 -24.66 13.28 -15.14
N GLY A 699 -24.87 14.47 -14.57
CA GLY A 699 -24.99 14.61 -13.15
C GLY A 699 -24.22 15.76 -12.58
N LEU A 700 -24.10 15.76 -11.24
CA LEU A 700 -23.62 16.89 -10.49
C LEU A 700 -22.11 16.87 -10.30
N HIS A 701 -21.48 18.03 -10.47
CA HIS A 701 -20.07 18.22 -10.18
C HIS A 701 -19.95 19.43 -9.30
N ARG A 702 -18.99 19.38 -8.41
CA ARG A 702 -18.58 20.52 -7.63
C ARG A 702 -17.25 20.99 -8.18
N VAL A 703 -17.08 22.30 -8.15
CA VAL A 703 -15.96 23.04 -8.69
C VAL A 703 -15.43 23.84 -7.54
N PHE A 704 -14.11 23.73 -7.31
CA PHE A 704 -13.39 24.33 -6.18
C PHE A 704 -12.33 25.26 -6.73
N VAL A 705 -12.40 26.49 -6.32
CA VAL A 705 -11.47 27.49 -6.76
C VAL A 705 -10.77 28.08 -5.54
N GLY A 706 -9.43 28.16 -5.56
CA GLY A 706 -8.72 28.60 -4.39
C GLY A 706 -7.21 28.55 -4.50
N THR A 707 -6.53 28.49 -3.35
CA THR A 707 -5.06 28.61 -3.30
C THR A 707 -4.34 27.42 -2.59
N SER A 708 -5.12 26.38 -2.33
CA SER A 708 -4.68 25.05 -1.88
C SER A 708 -5.84 24.07 -2.17
N SER A 709 -5.61 22.76 -1.93
CA SER A 709 -6.67 21.78 -2.02
C SER A 709 -7.70 21.96 -0.91
N GLU A 710 -7.37 22.74 0.13
CA GLU A 710 -8.22 22.98 1.31
C GLU A 710 -8.83 24.40 1.33
N ASP A 711 -8.05 25.40 0.93
CA ASP A 711 -8.55 26.81 0.86
C ASP A 711 -9.22 27.17 -0.48
N VAL A 712 -10.51 26.85 -0.55
CA VAL A 712 -11.30 26.91 -1.79
C VAL A 712 -12.72 27.44 -1.51
N ASP A 713 -13.35 28.11 -2.47
CA ASP A 713 -14.80 28.26 -2.49
C ASP A 713 -15.32 27.18 -3.39
N VAL A 714 -16.56 26.78 -3.17
CA VAL A 714 -17.12 25.63 -3.87
C VAL A 714 -18.33 26.07 -4.68
N PHE A 715 -18.49 25.49 -5.87
CA PHE A 715 -19.63 25.83 -6.73
C PHE A 715 -20.21 24.54 -7.27
N GLU A 716 -21.49 24.52 -7.64
CA GLU A 716 -22.14 23.31 -8.15
C GLU A 716 -22.54 23.57 -9.54
N VAL A 717 -22.28 22.59 -10.40
N VAL A 717 -22.27 22.60 -10.40
CA VAL A 717 -22.71 22.57 -11.81
CA VAL A 717 -22.77 22.60 -11.77
C VAL A 717 -23.34 21.23 -12.12
C VAL A 717 -23.34 21.24 -12.13
N GLU A 718 -24.58 21.28 -12.62
CA GLU A 718 -25.29 20.09 -13.05
C GLU A 718 -25.08 19.86 -14.55
N VAL A 719 -24.37 18.76 -14.88
CA VAL A 719 -24.18 18.30 -16.27
C VAL A 719 -25.30 17.35 -16.73
N GLY A 720 -25.96 17.69 -17.83
CA GLY A 720 -26.87 16.78 -18.53
C GLY A 720 -27.24 17.17 -19.94
N GLY A 721 -28.35 16.65 -20.44
CA GLY A 721 -28.94 17.10 -21.71
C GLY A 721 -28.38 16.36 -22.91
N TYR A 722 -28.01 17.15 -23.92
CA TYR A 722 -27.41 16.64 -25.15
C TYR A 722 -25.94 16.80 -25.13
N VAL A 723 -25.30 16.24 -26.15
CA VAL A 723 -23.81 16.25 -26.27
C VAL A 723 -23.23 17.19 -27.35
N LEU A 724 -22.31 18.07 -26.93
CA LEU A 724 -21.33 18.95 -27.68
C LEU A 724 -21.46 20.43 -27.37
N MET B 1 -40.15 -28.15 6.14
CA MET B 1 -41.32 -28.40 5.26
C MET B 1 -40.92 -28.55 3.79
N GLU B 2 -41.79 -29.15 2.98
CA GLU B 2 -41.50 -29.40 1.56
C GLU B 2 -41.31 -28.08 0.76
N GLN B 3 -40.36 -28.14 -0.19
CA GLN B 3 -39.98 -27.05 -1.11
C GLN B 3 -41.16 -26.41 -1.82
N GLU B 4 -42.10 -27.24 -2.25
CA GLU B 4 -43.36 -26.72 -2.80
C GLU B 4 -44.08 -25.71 -1.87
N LYS B 5 -44.11 -25.99 -0.57
CA LYS B 5 -44.75 -25.08 0.40
C LYS B 5 -43.92 -23.81 0.62
N VAL B 6 -42.61 -23.92 0.51
CA VAL B 6 -41.78 -22.71 0.57
C VAL B 6 -42.15 -21.76 -0.59
N GLN B 7 -42.19 -22.30 -1.79
CA GLN B 7 -42.68 -21.58 -2.97
C GLN B 7 -44.09 -21.01 -2.81
N GLU B 8 -44.98 -21.85 -2.32
CA GLU B 8 -46.38 -21.45 -2.09
C GLU B 8 -46.41 -20.13 -1.28
N LEU B 9 -45.56 -20.04 -0.26
CA LEU B 9 -45.51 -18.89 0.64
C LEU B 9 -45.13 -17.59 -0.08
N VAL B 10 -44.20 -17.69 -1.02
CA VAL B 10 -43.71 -16.57 -1.80
C VAL B 10 -44.84 -16.00 -2.68
N SER B 11 -45.57 -16.88 -3.36
CA SER B 11 -46.76 -16.47 -4.15
C SER B 11 -47.78 -15.81 -3.30
N GLN B 12 -47.91 -16.30 -2.07
CA GLN B 12 -49.02 -15.88 -1.17
C GLN B 12 -48.75 -14.52 -0.58
N MET B 13 -47.49 -14.09 -0.60
CA MET B 13 -47.06 -12.82 0.03
C MET B 13 -47.40 -11.59 -0.78
N THR B 14 -47.72 -10.50 -0.11
CA THR B 14 -47.92 -9.24 -0.81
C THR B 14 -46.56 -8.64 -1.08
N LEU B 15 -46.55 -7.67 -1.98
CA LEU B 15 -45.36 -6.87 -2.30
C LEU B 15 -44.76 -6.21 -1.02
N ASP B 16 -45.56 -5.45 -0.28
CA ASP B 16 -45.10 -4.94 1.00
C ASP B 16 -44.51 -6.04 1.90
N GLU B 17 -45.09 -7.24 1.90
CA GLU B 17 -44.58 -8.32 2.78
C GLU B 17 -43.24 -8.83 2.26
N LYS B 18 -43.11 -8.93 0.95
CA LYS B 18 -41.85 -9.43 0.37
C LYS B 18 -40.67 -8.47 0.62
N ILE B 19 -40.96 -7.17 0.48
CA ILE B 19 -40.00 -6.07 0.72
C ILE B 19 -39.46 -6.10 2.16
N ALA B 20 -40.34 -6.25 3.13
CA ALA B 20 -39.96 -6.21 4.52
C ALA B 20 -39.15 -7.47 4.93
N GLN B 21 -39.43 -8.58 4.26
CA GLN B 21 -38.71 -9.82 4.46
C GLN B 21 -37.23 -9.56 4.25
N CYS B 22 -36.88 -8.54 3.45
CA CYS B 22 -35.48 -8.27 3.13
C CYS B 22 -34.88 -7.25 4.09
N LEU B 23 -35.51 -7.05 5.27
CA LEU B 23 -35.03 -6.10 6.27
C LEU B 23 -34.61 -6.78 7.55
N GLN B 24 -33.43 -6.40 8.09
CA GLN B 24 -32.91 -6.87 9.41
C GLN B 24 -32.77 -5.71 10.40
N LEU B 25 -33.22 -5.95 11.64
CA LEU B 25 -33.32 -4.91 12.68
C LEU B 25 -32.83 -5.43 13.99
N SER B 26 -32.37 -4.50 14.83
CA SER B 26 -31.97 -4.75 16.20
C SER B 26 -33.18 -5.20 17.02
N PRO B 27 -32.95 -6.00 18.09
CA PRO B 27 -34.05 -6.63 18.81
C PRO B 27 -35.06 -5.63 19.43
N PHE B 28 -34.55 -4.48 19.82
CA PHE B 28 -35.37 -3.48 20.51
C PHE B 28 -36.19 -2.59 19.55
N LEU B 29 -36.23 -2.93 18.25
CA LEU B 29 -37.22 -2.36 17.32
C LEU B 29 -38.49 -3.22 17.25
N PHE B 30 -38.48 -4.38 17.88
CA PHE B 30 -39.64 -5.25 17.84
C PHE B 30 -40.32 -5.17 19.19
N LYS B 31 -41.63 -5.42 19.13
CA LYS B 31 -42.43 -5.60 20.32
C LYS B 31 -42.04 -6.94 20.87
N GLY B 32 -42.03 -7.03 22.19
CA GLY B 32 -41.70 -8.28 22.84
C GLY B 32 -40.27 -8.34 23.28
N THR B 33 -39.45 -7.35 22.94
CA THR B 33 -38.05 -7.37 23.42
C THR B 33 -37.93 -7.26 24.96
N ASN B 34 -37.08 -8.05 25.57
CA ASN B 34 -36.97 -7.90 27.01
C ASN B 34 -35.81 -6.99 27.44
N LYS B 35 -35.29 -6.15 26.53
CA LYS B 35 -34.16 -5.25 26.89
C LYS B 35 -34.06 -4.00 26.02
N ASN B 36 -33.56 -2.89 26.56
CA ASN B 36 -33.44 -1.59 25.80
C ASN B 36 -34.78 -1.09 25.18
N ALA B 37 -35.88 -1.44 25.83
CA ALA B 37 -37.24 -1.07 25.39
C ALA B 37 -37.46 0.43 25.22
N GLU B 38 -36.67 1.24 25.92
CA GLU B 38 -36.85 2.69 25.91
C GLU B 38 -36.40 3.32 24.60
N LEU B 39 -35.52 2.60 23.89
CA LEU B 39 -34.99 3.02 22.60
C LEU B 39 -35.99 2.85 21.46
N THR B 40 -37.05 2.08 21.71
CA THR B 40 -37.91 1.60 20.64
C THR B 40 -38.65 2.69 19.83
N GLY B 41 -39.42 3.52 20.50
CA GLY B 41 -40.22 4.56 19.84
C GLY B 41 -39.41 5.65 19.14
N PRO B 42 -38.37 6.15 19.80
CA PRO B 42 -37.57 7.14 19.08
C PRO B 42 -36.84 6.62 17.83
N LEU B 43 -36.17 5.47 17.95
CA LEU B 43 -35.42 4.91 16.82
C LEU B 43 -36.37 4.51 15.70
N LEU B 44 -37.49 3.89 16.06
CA LEU B 44 -38.58 3.65 15.10
C LEU B 44 -38.87 4.93 14.33
N GLN B 45 -39.00 6.04 15.06
CA GLN B 45 -39.34 7.34 14.45
C GLN B 45 -38.24 7.85 13.56
N GLU B 46 -37.02 7.79 14.07
CA GLU B 46 -35.85 8.21 13.32
C GLU B 46 -35.71 7.40 12.02
N MET B 47 -35.88 6.08 12.07
CA MET B 47 -35.86 5.24 10.85
C MET B 47 -37.15 5.24 10.00
N LYS B 48 -38.22 5.86 10.54
CA LYS B 48 -39.54 5.95 9.91
C LYS B 48 -40.16 4.56 9.67
N LEU B 49 -39.97 3.70 10.66
CA LEU B 49 -40.56 2.37 10.69
C LEU B 49 -41.96 2.38 11.32
N THR B 50 -42.88 1.63 10.72
CA THR B 50 -44.25 1.43 11.19
C THR B 50 -44.41 -0.03 11.66
N ASP B 51 -45.56 -0.34 12.27
CA ASP B 51 -45.90 -1.72 12.64
C ASP B 51 -45.90 -2.63 11.40
N ALA B 52 -46.49 -2.19 10.31
CA ALA B 52 -46.47 -2.98 9.08
C ALA B 52 -44.99 -3.36 8.68
N HIS B 53 -44.04 -2.47 8.92
CA HIS B 53 -42.62 -2.81 8.64
C HIS B 53 -42.08 -3.86 9.64
N THR B 54 -42.19 -3.57 10.94
CA THR B 54 -41.60 -4.47 11.97
C THR B 54 -42.25 -5.83 12.07
N GLU B 55 -43.57 -5.86 11.92
CA GLU B 55 -44.34 -7.10 11.95
C GLU B 55 -44.10 -8.03 10.76
N ASN B 56 -43.49 -7.48 9.71
CA ASN B 56 -43.13 -8.31 8.52
C ASN B 56 -41.63 -8.35 8.23
N ALA B 57 -40.83 -7.75 9.11
CA ALA B 57 -39.38 -7.77 8.98
C ALA B 57 -38.87 -9.19 8.90
N GLY B 58 -37.76 -9.36 8.20
CA GLY B 58 -37.24 -10.72 7.94
C GLY B 58 -36.34 -11.28 9.02
N SER B 59 -35.53 -10.42 9.63
CA SER B 59 -34.48 -10.92 10.52
C SER B 59 -34.17 -9.98 11.66
N VAL B 60 -33.76 -10.59 12.77
CA VAL B 60 -33.26 -9.87 13.96
C VAL B 60 -31.77 -10.04 14.08
N LEU B 61 -31.11 -8.96 14.48
CA LEU B 61 -29.65 -8.86 14.65
C LEU B 61 -29.25 -8.58 16.08
N GLY B 62 -28.45 -9.43 16.71
CA GLY B 62 -27.92 -9.08 18.02
C GLY B 62 -28.95 -9.20 19.15
N SER B 63 -29.73 -10.27 19.14
CA SER B 63 -30.62 -10.58 20.27
C SER B 63 -29.77 -10.67 21.55
N SER B 64 -30.31 -10.26 22.71
CA SER B 64 -29.45 -10.15 23.90
C SER B 64 -29.41 -11.42 24.71
N SER B 65 -30.46 -12.24 24.60
CA SER B 65 -30.56 -13.51 25.33
C SER B 65 -31.65 -14.43 24.73
N ALA B 66 -31.79 -15.62 25.31
CA ALA B 66 -32.86 -16.55 24.92
C ALA B 66 -34.25 -15.94 25.15
N LEU B 67 -34.39 -15.18 26.21
CA LEU B 67 -35.68 -14.61 26.57
C LEU B 67 -36.04 -13.42 25.68
N ASP B 68 -35.04 -12.70 25.22
CA ASP B 68 -35.23 -11.66 24.17
C ASP B 68 -35.83 -12.33 22.91
N MET B 69 -35.12 -13.33 22.41
CA MET B 69 -35.54 -14.12 21.23
C MET B 69 -36.96 -14.69 21.41
N ILE B 70 -37.17 -15.45 22.46
CA ILE B 70 -38.48 -16.08 22.68
C ILE B 70 -39.58 -15.03 22.69
N GLY B 71 -39.40 -13.96 23.47
CA GLY B 71 -40.39 -12.88 23.60
C GLY B 71 -40.69 -12.21 22.29
N ILE B 72 -39.63 -11.98 21.51
CA ILE B 72 -39.74 -11.28 20.25
C ILE B 72 -40.46 -12.17 19.24
N GLN B 73 -40.06 -13.45 19.17
CA GLN B 73 -40.55 -14.38 18.17
C GLN B 73 -42.01 -14.69 18.47
N GLU B 74 -42.33 -14.77 19.76
CA GLU B 74 -43.69 -15.06 20.23
C GLU B 74 -44.67 -13.93 19.88
N ALA B 75 -44.29 -12.72 20.21
CA ALA B 75 -45.09 -11.56 19.79
C ALA B 75 -45.19 -11.43 18.27
N TYR B 76 -44.06 -11.59 17.58
CA TYR B 76 -44.02 -11.51 16.13
C TYR B 76 -44.95 -12.52 15.45
N LEU B 77 -44.94 -13.75 15.96
CA LEU B 77 -45.76 -14.79 15.37
C LEU B 77 -47.24 -14.60 15.66
N LYS B 78 -47.62 -13.89 16.73
CA LYS B 78 -49.09 -13.62 16.93
C LYS B 78 -49.68 -12.65 15.90
N THR B 79 -48.86 -11.79 15.30
CA THR B 79 -49.35 -10.81 14.32
C THR B 79 -48.92 -11.06 12.87
N ASN B 80 -47.88 -11.87 12.62
CA ASN B 80 -47.51 -12.17 11.26
C ASN B 80 -48.61 -12.94 10.51
N ARG B 81 -49.04 -12.41 9.38
CA ARG B 81 -50.18 -12.97 8.66
C ARG B 81 -50.06 -14.43 8.27
N LEU B 82 -48.90 -14.78 7.70
CA LEU B 82 -48.68 -16.10 7.11
C LEU B 82 -47.88 -17.05 7.98
N GLY B 83 -47.49 -16.63 9.17
CA GLY B 83 -46.64 -17.45 10.04
C GLY B 83 -45.16 -17.59 9.57
N ILE B 84 -44.53 -16.53 9.08
CA ILE B 84 -43.10 -16.65 8.71
C ILE B 84 -42.25 -16.25 9.93
N PRO B 85 -41.57 -17.23 10.57
CA PRO B 85 -40.76 -16.81 11.69
C PRO B 85 -39.52 -15.92 11.35
N LEU B 86 -39.15 -15.13 12.34
CA LEU B 86 -37.93 -14.35 12.30
C LEU B 86 -36.73 -15.31 12.38
N VAL B 87 -35.71 -14.99 11.58
CA VAL B 87 -34.35 -15.56 11.78
C VAL B 87 -33.48 -14.59 12.63
N PHE B 88 -32.82 -15.15 13.64
CA PHE B 88 -31.96 -14.45 14.58
C PHE B 88 -30.47 -14.66 14.30
N MET B 89 -29.75 -13.54 14.08
CA MET B 89 -28.33 -13.59 13.68
C MET B 89 -27.43 -12.90 14.71
N ALA B 90 -26.20 -13.39 14.88
CA ALA B 90 -25.30 -12.74 15.84
C ALA B 90 -23.83 -12.84 15.48
N ASP B 91 -23.04 -12.00 16.16
CA ASP B 91 -21.60 -11.98 16.03
C ASP B 91 -21.09 -12.93 17.10
N VAL B 92 -20.90 -14.19 16.74
CA VAL B 92 -20.12 -15.13 17.55
C VAL B 92 -18.81 -15.40 16.76
N ILE B 93 -17.75 -14.71 17.17
CA ILE B 93 -16.54 -14.57 16.38
C ILE B 93 -15.41 -15.47 16.86
N HIS B 94 -15.18 -15.47 18.17
CA HIS B 94 -14.28 -16.46 18.80
C HIS B 94 -14.81 -16.99 20.17
N GLY B 95 -16.06 -17.40 20.16
CA GLY B 95 -16.75 -17.77 21.39
C GLY B 95 -17.99 -16.95 21.70
N TYR B 96 -18.87 -17.59 22.45
CA TYR B 96 -20.09 -16.97 22.92
C TYR B 96 -19.89 -16.48 24.39
N LYS B 97 -20.09 -17.34 25.39
CA LYS B 97 -19.80 -16.97 26.78
C LYS B 97 -18.46 -17.53 27.21
N THR B 98 -18.17 -18.75 26.77
CA THR B 98 -16.84 -19.29 26.87
C THR B 98 -16.04 -18.66 25.72
N VAL B 99 -15.14 -17.75 26.08
CA VAL B 99 -14.40 -17.03 25.05
C VAL B 99 -13.07 -17.72 24.74
N PHE B 100 -12.86 -18.02 23.46
CA PHE B 100 -11.64 -18.65 22.96
C PHE B 100 -10.67 -17.57 22.47
N PRO B 101 -9.41 -17.94 22.14
CA PRO B 101 -8.47 -16.95 21.56
C PRO B 101 -9.02 -16.21 20.36
N ILE B 102 -8.57 -14.97 20.16
CA ILE B 102 -9.05 -14.18 18.97
C ILE B 102 -8.62 -14.93 17.70
N PRO B 103 -9.31 -14.74 16.52
CA PRO B 103 -8.98 -15.59 15.35
C PRO B 103 -7.55 -15.59 14.86
N LEU B 104 -6.87 -14.44 14.99
CA LEU B 104 -5.48 -14.36 14.55
C LEU B 104 -4.62 -15.34 15.39
N ALA B 105 -4.99 -15.49 16.66
CA ALA B 105 -4.22 -16.39 17.56
C ALA B 105 -4.53 -17.82 17.12
N LEU B 106 -5.81 -18.10 16.81
CA LEU B 106 -6.23 -19.43 16.35
C LEU B 106 -5.44 -19.73 15.06
N GLY B 107 -5.23 -18.72 14.22
CA GLY B 107 -4.34 -18.85 13.08
C GLY B 107 -2.98 -19.41 13.46
N CYS B 108 -2.37 -18.85 14.50
CA CYS B 108 -1.01 -19.31 14.96
C CYS B 108 -0.98 -20.78 15.51
N SER B 109 -2.16 -21.32 15.79
CA SER B 109 -2.27 -22.74 16.19
C SER B 109 -1.82 -23.70 15.10
N PHE B 110 -2.05 -23.33 13.86
CA PHE B 110 -1.91 -24.22 12.69
C PHE B 110 -2.67 -25.53 12.86
N ASP B 111 -3.70 -25.45 13.67
CA ASP B 111 -4.42 -26.63 14.10
C ASP B 111 -5.88 -26.59 13.66
N ARG B 112 -6.21 -27.35 12.64
CA ARG B 112 -7.56 -27.38 12.15
C ARG B 112 -8.57 -27.81 13.21
N GLU B 113 -8.20 -28.81 14.02
CA GLU B 113 -9.16 -29.40 15.00
C GLU B 113 -9.46 -28.41 16.13
N THR B 114 -8.46 -27.68 16.58
CA THR B 114 -8.71 -26.61 17.57
C THR B 114 -9.77 -25.59 17.06
N VAL B 115 -9.65 -25.24 15.79
CA VAL B 115 -10.56 -24.29 15.19
C VAL B 115 -11.98 -24.83 15.11
N ARG B 116 -12.14 -26.08 14.70
CA ARG B 116 -13.49 -26.71 14.61
C ARG B 116 -14.14 -26.75 16.01
N VAL B 117 -13.34 -27.11 17.02
CA VAL B 117 -13.84 -27.20 18.38
C VAL B 117 -14.31 -25.88 18.94
N MET B 118 -13.52 -24.84 18.74
CA MET B 118 -13.93 -23.47 19.13
C MET B 118 -15.32 -23.18 18.59
N ALA B 119 -15.48 -23.48 17.29
CA ALA B 119 -16.73 -23.21 16.59
C ALA B 119 -17.88 -24.10 17.10
N GLU B 120 -17.62 -25.37 17.37
CA GLU B 120 -18.65 -26.27 17.88
C GLU B 120 -19.14 -25.82 19.24
N VAL B 121 -18.21 -25.44 20.11
CA VAL B 121 -18.57 -24.93 21.42
C VAL B 121 -19.33 -23.62 21.28
N SER B 122 -18.89 -22.79 20.33
CA SER B 122 -19.48 -21.46 20.14
C SER B 122 -20.95 -21.64 19.75
N ALA B 123 -21.19 -22.59 18.86
CA ALA B 123 -22.58 -22.91 18.42
C ALA B 123 -23.42 -23.57 19.49
N LEU B 124 -22.79 -24.48 20.23
CA LEU B 124 -23.44 -25.11 21.38
C LEU B 124 -24.05 -24.03 22.26
N GLU B 125 -23.24 -23.05 22.67
CA GLU B 125 -23.73 -21.97 23.56
C GLU B 125 -24.68 -20.95 22.89
N ALA B 126 -24.35 -20.56 21.67
CA ALA B 126 -25.11 -19.53 20.99
C ALA B 126 -26.53 -20.03 20.71
N THR B 127 -26.63 -21.26 20.21
CA THR B 127 -27.94 -21.91 20.02
C THR B 127 -28.76 -21.99 21.35
N ALA B 128 -28.06 -22.26 22.43
CA ALA B 128 -28.69 -22.23 23.77
C ALA B 128 -29.23 -20.84 24.18
N ASP B 129 -28.73 -19.79 23.56
CA ASP B 129 -29.27 -18.45 23.77
C ASP B 129 -30.06 -17.97 22.57
N GLY B 130 -30.50 -18.92 21.75
CA GLY B 130 -31.50 -18.63 20.71
C GLY B 130 -31.03 -17.98 19.41
N HIS B 131 -29.73 -18.02 19.13
CA HIS B 131 -29.18 -17.53 17.85
C HIS B 131 -29.15 -18.63 16.77
N HIS B 132 -29.54 -18.28 15.56
CA HIS B 132 -29.56 -19.22 14.41
C HIS B 132 -28.37 -19.07 13.46
N VAL B 133 -27.81 -17.86 13.38
CA VAL B 133 -26.70 -17.58 12.43
C VAL B 133 -25.57 -16.87 13.14
N THR B 134 -24.34 -17.26 12.85
CA THR B 134 -23.23 -16.41 13.27
C THR B 134 -22.53 -15.72 12.14
N PHE B 135 -22.06 -14.49 12.41
CA PHE B 135 -21.39 -13.72 11.39
C PHE B 135 -19.92 -14.05 11.41
N SER B 136 -19.65 -15.32 11.13
CA SER B 136 -18.30 -15.90 11.19
C SER B 136 -18.32 -17.13 10.29
N PRO B 137 -17.19 -17.45 9.66
CA PRO B 137 -15.80 -16.92 9.75
C PRO B 137 -15.47 -15.63 8.96
N MET B 138 -14.62 -14.79 9.55
CA MET B 138 -14.09 -13.65 8.84
C MET B 138 -12.85 -14.18 8.10
N LEU B 139 -12.86 -14.03 6.79
CA LEU B 139 -11.84 -14.65 5.88
C LEU B 139 -11.10 -13.64 5.02
N ASP B 140 -11.08 -12.40 5.46
CA ASP B 140 -10.32 -11.34 4.81
C ASP B 140 -8.81 -11.57 5.00
N LEU B 141 -8.10 -11.77 3.90
CA LEU B 141 -6.64 -11.84 3.96
C LEU B 141 -6.09 -10.48 4.44
N VAL B 142 -5.07 -10.57 5.31
CA VAL B 142 -4.44 -9.40 5.93
C VAL B 142 -2.91 -9.38 5.74
N ARG B 143 -2.42 -8.24 5.25
CA ARG B 143 -0.97 -7.89 5.16
C ARG B 143 -0.56 -6.60 5.90
N ASP B 144 -1.52 -5.99 6.60
CA ASP B 144 -1.36 -4.63 7.15
C ASP B 144 -1.86 -4.61 8.61
N PRO B 145 -0.95 -4.84 9.58
CA PRO B 145 -1.30 -4.82 11.01
C PRO B 145 -1.68 -3.44 11.59
N ARG B 146 -1.63 -2.38 10.80
CA ARG B 146 -2.27 -1.15 11.25
C ARG B 146 -3.77 -1.30 11.39
N TRP B 147 -4.37 -2.13 10.54
CA TRP B 147 -5.83 -2.36 10.54
C TRP B 147 -6.22 -3.13 11.78
N GLY B 148 -7.23 -2.64 12.51
CA GLY B 148 -7.58 -3.22 13.80
C GLY B 148 -8.23 -4.58 13.62
N ARG B 149 -8.84 -4.79 12.46
CA ARG B 149 -9.60 -6.02 12.20
C ARG B 149 -8.71 -7.22 11.83
N VAL B 150 -7.38 -7.05 11.83
CA VAL B 150 -6.50 -8.23 11.73
C VAL B 150 -6.76 -9.28 12.79
N MET B 151 -7.22 -8.86 13.97
CA MET B 151 -7.54 -9.82 15.03
C MET B 151 -8.60 -10.87 14.59
N GLU B 152 -9.42 -10.53 13.60
CA GLU B 152 -10.56 -11.41 13.18
C GLU B 152 -10.19 -12.38 12.09
N SER B 153 -9.03 -12.13 11.49
CA SER B 153 -8.48 -12.93 10.41
C SER B 153 -7.52 -13.93 10.97
N THR B 154 -7.30 -14.99 10.20
CA THR B 154 -6.29 -15.97 10.56
C THR B 154 -4.95 -15.60 9.92
N GLY B 155 -4.87 -14.49 9.23
CA GLY B 155 -3.56 -13.98 8.79
C GLY B 155 -3.25 -13.78 7.32
N GLU B 156 -1.96 -13.76 7.01
CA GLU B 156 -1.41 -13.40 5.70
C GLU B 156 -1.38 -14.47 4.63
N ASP B 157 -1.70 -15.71 4.99
CA ASP B 157 -1.69 -16.79 4.00
C ASP B 157 -3.09 -17.31 3.57
N PRO B 158 -3.39 -17.27 2.27
CA PRO B 158 -4.68 -17.69 1.81
C PRO B 158 -4.93 -19.18 2.05
N PHE B 159 -3.89 -20.01 1.96
CA PHE B 159 -4.09 -21.45 2.24
C PHE B 159 -4.50 -21.75 3.68
N LEU B 160 -3.68 -21.31 4.63
CA LEU B 160 -4.07 -21.40 6.03
C LEU B 160 -5.47 -20.83 6.21
N ASN B 161 -5.70 -19.63 5.69
CA ASN B 161 -7.00 -19.01 5.91
C ASN B 161 -8.13 -19.91 5.37
N SER B 162 -7.90 -20.48 4.20
CA SER B 162 -8.85 -21.38 3.56
C SER B 162 -9.11 -22.60 4.40
N GLU B 163 -8.03 -23.22 4.80
CA GLU B 163 -8.11 -24.40 5.63
C GLU B 163 -8.77 -24.14 6.98
N LEU B 164 -8.39 -23.09 7.70
CA LEU B 164 -9.05 -22.85 9.00
C LEU B 164 -10.50 -22.34 8.84
N GLY B 165 -10.77 -21.70 7.70
CA GLY B 165 -12.13 -21.23 7.38
C GLY B 165 -13.08 -22.42 7.22
N LYS B 166 -12.63 -23.43 6.48
CA LYS B 166 -13.37 -24.70 6.36
C LYS B 166 -13.65 -25.37 7.69
N ALA B 167 -12.60 -25.55 8.47
CA ALA B 167 -12.73 -26.00 9.85
C ALA B 167 -13.77 -25.24 10.71
N MET B 168 -13.81 -23.90 10.62
CA MET B 168 -14.81 -23.15 11.42
C MET B 168 -16.23 -23.42 10.92
N VAL B 169 -16.41 -23.46 9.60
CA VAL B 169 -17.74 -23.74 9.01
C VAL B 169 -18.20 -25.11 9.48
N ASP B 170 -17.32 -26.11 9.45
CA ASP B 170 -17.67 -27.44 9.92
C ASP B 170 -18.03 -27.46 11.39
N GLY B 171 -17.23 -26.78 12.22
CA GLY B 171 -17.52 -26.72 13.62
C GLY B 171 -18.85 -26.04 13.93
N TYR B 172 -19.18 -24.97 13.21
CA TYR B 172 -20.43 -24.24 13.47
C TYR B 172 -21.61 -25.07 12.96
N GLN B 173 -21.47 -25.59 11.74
CA GLN B 173 -22.60 -26.12 11.00
C GLN B 173 -22.75 -27.64 11.00
N GLY B 174 -21.69 -28.38 11.31
CA GLY B 174 -21.65 -29.85 11.09
C GLY B 174 -22.17 -30.14 9.70
N ASP B 175 -23.10 -31.08 9.58
CA ASP B 175 -23.67 -31.43 8.29
C ASP B 175 -24.71 -30.37 7.92
N ALA B 176 -24.38 -29.51 6.97
CA ALA B 176 -25.26 -28.39 6.59
C ALA B 176 -26.69 -28.79 6.18
N SER B 177 -26.85 -29.93 5.53
CA SER B 177 -28.19 -30.42 5.13
C SER B 177 -29.11 -30.83 6.29
N LYS B 178 -28.56 -30.86 7.51
CA LYS B 178 -29.32 -31.30 8.70
C LYS B 178 -29.38 -30.23 9.76
N LEU B 179 -29.27 -28.97 9.36
CA LEU B 179 -29.44 -27.88 10.32
C LEU B 179 -30.88 -27.77 10.83
N ASN B 180 -31.83 -28.43 10.19
CA ASN B 180 -33.19 -28.47 10.76
C ASN B 180 -33.33 -29.45 11.92
N GLU B 181 -32.35 -30.35 12.05
CA GLU B 181 -32.38 -31.43 13.06
C GLU B 181 -31.38 -31.21 14.17
N ASN B 182 -30.18 -30.78 13.83
CA ASN B 182 -29.10 -30.64 14.79
C ASN B 182 -29.15 -29.20 15.35
N LEU B 183 -29.96 -29.02 16.39
CA LEU B 183 -30.28 -27.71 16.93
C LEU B 183 -29.19 -27.12 17.84
N GLU B 184 -28.04 -27.81 17.91
CA GLU B 184 -26.88 -27.30 18.65
C GLU B 184 -25.80 -26.76 17.69
N GLN B 185 -25.99 -26.97 16.38
CA GLN B 185 -25.23 -26.31 15.35
C GLN B 185 -26.04 -25.15 14.78
N MET B 186 -25.37 -24.27 14.03
CA MET B 186 -25.97 -23.03 13.48
C MET B 186 -25.40 -22.72 12.11
N ALA B 187 -26.05 -21.80 11.40
CA ALA B 187 -25.58 -21.33 10.10
C ALA B 187 -24.36 -20.41 10.27
N ALA B 188 -23.39 -20.61 9.38
CA ALA B 188 -22.25 -19.75 9.26
C ALA B 188 -22.48 -18.76 8.13
N CYS B 189 -22.04 -17.53 8.37
CA CYS B 189 -22.00 -16.48 7.39
C CYS B 189 -20.55 -16.03 7.15
N VAL B 190 -20.04 -16.31 5.96
CA VAL B 190 -18.68 -15.88 5.54
C VAL B 190 -18.64 -14.34 5.37
N LYS B 191 -17.59 -13.71 5.86
CA LYS B 191 -17.50 -12.24 5.73
C LYS B 191 -16.02 -11.88 5.51
N HIS B 192 -15.67 -10.70 4.96
CA HIS B 192 -16.60 -9.74 4.36
C HIS B 192 -16.33 -9.76 2.86
N PHE B 193 -17.33 -10.09 2.02
CA PHE B 193 -17.05 -10.30 0.57
C PHE B 193 -16.97 -8.95 -0.16
N ALA B 194 -15.82 -8.50 -0.68
CA ALA B 194 -14.50 -9.13 -0.63
C ALA B 194 -13.38 -8.07 -0.46
N ALA B 195 -12.27 -8.57 0.08
CA ALA B 195 -10.90 -7.97 0.04
C ALA B 195 -10.73 -6.81 1.01
N TYR B 196 -11.57 -6.82 2.02
CA TYR B 196 -11.72 -5.74 3.03
C TYR B 196 -10.40 -5.43 3.79
N GLY B 197 -9.63 -6.48 4.02
CA GLY B 197 -8.36 -6.42 4.74
C GLY B 197 -7.24 -5.70 4.01
N ALA B 198 -7.48 -5.31 2.77
CA ALA B 198 -6.47 -4.59 2.00
C ALA B 198 -6.66 -3.08 2.17
N ALA B 199 -7.51 -2.65 3.11
CA ALA B 199 -7.73 -1.21 3.35
C ALA B 199 -6.42 -0.37 3.27
N GLU B 200 -6.45 0.68 2.46
CA GLU B 200 -5.21 1.44 2.21
C GLU B 200 -4.76 2.14 3.52
N ALA B 201 -3.44 2.13 3.74
CA ALA B 201 -2.80 2.72 4.90
C ALA B 201 -3.38 2.19 6.24
N GLY B 202 -4.00 1.01 6.19
CA GLY B 202 -4.62 0.35 7.34
C GLY B 202 -5.75 1.10 7.99
N LEU B 203 -6.27 2.11 7.26
CA LEU B 203 -7.32 2.97 7.76
C LEU B 203 -8.70 2.29 7.63
N GLU B 204 -9.49 2.25 8.68
CA GLU B 204 -10.77 1.57 8.61
C GLU B 204 -11.67 2.09 7.49
N TYR B 205 -12.30 1.14 6.79
CA TYR B 205 -13.30 1.40 5.70
C TYR B 205 -12.65 1.98 4.44
N ASN B 206 -11.31 2.10 4.44
CA ASN B 206 -10.62 2.85 3.38
C ASN B 206 -10.54 2.05 2.08
N THR B 207 -10.29 2.79 1.00
CA THR B 207 -10.08 2.29 -0.33
C THR B 207 -9.27 0.97 -0.39
N VAL B 208 -9.81 0.03 -1.16
CA VAL B 208 -9.14 -1.17 -1.55
C VAL B 208 -8.90 -1.10 -3.06
N ASN B 209 -7.70 -1.38 -3.51
CA ASN B 209 -7.43 -1.61 -4.94
C ASN B 209 -6.34 -2.61 -5.22
N MET B 210 -6.62 -3.47 -6.18
CA MET B 210 -5.70 -4.45 -6.68
CA MET B 210 -5.69 -4.44 -6.69
C MET B 210 -6.22 -4.94 -8.02
N SER B 211 -5.36 -5.53 -8.81
CA SER B 211 -5.79 -6.12 -10.06
C SER B 211 -6.69 -7.34 -9.83
N THR B 212 -7.55 -7.60 -10.81
CA THR B 212 -8.54 -8.70 -10.74
C THR B 212 -7.76 -10.01 -10.57
N ARG B 213 -6.65 -10.12 -11.27
CA ARG B 213 -5.81 -11.30 -11.10
C ARG B 213 -5.40 -11.53 -9.65
N GLU B 214 -4.92 -10.48 -8.99
CA GLU B 214 -4.54 -10.58 -7.59
C GLU B 214 -5.76 -10.86 -6.70
N LEU B 215 -6.89 -10.26 -7.03
CA LEU B 215 -8.15 -10.58 -6.30
C LEU B 215 -8.37 -12.11 -6.30
N TYR B 216 -8.39 -12.69 -7.50
CA TYR B 216 -8.53 -14.12 -7.67
C TYR B 216 -7.44 -14.94 -6.99
N GLN B 217 -6.17 -14.53 -7.17
CA GLN B 217 -5.03 -15.30 -6.74
C GLN B 217 -4.91 -15.40 -5.24
N ASN B 218 -5.17 -14.29 -4.52
CA ASN B 218 -4.91 -14.24 -3.06
C ASN B 218 -6.11 -13.90 -2.16
N TYR B 219 -7.00 -13.06 -2.63
CA TYR B 219 -7.99 -12.42 -1.79
C TYR B 219 -9.33 -13.22 -1.78
N LEU B 220 -9.59 -13.95 -2.87
CA LEU B 220 -10.84 -14.76 -2.97
C LEU B 220 -10.79 -16.22 -2.45
N PRO B 221 -9.60 -16.84 -2.39
CA PRO B 221 -9.64 -18.30 -2.15
C PRO B 221 -10.24 -18.74 -0.83
N ALA B 222 -10.01 -18.02 0.26
CA ALA B 222 -10.60 -18.53 1.49
C ALA B 222 -12.12 -18.39 1.46
N TYR B 223 -12.69 -17.27 0.96
CA TYR B 223 -14.18 -17.17 0.91
C TYR B 223 -14.69 -18.33 0.08
N ASN B 224 -14.00 -18.61 -1.02
CA ASN B 224 -14.42 -19.69 -1.93
C ASN B 224 -14.43 -21.02 -1.22
N ALA B 225 -13.32 -21.37 -0.60
CA ALA B 225 -13.21 -22.61 0.16
C ALA B 225 -14.34 -22.76 1.20
N ALA B 226 -14.64 -21.69 1.93
CA ALA B 226 -15.75 -21.77 2.95
C ALA B 226 -17.12 -21.97 2.32
N ILE B 227 -17.35 -21.31 1.19
CA ILE B 227 -18.56 -21.44 0.38
C ILE B 227 -18.68 -22.89 -0.12
N GLN B 228 -17.62 -23.40 -0.72
CA GLN B 228 -17.66 -24.80 -1.17
C GLN B 228 -17.82 -25.77 0.00
N ALA B 229 -17.40 -25.40 1.19
CA ALA B 229 -17.59 -26.31 2.29
C ALA B 229 -19.02 -26.25 2.83
N GLY B 230 -19.86 -25.38 2.26
CA GLY B 230 -21.28 -25.29 2.64
C GLY B 230 -21.74 -24.14 3.52
N ALA B 231 -20.95 -23.07 3.63
CA ALA B 231 -21.36 -21.89 4.39
C ALA B 231 -22.73 -21.39 3.94
N LYS B 232 -23.64 -21.13 4.89
CA LYS B 232 -25.02 -20.85 4.50
C LYS B 232 -25.24 -19.45 4.03
N LEU B 233 -24.59 -18.47 4.65
CA LEU B 233 -24.73 -17.06 4.23
C LEU B 233 -23.39 -16.47 3.77
N VAL B 234 -23.48 -15.35 3.08
CA VAL B 234 -22.28 -14.49 2.83
C VAL B 234 -22.66 -13.05 3.19
N MET B 235 -21.73 -12.31 3.78
CA MET B 235 -21.95 -10.86 4.08
C MET B 235 -21.08 -9.98 3.18
N THR B 236 -21.63 -8.86 2.69
CA THR B 236 -20.87 -7.94 1.86
C THR B 236 -19.82 -7.17 2.66
N ALA B 237 -18.83 -6.60 1.95
CA ALA B 237 -17.81 -5.75 2.53
C ALA B 237 -18.14 -4.23 2.41
N PHE B 238 -17.64 -3.45 3.37
CA PHE B 238 -17.68 -2.01 3.33
C PHE B 238 -16.92 -1.30 2.19
N ASN B 239 -15.84 -1.91 1.78
CA ASN B 239 -14.92 -1.27 0.80
C ASN B 239 -15.39 -1.37 -0.64
N VAL B 240 -14.87 -0.45 -1.46
CA VAL B 240 -14.95 -0.58 -2.90
C VAL B 240 -14.15 -1.76 -3.35
N VAL B 241 -14.64 -2.50 -4.32
CA VAL B 241 -13.78 -3.43 -5.06
C VAL B 241 -13.62 -2.85 -6.45
N ASP B 242 -12.40 -2.60 -6.84
CA ASP B 242 -12.11 -1.90 -8.08
C ASP B 242 -13.06 -0.74 -8.38
N GLY B 243 -13.19 0.17 -7.41
CA GLY B 243 -13.91 1.41 -7.64
C GLY B 243 -15.39 1.34 -7.34
N ILE B 244 -15.92 0.16 -7.07
CA ILE B 244 -17.34 -0.01 -6.85
C ILE B 244 -17.58 -0.68 -5.52
N PRO B 245 -18.27 0.01 -4.58
CA PRO B 245 -18.61 -0.62 -3.29
C PRO B 245 -19.11 -2.06 -3.43
N ALA B 246 -18.51 -2.98 -2.67
CA ALA B 246 -18.90 -4.35 -2.82
C ALA B 246 -20.41 -4.60 -2.78
N THR B 247 -21.14 -3.82 -1.99
CA THR B 247 -22.54 -4.16 -1.67
C THR B 247 -23.36 -4.05 -2.96
N MET B 248 -22.98 -3.14 -3.88
CA MET B 248 -23.70 -2.96 -5.18
C MET B 248 -22.83 -3.36 -6.39
N ASN B 249 -21.89 -4.23 -6.14
CA ASN B 249 -20.97 -4.55 -7.21
C ASN B 249 -21.54 -5.80 -7.88
N LYS B 250 -22.19 -5.55 -9.02
CA LYS B 250 -22.92 -6.62 -9.75
C LYS B 250 -21.92 -7.65 -10.17
N TRP B 251 -20.85 -7.23 -10.84
CA TRP B 251 -19.83 -8.21 -11.25
C TRP B 251 -19.43 -9.11 -10.06
N LEU B 252 -19.14 -8.51 -8.92
CA LEU B 252 -18.63 -9.29 -7.77
C LEU B 252 -19.62 -10.26 -7.16
N ASN B 253 -20.85 -9.80 -7.00
CA ASN B 253 -21.87 -10.54 -6.30
C ASN B 253 -22.71 -11.49 -7.16
N ARG B 254 -23.04 -11.13 -8.40
CA ARG B 254 -23.75 -12.03 -9.34
C ARG B 254 -22.78 -12.91 -10.10
N ASP B 255 -21.84 -12.27 -10.81
CA ASP B 255 -20.92 -13.01 -11.70
C ASP B 255 -19.98 -13.91 -10.90
N VAL B 256 -19.30 -13.37 -9.91
CA VAL B 256 -18.34 -14.18 -9.15
C VAL B 256 -18.96 -15.03 -8.03
N LEU B 257 -19.73 -14.41 -7.16
CA LEU B 257 -20.20 -15.12 -5.98
C LEU B 257 -21.30 -16.07 -6.38
N ARG B 258 -22.31 -15.57 -7.06
CA ARG B 258 -23.44 -16.46 -7.41
C ARG B 258 -23.12 -17.36 -8.59
N GLY B 259 -22.44 -16.79 -9.59
CA GLY B 259 -22.05 -17.49 -10.80
C GLY B 259 -20.92 -18.48 -10.58
N GLU B 260 -19.69 -17.98 -10.53
CA GLU B 260 -18.49 -18.82 -10.49
C GLU B 260 -18.44 -19.67 -9.24
N MET B 261 -18.73 -19.05 -8.11
CA MET B 261 -18.67 -19.74 -6.83
C MET B 261 -19.93 -20.55 -6.48
N GLU B 262 -21.02 -20.35 -7.24
CA GLU B 262 -22.27 -21.12 -7.15
C GLU B 262 -22.96 -20.99 -5.79
N PHE B 263 -22.75 -19.86 -5.14
CA PHE B 263 -23.43 -19.54 -3.91
C PHE B 263 -24.92 -19.26 -4.15
N ASP B 264 -25.80 -20.01 -3.49
CA ASP B 264 -27.24 -19.81 -3.70
C ASP B 264 -27.99 -19.47 -2.40
N GLY B 265 -27.24 -19.13 -1.34
CA GLY B 265 -27.81 -18.67 -0.07
C GLY B 265 -27.97 -17.15 0.08
N VAL B 266 -28.39 -16.72 1.27
CA VAL B 266 -28.72 -15.30 1.57
C VAL B 266 -27.46 -14.44 1.50
N LEU B 267 -27.51 -13.33 0.75
CA LEU B 267 -26.42 -12.36 0.75
C LEU B 267 -26.88 -11.19 1.61
N ILE B 268 -26.22 -11.04 2.75
CA ILE B 268 -26.59 -10.02 3.71
C ILE B 268 -25.59 -8.87 3.65
N SER B 269 -26.09 -7.63 3.76
CA SER B 269 -25.22 -6.45 3.77
C SER B 269 -24.47 -6.34 5.08
N ALA B 270 -23.24 -5.83 5.07
CA ALA B 270 -22.67 -5.43 6.34
C ALA B 270 -23.56 -4.31 6.91
N TRP B 271 -23.41 -4.00 8.17
CA TRP B 271 -24.19 -2.95 8.76
C TRP B 271 -24.20 -1.64 8.01
N GLY B 272 -25.40 -1.25 7.59
CA GLY B 272 -25.60 0.01 6.87
C GLY B 272 -25.02 0.11 5.47
N ALA B 273 -24.32 -0.93 5.01
CA ALA B 273 -23.54 -0.86 3.78
C ALA B 273 -24.35 -0.54 2.49
N VAL B 274 -25.66 -0.88 2.52
CA VAL B 274 -26.56 -0.54 1.41
C VAL B 274 -26.66 1.01 1.31
N ALA B 275 -27.06 1.68 2.38
CA ALA B 275 -27.16 3.16 2.42
C ALA B 275 -25.79 3.82 2.18
N GLU B 276 -24.72 3.19 2.63
CA GLU B 276 -23.41 3.79 2.54
C GLU B 276 -22.85 3.84 1.12
N VAL B 277 -23.49 3.20 0.13
CA VAL B 277 -23.00 3.37 -1.23
C VAL B 277 -23.26 4.83 -1.68
N ILE B 278 -24.19 5.52 -0.99
CA ILE B 278 -24.40 6.93 -1.25
C ILE B 278 -23.15 7.69 -0.82
N ASN B 279 -22.67 7.43 0.36
CA ASN B 279 -21.48 8.09 0.87
C ASN B 279 -20.30 7.86 -0.03
N HIS B 280 -20.18 6.65 -0.57
CA HIS B 280 -19.12 6.30 -1.51
C HIS B 280 -19.23 7.05 -2.83
N GLY B 281 -20.37 7.65 -3.11
CA GLY B 281 -20.55 8.35 -4.38
C GLY B 281 -20.93 7.52 -5.62
N THR B 282 -21.55 6.36 -5.44
CA THR B 282 -22.01 5.51 -6.52
C THR B 282 -23.53 5.24 -6.50
N ALA B 283 -24.20 6.05 -5.72
CA ALA B 283 -25.68 6.14 -5.73
C ALA B 283 -25.96 7.55 -5.29
N ARG B 284 -26.94 8.19 -5.91
CA ARG B 284 -27.32 9.57 -5.55
C ARG B 284 -28.16 9.64 -4.29
N ASN B 285 -28.85 8.57 -3.95
CA ASN B 285 -29.98 8.65 -3.03
C ASN B 285 -30.45 7.27 -2.66
N PRO B 286 -31.32 7.17 -1.63
CA PRO B 286 -31.71 5.77 -1.24
C PRO B 286 -32.51 4.97 -2.28
N LYS B 287 -33.12 5.66 -3.23
CA LYS B 287 -33.80 4.95 -4.35
C LYS B 287 -32.74 4.27 -5.26
N GLU B 288 -31.69 4.98 -5.59
CA GLU B 288 -30.59 4.41 -6.39
C GLU B 288 -29.82 3.29 -5.64
N ALA B 289 -29.58 3.50 -4.35
CA ALA B 289 -28.96 2.50 -3.48
C ALA B 289 -29.70 1.19 -3.43
N ALA B 290 -31.01 1.28 -3.17
CA ALA B 290 -31.87 0.11 -3.17
C ALA B 290 -31.79 -0.61 -4.53
N GLN B 291 -31.98 0.14 -5.61
CA GLN B 291 -32.09 -0.47 -6.90
C GLN B 291 -30.81 -1.19 -7.21
N PHE B 292 -29.68 -0.53 -6.95
CA PHE B 292 -28.37 -1.11 -7.32
C PHE B 292 -28.05 -2.32 -6.42
N SER B 293 -28.39 -2.24 -5.15
CA SER B 293 -28.03 -3.34 -4.28
C SER B 293 -28.91 -4.53 -4.58
N MET B 294 -30.18 -4.29 -4.95
CA MET B 294 -31.03 -5.42 -5.33
C MET B 294 -30.51 -5.98 -6.66
N GLU B 295 -30.20 -5.12 -7.60
CA GLU B 295 -29.53 -5.61 -8.83
C GLU B 295 -28.32 -6.52 -8.52
N ALA B 296 -27.53 -6.18 -7.51
CA ALA B 296 -26.28 -6.88 -7.24
C ALA B 296 -26.49 -8.22 -6.55
N GLY B 297 -27.69 -8.40 -6.02
CA GLY B 297 -28.14 -9.68 -5.43
C GLY B 297 -28.08 -9.70 -3.92
N VAL B 298 -28.16 -8.53 -3.31
CA VAL B 298 -28.12 -8.44 -1.83
C VAL B 298 -29.55 -8.73 -1.32
N ASP B 299 -29.68 -9.78 -0.51
CA ASP B 299 -31.01 -10.22 -0.09
C ASP B 299 -31.54 -9.56 1.19
N LEU B 300 -30.65 -9.01 2.02
CA LEU B 300 -31.00 -8.66 3.40
C LEU B 300 -30.25 -7.42 3.80
N GLU B 301 -30.98 -6.34 4.01
CA GLU B 301 -30.39 -5.04 4.30
C GLU B 301 -30.28 -4.88 5.81
N MET B 302 -29.05 -4.74 6.30
CA MET B 302 -28.84 -4.72 7.74
C MET B 302 -28.98 -3.29 8.30
N MET B 303 -30.13 -3.07 8.95
CA MET B 303 -30.39 -1.88 9.76
C MET B 303 -30.32 -0.54 9.01
N THR B 304 -30.51 -0.54 7.69
CA THR B 304 -30.92 0.69 7.01
C THR B 304 -32.21 0.43 6.21
N THR B 305 -32.78 1.48 5.62
CA THR B 305 -34.17 1.45 5.18
C THR B 305 -34.30 1.77 3.70
N CYS B 306 -33.26 1.53 2.89
CA CYS B 306 -33.38 1.78 1.47
C CYS B 306 -34.42 0.89 0.84
N TYR B 307 -34.33 -0.40 1.09
CA TYR B 307 -35.27 -1.34 0.47
C TYR B 307 -36.69 -1.01 0.94
N ILE B 308 -36.81 -0.86 2.26
CA ILE B 308 -38.12 -0.83 2.88
C ILE B 308 -38.89 0.42 2.39
N HIS B 309 -38.20 1.53 2.17
CA HIS B 309 -38.85 2.73 1.66
C HIS B 309 -38.87 2.91 0.12
N GLU B 310 -38.05 2.15 -0.60
CA GLU B 310 -37.84 2.38 -2.06
C GLU B 310 -38.22 1.27 -3.04
N LEU B 311 -38.25 0.02 -2.61
CA LEU B 311 -38.45 -1.06 -3.59
C LEU B 311 -39.82 -1.03 -4.28
N LYS B 312 -40.84 -0.65 -3.53
CA LYS B 312 -42.23 -0.69 -4.02
C LYS B 312 -42.32 0.21 -5.27
N GLY B 313 -41.98 1.48 -5.08
CA GLY B 313 -41.95 2.45 -6.17
C GLY B 313 -41.04 2.06 -7.33
N LEU B 314 -39.92 1.42 -7.02
CA LEU B 314 -39.01 0.93 -8.05
C LEU B 314 -39.62 -0.16 -8.84
N ILE B 315 -40.40 -1.01 -8.19
CA ILE B 315 -41.07 -2.09 -8.89
C ILE B 315 -42.31 -1.56 -9.61
N GLU B 316 -43.06 -0.70 -8.94
CA GLU B 316 -44.23 -0.08 -9.58
C GLU B 316 -43.84 0.69 -10.84
N GLU B 317 -42.78 1.50 -10.76
CA GLU B 317 -42.30 2.28 -11.90
C GLU B 317 -41.64 1.43 -12.98
N GLY B 318 -41.41 0.13 -12.73
CA GLY B 318 -40.69 -0.74 -13.66
C GLY B 318 -39.17 -0.57 -13.79
N LYS B 319 -38.56 0.18 -12.88
CA LYS B 319 -37.07 0.34 -12.90
C LYS B 319 -36.32 -0.89 -12.35
N LEU B 320 -37.08 -1.80 -11.71
CA LEU B 320 -36.64 -3.02 -11.10
C LEU B 320 -37.68 -4.16 -11.29
N SER B 321 -37.23 -5.36 -11.67
CA SER B 321 -38.13 -6.51 -11.77
C SER B 321 -38.50 -7.09 -10.41
N GLU B 322 -39.79 -7.28 -10.20
CA GLU B 322 -40.30 -8.01 -9.04
C GLU B 322 -39.70 -9.42 -8.86
N ASN B 323 -39.17 -9.99 -9.94
CA ASN B 323 -38.54 -11.31 -9.88
C ASN B 323 -37.28 -11.36 -9.05
N LEU B 324 -36.47 -10.32 -9.15
CA LEU B 324 -35.30 -10.20 -8.29
C LEU B 324 -35.72 -10.22 -6.83
N LEU B 325 -36.82 -9.53 -6.53
CA LEU B 325 -37.31 -9.51 -5.12
C LEU B 325 -37.73 -10.90 -4.72
N ASP B 326 -38.53 -11.54 -5.56
CA ASP B 326 -39.03 -12.90 -5.29
C ASP B 326 -37.93 -13.88 -5.00
N GLU B 327 -36.81 -13.69 -5.72
CA GLU B 327 -35.64 -14.51 -5.55
C GLU B 327 -34.95 -14.26 -4.19
N ALA B 328 -34.76 -13.01 -3.83
CA ALA B 328 -34.26 -12.67 -2.49
C ALA B 328 -35.16 -13.29 -1.38
N VAL B 329 -36.48 -13.05 -1.47
CA VAL B 329 -37.44 -13.67 -0.53
C VAL B 329 -37.29 -15.20 -0.46
N LEU B 330 -37.16 -15.88 -1.60
CA LEU B 330 -37.09 -17.32 -1.56
C LEU B 330 -35.84 -17.79 -0.80
N ARG B 331 -34.75 -17.11 -1.02
CA ARG B 331 -33.51 -17.43 -0.33
C ARG B 331 -33.69 -17.21 1.17
N MET B 332 -34.38 -16.16 1.56
CA MET B 332 -34.62 -15.94 3.01
C MET B 332 -35.48 -17.04 3.63
N LEU B 333 -36.56 -17.37 2.94
CA LEU B 333 -37.43 -18.46 3.38
C LEU B 333 -36.68 -19.81 3.37
N ASN B 334 -35.81 -20.05 2.40
CA ASN B 334 -35.08 -21.33 2.39
C ASN B 334 -34.11 -21.44 3.54
N LEU B 335 -33.51 -20.31 3.93
CA LEU B 335 -32.60 -20.31 5.10
C LEU B 335 -33.43 -20.63 6.36
N LYS B 336 -34.60 -20.03 6.50
CA LYS B 336 -35.46 -20.37 7.62
C LYS B 336 -35.85 -21.86 7.60
N ASN B 337 -36.13 -22.37 6.41
CA ASN B 337 -36.51 -23.76 6.27
C ASN B 337 -35.36 -24.73 6.58
N ASP B 338 -34.14 -24.41 6.13
CA ASP B 338 -32.91 -25.14 6.49
C ASP B 338 -32.61 -25.21 7.98
N LEU B 339 -33.01 -24.17 8.72
CA LEU B 339 -32.89 -24.10 10.20
C LEU B 339 -34.06 -24.74 10.96
N GLY B 340 -35.13 -25.06 10.23
CA GLY B 340 -36.22 -25.80 10.80
C GLY B 340 -37.26 -24.89 11.39
N LEU B 341 -37.20 -23.60 11.04
CA LEU B 341 -38.03 -22.61 11.74
C LEU B 341 -39.53 -22.80 11.49
N PHE B 342 -39.85 -23.44 10.37
CA PHE B 342 -41.26 -23.71 10.05
C PHE B 342 -41.90 -24.82 10.88
N GLU B 343 -41.12 -25.71 11.47
CA GLU B 343 -41.65 -26.74 12.36
C GLU B 343 -41.46 -26.29 13.81
N ASP B 344 -40.30 -25.69 14.09
CA ASP B 344 -39.94 -25.13 15.42
C ASP B 344 -39.25 -23.75 15.29
N PRO B 345 -40.03 -22.66 15.37
CA PRO B 345 -39.49 -21.28 15.31
C PRO B 345 -38.59 -20.87 16.49
N TYR B 346 -38.65 -21.62 17.57
CA TYR B 346 -37.81 -21.39 18.79
C TYR B 346 -36.53 -22.22 18.79
N ARG B 347 -36.35 -22.97 17.70
CA ARG B 347 -35.17 -23.78 17.45
C ARG B 347 -34.65 -24.49 18.68
N GLY B 348 -35.51 -25.30 19.28
CA GLY B 348 -35.14 -26.20 20.39
C GLY B 348 -35.29 -25.60 21.78
N LEU B 349 -35.65 -24.34 21.88
CA LEU B 349 -35.65 -23.68 23.18
C LEU B 349 -36.99 -23.79 23.89
N LYS B 350 -38.08 -23.98 23.14
CA LYS B 350 -39.43 -23.71 23.64
C LYS B 350 -39.70 -24.35 24.99
N ASN B 351 -39.65 -25.68 25.09
CA ASN B 351 -39.78 -26.32 26.43
C ASN B 351 -38.54 -27.03 26.89
N ASN B 352 -37.39 -26.45 26.57
CA ASN B 352 -36.11 -26.94 26.98
C ASN B 352 -35.19 -25.75 27.23
N ASP B 353 -35.05 -25.37 28.50
CA ASP B 353 -34.13 -24.30 28.89
C ASP B 353 -32.68 -24.83 28.93
N ARG B 354 -31.86 -24.49 27.92
CA ARG B 354 -30.48 -24.99 27.79
C ARG B 354 -29.41 -24.12 28.49
N THR B 355 -29.80 -23.36 29.53
CA THR B 355 -28.83 -22.68 30.41
C THR B 355 -27.72 -23.65 30.77
N LYS B 356 -28.07 -24.91 31.08
CA LYS B 356 -27.06 -25.94 31.45
C LYS B 356 -25.83 -25.93 30.53
N ASP B 357 -26.03 -25.66 29.24
CA ASP B 357 -24.95 -25.83 28.24
C ASP B 357 -23.95 -24.67 28.18
N ILE B 358 -24.14 -23.61 28.98
CA ILE B 358 -23.36 -22.39 28.77
C ILE B 358 -22.25 -22.25 29.81
N LEU B 359 -21.03 -22.07 29.34
CA LEU B 359 -19.91 -21.86 30.25
C LEU B 359 -19.73 -23.04 31.22
N THR B 360 -19.78 -24.26 30.67
CA THR B 360 -19.46 -25.48 31.44
C THR B 360 -17.95 -25.54 31.66
N ASP B 361 -17.57 -26.37 32.64
CA ASP B 361 -16.18 -26.72 32.89
C ASP B 361 -15.55 -27.43 31.69
N GLU B 362 -16.31 -28.29 31.01
CA GLU B 362 -15.80 -28.96 29.82
C GLU B 362 -15.40 -27.91 28.75
N SER B 363 -16.27 -26.90 28.61
CA SER B 363 -16.04 -25.87 27.58
C SER B 363 -14.80 -25.05 27.89
N ARG B 364 -14.67 -24.64 29.14
CA ARG B 364 -13.53 -23.87 29.66
C ARG B 364 -12.23 -24.61 29.43
N GLY B 365 -12.21 -25.92 29.69
CA GLY B 365 -11.03 -26.74 29.36
C GLY B 365 -10.61 -26.73 27.88
N LYS B 366 -11.60 -26.74 26.98
CA LYS B 366 -11.37 -26.60 25.51
C LYS B 366 -10.82 -25.20 25.15
N ALA B 367 -11.35 -24.16 25.79
CA ALA B 367 -10.83 -22.79 25.54
C ALA B 367 -9.42 -22.62 26.06
N ARG B 368 -9.13 -23.20 27.24
CA ARG B 368 -7.73 -23.23 27.73
C ARG B 368 -6.82 -23.96 26.78
N ALA B 369 -7.28 -25.09 26.25
CA ALA B 369 -6.48 -25.90 25.31
C ALA B 369 -6.27 -25.11 24.04
N ALA B 370 -7.32 -24.41 23.60
CA ALA B 370 -7.18 -23.55 22.43
C ALA B 370 -6.09 -22.47 22.69
N GLY B 371 -6.12 -21.83 23.84
CA GLY B 371 -5.11 -20.81 24.20
C GLY B 371 -3.72 -21.40 24.19
N VAL B 372 -3.55 -22.61 24.76
CA VAL B 372 -2.20 -23.21 24.76
C VAL B 372 -1.71 -23.67 23.43
N GLU B 373 -2.64 -23.98 22.51
CA GLU B 373 -2.28 -24.31 21.11
C GLU B 373 -1.82 -23.09 20.30
N SER B 374 -2.40 -21.95 20.66
CA SER B 374 -2.32 -20.72 19.86
C SER B 374 -1.20 -19.77 20.22
N ALA B 375 -0.71 -19.82 21.47
CA ALA B 375 0.36 -18.91 21.91
C ALA B 375 1.61 -19.20 21.11
N VAL B 376 2.47 -18.20 20.96
CA VAL B 376 3.70 -18.34 20.15
C VAL B 376 4.92 -17.92 20.96
N LEU B 377 5.85 -18.85 21.17
CA LEU B 377 7.07 -18.56 21.93
C LEU B 377 8.08 -17.99 20.93
N LEU B 378 8.50 -16.77 21.13
CA LEU B 378 9.27 -15.99 20.16
C LEU B 378 10.73 -15.97 20.53
N GLU B 379 11.00 -15.89 21.83
CA GLU B 379 12.37 -15.91 22.36
C GLU B 379 12.37 -16.73 23.62
N ASN B 380 13.47 -17.43 23.82
CA ASN B 380 13.72 -18.10 25.09
C ASN B 380 15.21 -18.26 25.20
N LYS B 381 15.88 -17.25 25.70
CA LYS B 381 17.36 -17.31 25.76
C LYS B 381 17.80 -18.07 26.98
N SER B 382 18.57 -19.13 26.71
CA SER B 382 19.25 -19.92 27.69
C SER B 382 18.27 -20.67 28.63
N ARG B 383 17.16 -21.13 28.08
CA ARG B 383 16.24 -22.03 28.79
C ARG B 383 15.64 -21.38 30.02
N LEU B 384 15.45 -20.06 29.96
CA LEU B 384 14.73 -19.39 30.99
C LEU B 384 13.44 -20.17 31.25
N LEU B 385 12.72 -20.49 30.19
CA LEU B 385 11.38 -21.20 30.39
C LEU B 385 11.51 -22.69 30.02
N PRO B 386 10.66 -23.55 30.60
CA PRO B 386 9.63 -23.32 31.59
C PRO B 386 10.24 -22.92 32.92
N LEU B 387 9.51 -22.12 33.70
CA LEU B 387 9.91 -21.80 35.05
C LEU B 387 9.62 -23.04 35.98
N ALA B 388 10.51 -23.34 36.95
CA ALA B 388 10.18 -24.34 37.98
C ALA B 388 9.06 -23.75 38.84
N LYS B 389 8.24 -24.60 39.44
CA LYS B 389 7.10 -24.12 40.18
C LYS B 389 7.47 -23.43 41.48
N GLU B 390 8.69 -23.64 41.95
CA GLU B 390 9.19 -22.94 43.15
C GLU B 390 9.90 -21.59 42.77
N ALA B 391 9.99 -21.28 41.49
CA ALA B 391 10.54 -19.99 41.06
C ALA B 391 9.71 -18.85 41.69
N LYS B 392 10.43 -17.84 42.19
CA LYS B 392 9.79 -16.76 42.88
C LYS B 392 9.63 -15.65 41.84
N ILE B 393 8.37 -15.24 41.68
CA ILE B 393 8.00 -14.44 40.52
C ILE B 393 7.63 -13.00 40.89
N ALA B 394 8.34 -12.05 40.32
CA ALA B 394 7.88 -10.71 40.29
C ALA B 394 7.00 -10.57 39.02
N LEU B 395 5.71 -10.37 39.24
CA LEU B 395 4.75 -10.28 38.14
C LEU B 395 4.41 -8.79 37.99
N VAL B 396 4.88 -8.14 36.93
CA VAL B 396 4.68 -6.68 36.80
C VAL B 396 4.18 -6.25 35.44
N GLY B 397 3.51 -5.10 35.41
CA GLY B 397 3.03 -4.50 34.15
C GLY B 397 1.50 -4.34 34.08
N PRO B 398 1.01 -3.77 32.97
CA PRO B 398 -0.38 -3.47 32.76
C PRO B 398 -1.24 -4.69 32.67
N LEU B 399 -0.68 -5.81 32.23
CA LEU B 399 -1.43 -7.05 32.13
C LEU B 399 -1.26 -7.99 33.33
N ALA B 400 -0.64 -7.52 34.42
CA ALA B 400 -0.52 -8.29 35.65
C ALA B 400 -1.89 -8.70 36.17
N THR B 401 -2.77 -7.71 36.30
CA THR B 401 -4.11 -7.85 36.92
C THR B 401 -5.26 -7.44 35.98
N SER B 402 -4.95 -6.93 34.80
CA SER B 402 -6.04 -6.44 33.95
C SER B 402 -7.04 -7.53 33.61
N PRO B 403 -8.34 -7.21 33.72
CA PRO B 403 -9.28 -8.21 33.28
C PRO B 403 -9.45 -8.22 31.75
N ASP B 404 -8.81 -7.27 31.05
CA ASP B 404 -8.96 -7.12 29.59
C ASP B 404 -8.12 -8.14 28.80
N ILE B 405 -8.56 -9.38 28.89
CA ILE B 405 -7.88 -10.51 28.24
C ILE B 405 -8.75 -11.39 27.36
N LEU B 406 -9.99 -10.94 27.11
CA LEU B 406 -10.98 -11.73 26.35
C LEU B 406 -10.90 -11.43 24.86
N GLY B 407 -10.35 -10.26 24.51
CA GLY B 407 -10.16 -9.86 23.14
C GLY B 407 -11.28 -8.97 22.57
N GLY B 408 -10.99 -8.40 21.42
CA GLY B 408 -12.01 -7.69 20.70
C GLY B 408 -13.06 -8.64 20.13
N TRP B 409 -14.15 -8.06 19.66
CA TRP B 409 -15.24 -8.86 19.14
C TRP B 409 -15.62 -9.96 20.13
N ASN B 410 -15.68 -9.58 21.39
CA ASN B 410 -16.28 -10.39 22.43
C ASN B 410 -17.61 -9.76 22.78
N VAL B 411 -18.65 -10.11 22.05
CA VAL B 411 -19.95 -9.48 22.22
C VAL B 411 -20.72 -10.01 23.43
N TYR B 412 -20.53 -11.27 23.81
CA TYR B 412 -21.38 -11.88 24.84
C TYR B 412 -20.62 -12.35 26.07
N GLY B 413 -19.28 -12.41 26.01
CA GLY B 413 -18.52 -12.91 27.17
C GLY B 413 -18.29 -11.81 28.20
N GLU B 414 -18.12 -12.21 29.45
CA GLU B 414 -18.06 -11.26 30.55
C GLU B 414 -16.71 -11.40 31.22
N GLU B 415 -16.09 -10.26 31.47
CA GLU B 415 -14.75 -10.26 32.07
C GLU B 415 -14.77 -10.86 33.46
N LYS B 416 -15.92 -10.82 34.13
CA LYS B 416 -16.01 -11.34 35.48
C LYS B 416 -15.76 -12.84 35.51
N ASP B 417 -16.03 -13.55 34.41
CA ASP B 417 -15.76 -15.01 34.29
C ASP B 417 -14.33 -15.34 33.84
N GLY B 418 -13.57 -14.32 33.46
CA GLY B 418 -12.20 -14.56 32.95
C GLY B 418 -11.17 -14.77 34.07
N ILE B 419 -10.04 -15.34 33.74
CA ILE B 419 -8.97 -15.56 34.68
C ILE B 419 -7.79 -14.67 34.30
N ASN B 420 -7.50 -13.70 35.15
CA ASN B 420 -6.39 -12.80 34.89
C ASN B 420 -5.02 -13.44 35.13
N VAL B 421 -3.95 -12.74 34.72
CA VAL B 421 -2.63 -13.33 34.84
C VAL B 421 -2.24 -13.67 36.30
N GLU B 422 -2.42 -12.75 37.23
CA GLU B 422 -2.12 -13.04 38.63
C GLU B 422 -2.86 -14.28 39.16
N THR B 423 -4.17 -14.36 38.91
CA THR B 423 -4.96 -15.49 39.41
C THR B 423 -4.45 -16.82 38.86
N GLY B 424 -4.15 -16.80 37.56
CA GLY B 424 -3.55 -17.96 36.90
C GLY B 424 -2.24 -18.35 37.56
N LEU B 425 -1.34 -17.40 37.66
CA LEU B 425 -0.01 -17.69 38.18
C LEU B 425 -0.08 -18.19 39.62
N ARG B 426 -1.01 -17.66 40.38
CA ARG B 426 -1.09 -18.08 41.79
C ARG B 426 -1.66 -19.48 41.97
N GLU B 427 -2.28 -20.07 40.95
CA GLU B 427 -2.70 -21.47 41.01
C GLU B 427 -1.54 -22.45 40.78
N VAL B 428 -0.45 -21.95 40.22
CA VAL B 428 0.61 -22.81 39.79
C VAL B 428 1.82 -22.53 40.69
N PHE B 429 2.15 -21.26 40.93
CA PHE B 429 3.42 -20.86 41.60
C PHE B 429 3.15 -20.34 42.97
N GLU B 430 4.02 -20.70 43.92
CA GLU B 430 3.73 -20.51 45.34
C GLU B 430 4.06 -19.09 45.71
N THR B 431 5.13 -18.54 45.11
CA THR B 431 5.50 -17.15 45.39
C THR B 431 5.36 -16.22 44.18
N VAL B 432 4.36 -15.34 44.28
CA VAL B 432 4.19 -14.25 43.31
C VAL B 432 4.05 -12.91 44.00
N GLU B 433 4.87 -11.96 43.60
CA GLU B 433 4.73 -10.60 44.04
C GLU B 433 4.28 -9.76 42.83
N VAL B 434 3.26 -8.93 43.01
CA VAL B 434 2.56 -8.26 41.89
C VAL B 434 2.74 -6.78 41.99
N VAL B 435 3.18 -6.13 40.92
CA VAL B 435 3.09 -4.66 40.81
C VAL B 435 2.38 -4.34 39.48
N SER B 436 1.13 -3.91 39.60
CA SER B 436 0.33 -3.45 38.48
C SER B 436 0.80 -2.03 38.06
N THR B 437 0.96 -1.80 36.76
CA THR B 437 1.15 -0.45 36.26
C THR B 437 0.02 -0.13 35.26
N GLU B 438 -0.03 1.11 34.79
CA GLU B 438 -1.06 1.54 33.88
C GLU B 438 -0.65 1.23 32.46
N TYR B 439 -1.62 1.22 31.52
CA TYR B 439 -1.30 0.91 30.14
C TYR B 439 -0.41 1.92 29.42
N THR B 440 -0.47 3.19 29.83
CA THR B 440 0.09 4.29 29.05
C THR B 440 1.02 5.21 29.84
N GLU B 441 1.33 4.82 31.08
CA GLU B 441 2.16 5.61 32.01
C GLU B 441 3.21 4.72 32.71
N LEU B 442 4.29 5.35 33.17
CA LEU B 442 5.29 4.71 34.00
C LEU B 442 5.80 5.75 34.98
N SER B 443 5.32 5.71 36.22
CA SER B 443 5.56 6.80 37.15
C SER B 443 6.79 6.45 37.97
N GLU B 444 7.44 7.45 38.52
CA GLU B 444 8.51 7.22 39.50
C GLU B 444 8.10 6.27 40.62
N GLU B 445 6.88 6.44 41.12
CA GLU B 445 6.37 5.58 42.18
C GLU B 445 6.28 4.10 41.73
N ASP B 446 5.84 3.86 40.49
CA ASP B 446 5.84 2.50 39.90
C ASP B 446 7.26 1.92 39.88
N LYS B 447 8.20 2.73 39.42
CA LYS B 447 9.59 2.24 39.30
C LYS B 447 10.18 1.76 40.64
N VAL B 448 9.87 2.49 41.72
CA VAL B 448 10.31 2.11 43.09
C VAL B 448 9.65 0.80 43.49
N ALA B 449 8.32 0.65 43.29
CA ALA B 449 7.60 -0.58 43.61
C ALA B 449 8.03 -1.75 42.77
N VAL B 450 8.22 -1.53 41.47
CA VAL B 450 8.78 -2.59 40.62
C VAL B 450 10.13 -3.03 41.14
N LYS B 451 10.97 -2.10 41.46
CA LYS B 451 12.34 -2.43 41.89
C LYS B 451 12.40 -3.25 43.17
N ALA B 452 11.60 -2.86 44.14
CA ALA B 452 11.46 -3.61 45.38
C ALA B 452 10.99 -5.04 45.12
N ALA B 453 10.01 -5.25 44.24
CA ALA B 453 9.48 -6.60 43.95
C ALA B 453 10.49 -7.48 43.21
N VAL B 454 11.18 -6.91 42.23
CA VAL B 454 12.22 -7.69 41.50
C VAL B 454 13.39 -8.10 42.44
N GLN B 455 13.91 -7.16 43.22
CA GLN B 455 14.94 -7.52 44.22
C GLN B 455 14.51 -8.65 45.14
N ASN B 456 13.25 -8.68 45.54
CA ASN B 456 12.71 -9.80 46.32
C ASN B 456 12.67 -11.19 45.65
N MET B 457 12.47 -11.24 44.33
CA MET B 457 12.16 -12.51 43.65
C MET B 457 13.30 -12.99 42.76
N ASP B 458 13.10 -14.13 42.10
CA ASP B 458 14.12 -14.67 41.20
C ASP B 458 13.90 -14.28 39.74
N VAL B 459 12.66 -14.04 39.33
CA VAL B 459 12.41 -13.83 37.87
C VAL B 459 11.26 -12.89 37.64
N VAL B 460 11.31 -12.20 36.51
CA VAL B 460 10.34 -11.18 36.26
C VAL B 460 9.42 -11.74 35.18
N VAL B 461 8.12 -11.83 35.51
CA VAL B 461 7.09 -11.96 34.49
C VAL B 461 6.55 -10.56 34.20
N LEU B 462 6.97 -10.04 33.04
CA LEU B 462 6.62 -8.69 32.57
C LEU B 462 5.43 -8.80 31.63
N ALA B 463 4.28 -8.36 32.08
CA ALA B 463 3.02 -8.59 31.38
C ALA B 463 2.59 -7.29 30.68
N LEU B 464 2.85 -7.25 29.40
CA LEU B 464 2.57 -6.08 28.57
C LEU B 464 1.38 -6.29 27.60
N GLY B 465 0.78 -5.21 27.13
CA GLY B 465 -0.17 -5.35 26.05
C GLY B 465 -1.06 -4.20 25.71
N GLU B 466 -1.99 -4.49 24.78
CA GLU B 466 -2.98 -3.56 24.29
C GLU B 466 -4.29 -3.70 25.03
N LYS B 467 -5.03 -2.59 25.21
CA LYS B 467 -6.46 -2.67 25.54
C LYS B 467 -7.12 -3.24 24.27
N ASN B 468 -8.16 -4.06 24.38
CA ASN B 468 -8.75 -4.62 23.14
C ASN B 468 -9.30 -3.52 22.25
N GLU B 469 -9.68 -2.39 22.87
CA GLU B 469 -10.26 -1.27 22.16
C GLU B 469 -9.29 -0.58 21.19
N TRP B 470 -7.99 -0.86 21.28
CA TRP B 470 -7.04 -0.31 20.33
C TRP B 470 -6.99 -1.08 18.98
N GLY B 471 -7.86 -2.09 18.85
CA GLY B 471 -8.09 -2.84 17.66
C GLY B 471 -9.54 -3.30 17.53
N GLY B 472 -9.79 -4.32 16.70
CA GLY B 472 -11.14 -4.63 16.29
C GLY B 472 -11.61 -3.61 15.27
N GLU B 473 -12.93 -3.49 15.07
CA GLU B 473 -13.44 -2.56 14.08
C GLU B 473 -13.16 -1.12 14.46
N ALA B 474 -12.56 -0.38 13.50
CA ALA B 474 -12.39 1.04 13.57
C ALA B 474 -11.41 1.32 14.71
N GLY B 475 -10.55 0.35 14.94
CA GLY B 475 -9.39 0.45 15.81
C GLY B 475 -8.06 0.44 14.97
N SER B 476 -7.90 1.46 14.16
CA SER B 476 -6.81 1.60 13.22
C SER B 476 -5.69 2.39 13.89
N LEU B 477 -4.46 1.87 13.88
CA LEU B 477 -3.31 2.56 14.47
C LEU B 477 -2.32 2.85 13.38
N ALA B 478 -2.00 4.12 13.20
CA ALA B 478 -0.93 4.46 12.27
C ALA B 478 0.46 3.88 12.64
N THR B 479 0.80 3.79 13.90
CA THR B 479 2.08 3.25 14.33
C THR B 479 1.80 1.99 15.13
N ILE B 480 2.31 0.85 14.68
CA ILE B 480 2.01 -0.43 15.37
C ILE B 480 2.93 -0.72 16.53
N ARG B 481 2.86 0.13 17.57
CA ARG B 481 3.60 0.01 18.80
C ARG B 481 2.69 0.08 20.01
N LEU B 482 3.14 -0.53 21.09
CA LEU B 482 2.53 -0.32 22.39
C LEU B 482 2.75 1.09 22.77
N PRO B 483 2.00 1.59 23.74
CA PRO B 483 2.37 2.87 24.34
C PRO B 483 3.84 2.91 24.79
N GLU B 484 4.47 4.03 24.55
CA GLU B 484 5.89 4.16 24.81
C GLU B 484 6.26 3.88 26.29
N ALA B 485 5.34 4.11 27.24
CA ALA B 485 5.54 3.74 28.65
C ALA B 485 5.83 2.26 28.86
N GLN B 486 5.26 1.39 28.04
CA GLN B 486 5.53 -0.05 28.18
C GLN B 486 6.94 -0.46 27.68
N TYR B 487 7.37 0.17 26.60
CA TYR B 487 8.75 -0.03 26.12
C TYR B 487 9.76 0.49 27.19
N GLN B 488 9.44 1.62 27.81
CA GLN B 488 10.25 2.21 28.88
C GLN B 488 10.31 1.25 30.04
N LEU B 489 9.17 0.64 30.37
CA LEU B 489 9.10 -0.29 31.47
C LEU B 489 9.94 -1.49 31.21
N ALA B 490 9.95 -1.96 29.95
CA ALA B 490 10.76 -3.12 29.62
C ALA B 490 12.25 -2.76 29.69
N LYS B 491 12.59 -1.55 29.28
CA LYS B 491 13.98 -1.08 29.44
C LYS B 491 14.36 -0.98 30.95
N PHE B 492 13.48 -0.42 31.78
CA PHE B 492 13.74 -0.27 33.21
C PHE B 492 13.98 -1.63 33.84
N VAL B 493 13.06 -2.57 33.60
CA VAL B 493 13.11 -3.91 34.20
C VAL B 493 14.35 -4.68 33.85
N GLN B 494 14.79 -4.55 32.60
CA GLN B 494 16.05 -5.14 32.15
C GLN B 494 17.25 -4.67 33.01
N THR B 495 17.20 -3.45 33.50
CA THR B 495 18.37 -2.94 34.26
C THR B 495 18.46 -3.56 35.64
N LEU B 496 17.42 -4.26 36.08
CA LEU B 496 17.38 -4.77 37.44
C LEU B 496 18.20 -6.05 37.72
N GLY B 497 18.85 -6.62 36.72
CA GLY B 497 19.74 -7.73 36.95
C GLY B 497 19.15 -9.13 36.90
N LYS B 498 17.82 -9.26 36.84
CA LYS B 498 17.14 -10.56 36.99
C LYS B 498 16.55 -11.06 35.69
N PRO B 499 16.52 -12.38 35.45
CA PRO B 499 15.92 -12.85 34.17
C PRO B 499 14.48 -12.39 33.96
N VAL B 500 14.14 -12.02 32.73
CA VAL B 500 12.82 -11.51 32.40
C VAL B 500 12.11 -12.31 31.31
N VAL B 501 10.88 -12.74 31.60
CA VAL B 501 9.99 -13.28 30.54
C VAL B 501 8.96 -12.21 30.25
N ILE B 502 8.73 -11.88 28.97
CA ILE B 502 7.63 -10.95 28.64
C ILE B 502 6.48 -11.75 28.06
N THR B 503 5.31 -11.55 28.65
CA THR B 503 4.11 -12.22 28.23
C THR B 503 3.32 -11.05 27.60
N LEU B 504 3.15 -11.08 26.28
CA LEU B 504 2.54 -10.01 25.52
C LEU B 504 1.14 -10.40 25.09
N PHE B 505 0.18 -9.52 25.39
CA PHE B 505 -1.21 -9.66 25.08
C PHE B 505 -1.62 -8.54 24.11
N ASN B 506 -2.26 -8.92 23.01
CA ASN B 506 -2.52 -8.00 21.90
C ASN B 506 -3.36 -8.64 20.78
N GLY B 507 -3.87 -7.77 19.90
CA GLY B 507 -4.67 -8.14 18.72
C GLY B 507 -4.08 -7.93 17.35
N ARG B 508 -2.79 -7.57 17.29
CA ARG B 508 -2.07 -7.29 16.05
C ARG B 508 -0.59 -7.49 16.22
N PRO B 509 0.09 -7.89 15.13
CA PRO B 509 1.53 -7.65 15.12
C PRO B 509 1.88 -6.28 15.66
N LEU B 510 2.89 -6.25 16.50
CA LEU B 510 3.47 -5.00 16.98
C LEU B 510 4.98 -4.98 16.70
N GLU B 511 5.54 -3.79 16.78
CA GLU B 511 7.00 -3.59 16.77
C GLU B 511 7.60 -4.14 18.09
N VAL B 512 8.14 -5.36 18.08
CA VAL B 512 8.59 -6.01 19.29
C VAL B 512 10.11 -6.13 19.42
N LYS B 513 10.86 -5.61 18.44
CA LYS B 513 12.32 -5.69 18.52
C LYS B 513 12.82 -5.27 19.91
N GLU B 514 12.29 -4.13 20.38
CA GLU B 514 12.76 -3.54 21.62
C GLU B 514 12.35 -4.35 22.83
N LEU B 515 11.34 -5.20 22.70
CA LEU B 515 10.97 -6.10 23.75
C LEU B 515 11.85 -7.34 23.80
N ALA B 516 12.07 -7.94 22.65
CA ALA B 516 12.99 -9.08 22.50
C ALA B 516 14.38 -8.71 22.98
N GLU B 517 14.81 -7.51 22.64
CA GLU B 517 16.14 -7.11 23.04
C GLU B 517 16.22 -6.74 24.50
N SER B 518 15.10 -6.50 25.18
CA SER B 518 15.13 -6.11 26.57
C SER B 518 14.74 -7.24 27.56
N SER B 519 14.58 -8.47 27.01
CA SER B 519 14.18 -9.55 27.79
C SER B 519 14.88 -10.86 27.38
N ASP B 520 14.73 -11.86 28.23
CA ASP B 520 15.35 -13.14 27.98
C ASP B 520 14.42 -14.06 27.23
N ALA B 521 13.13 -13.94 27.49
CA ALA B 521 12.16 -14.74 26.79
C ALA B 521 10.96 -13.85 26.44
N LEU B 522 10.17 -14.29 25.46
CA LEU B 522 9.05 -13.51 24.99
C LEU B 522 7.98 -14.46 24.49
N LEU B 523 6.79 -14.40 25.11
CA LEU B 523 5.71 -15.25 24.79
C LEU B 523 4.55 -14.37 24.28
N GLU B 524 4.10 -14.68 23.08
CA GLU B 524 3.00 -13.98 22.45
C GLU B 524 1.74 -14.77 22.76
N LEU B 525 0.90 -14.24 23.66
CA LEU B 525 -0.34 -14.89 24.09
C LEU B 525 -1.57 -14.38 23.26
N TRP B 526 -1.42 -13.26 22.57
CA TRP B 526 -2.50 -12.59 21.91
C TRP B 526 -3.57 -12.33 22.96
N PHE B 527 -4.81 -12.53 22.62
CA PHE B 527 -5.87 -12.50 23.65
C PHE B 527 -6.44 -13.90 23.68
N PRO B 528 -6.09 -14.68 24.73
CA PRO B 528 -6.52 -16.09 24.76
C PRO B 528 -7.99 -16.33 25.11
N GLY B 529 -8.65 -15.35 25.66
CA GLY B 529 -10.05 -15.53 26.08
C GLY B 529 -10.20 -15.88 27.55
N THR B 530 -11.26 -16.60 27.84
CA THR B 530 -11.75 -16.75 29.20
C THR B 530 -10.72 -17.30 30.15
N GLU B 531 -9.90 -18.22 29.66
CA GLU B 531 -8.92 -18.94 30.50
C GLU B 531 -7.48 -18.35 30.41
N ALA B 532 -7.38 -17.06 30.07
CA ALA B 532 -6.08 -16.49 29.74
C ALA B 532 -5.02 -16.69 30.85
N GLY B 533 -5.40 -16.47 32.11
CA GLY B 533 -4.40 -16.56 33.18
C GLY B 533 -3.85 -17.98 33.32
N ARG B 534 -4.70 -18.98 33.04
CA ARG B 534 -4.27 -20.40 33.11
C ARG B 534 -3.51 -20.80 31.86
N VAL B 535 -3.90 -20.27 30.70
CA VAL B 535 -3.12 -20.48 29.49
C VAL B 535 -1.67 -20.05 29.76
N THR B 536 -1.51 -18.86 30.35
CA THR B 536 -0.21 -18.25 30.58
C THR B 536 0.59 -19.06 31.64
N ALA B 537 -0.07 -19.45 32.71
CA ALA B 537 0.61 -20.17 33.80
C ALA B 537 1.08 -21.54 33.38
N ASP B 538 0.25 -22.26 32.62
CA ASP B 538 0.64 -23.56 32.09
C ASP B 538 1.77 -23.48 31.07
N LEU B 539 1.88 -22.40 30.26
CA LEU B 539 2.96 -22.32 29.28
C LEU B 539 4.26 -21.98 30.00
N LEU B 540 4.15 -21.04 30.92
CA LEU B 540 5.28 -20.64 31.74
C LEU B 540 5.86 -21.79 32.64
N SER B 541 5.00 -22.62 33.21
CA SER B 541 5.48 -23.73 34.08
C SER B 541 5.88 -24.97 33.27
N GLY B 542 5.61 -24.97 31.96
CA GLY B 542 5.89 -26.14 31.15
C GLY B 542 4.86 -27.24 31.21
N ALA B 543 3.77 -27.04 31.95
CA ALA B 543 2.65 -28.01 31.97
C ALA B 543 2.10 -28.13 30.58
N SER B 544 2.19 -27.03 29.83
CA SER B 544 1.98 -27.05 28.39
C SER B 544 3.22 -26.48 27.73
N ASN B 545 3.56 -27.10 26.62
CA ASN B 545 4.69 -26.75 25.81
C ASN B 545 4.24 -25.88 24.61
N PRO B 546 4.75 -24.61 24.52
CA PRO B 546 4.44 -23.73 23.37
C PRO B 546 4.54 -24.40 22.05
N SER B 547 3.55 -24.22 21.19
CA SER B 547 3.55 -24.87 19.88
C SER B 547 2.98 -24.08 18.74
N GLY B 548 2.51 -22.85 19.00
CA GLY B 548 2.01 -21.99 17.95
C GLY B 548 3.13 -21.46 17.05
N LYS B 549 2.78 -21.05 15.83
CA LYS B 549 3.73 -20.44 14.87
C LYS B 549 3.03 -19.19 14.31
N LEU B 550 3.82 -18.21 13.83
CA LEU B 550 3.22 -16.94 13.47
C LEU B 550 2.42 -17.10 12.20
N SER B 551 1.17 -16.65 12.21
CA SER B 551 0.38 -16.65 11.01
C SER B 551 0.35 -15.29 10.29
N MET B 552 1.12 -14.33 10.81
CA MET B 552 1.28 -13.03 10.23
C MET B 552 2.70 -12.55 10.60
N SER B 553 3.41 -11.95 9.64
CA SER B 553 4.75 -11.42 9.90
C SER B 553 4.73 -10.27 10.90
N PHE B 554 5.77 -10.22 11.70
CA PHE B 554 6.01 -9.10 12.65
C PHE B 554 7.07 -8.17 12.05
N PRO B 555 6.66 -6.98 11.57
CA PRO B 555 7.58 -6.06 10.88
C PRO B 555 8.75 -5.56 11.73
N GLN B 556 9.85 -5.21 11.07
CA GLN B 556 10.92 -4.49 11.74
C GLN B 556 10.36 -3.16 12.36
N THR B 557 9.50 -2.49 11.61
CA THR B 557 9.00 -1.16 11.96
C THR B 557 7.74 -0.89 11.08
N THR B 558 6.93 0.08 11.48
CA THR B 558 5.66 0.40 10.84
C THR B 558 5.85 0.59 9.33
N GLY B 559 6.91 1.29 8.95
CA GLY B 559 7.17 1.61 7.58
C GLY B 559 7.62 0.47 6.67
N GLN B 560 7.89 -0.71 7.24
CA GLN B 560 8.14 -1.90 6.45
C GLN B 560 6.85 -2.48 5.84
N ILE B 561 5.70 -1.98 6.29
CA ILE B 561 4.41 -2.58 5.91
C ILE B 561 3.97 -2.23 4.50
N PRO B 562 3.44 -3.21 3.74
CA PRO B 562 3.25 -4.60 4.03
C PRO B 562 4.50 -5.38 3.78
N VAL B 563 4.79 -6.26 4.72
CA VAL B 563 5.84 -7.29 4.59
C VAL B 563 5.18 -8.64 4.85
N TYR B 564 5.53 -9.63 4.05
CA TYR B 564 4.82 -10.92 4.06
C TYR B 564 5.71 -11.94 3.34
N TYR B 565 5.55 -13.20 3.74
CA TYR B 565 6.43 -14.31 3.32
C TYR B 565 6.26 -14.63 1.85
N ASN B 566 5.05 -14.64 1.36
CA ASN B 566 4.80 -14.94 -0.05
C ASN B 566 4.99 -13.76 -0.98
N HIS B 567 6.21 -13.25 -1.01
CA HIS B 567 6.50 -12.08 -1.82
C HIS B 567 7.16 -12.40 -3.18
N LEU B 568 7.03 -11.46 -4.09
CA LEU B 568 7.70 -11.56 -5.39
C LEU B 568 9.18 -11.27 -5.26
N ARG B 569 9.92 -11.78 -6.22
CA ARG B 569 11.35 -11.69 -6.15
C ARG B 569 11.88 -10.33 -6.46
N THR B 570 11.17 -9.63 -7.34
CA THR B 570 11.64 -8.43 -8.01
C THR B 570 12.79 -8.72 -8.97
N GLY B 571 13.14 -7.67 -9.71
CA GLY B 571 14.16 -7.74 -10.76
C GLY B 571 15.54 -7.56 -10.23
N ARG B 572 15.67 -7.05 -9.00
CA ARG B 572 16.98 -6.93 -8.35
C ARG B 572 17.05 -7.43 -6.91
N PRO B 573 16.89 -8.77 -6.72
CA PRO B 573 16.77 -9.28 -5.35
C PRO B 573 18.08 -9.16 -4.56
N GLN B 574 17.95 -8.87 -3.28
CA GLN B 574 19.11 -8.85 -2.40
C GLN B 574 19.34 -10.32 -2.20
N THR B 575 20.57 -10.73 -2.44
CA THR B 575 21.02 -12.07 -2.14
C THR B 575 22.09 -11.99 -1.01
N PRO B 576 22.31 -13.14 -0.35
CA PRO B 576 23.57 -13.32 0.34
C PRO B 576 24.81 -12.73 -0.41
N GLU B 577 24.92 -12.97 -1.72
CA GLU B 577 26.17 -12.64 -2.47
C GLU B 577 26.16 -11.33 -3.25
N ASN B 578 25.19 -10.45 -2.99
CA ASN B 578 25.29 -9.03 -3.40
C ASN B 578 25.03 -8.05 -2.26
N LYS B 579 24.76 -8.58 -1.08
CA LYS B 579 24.44 -7.73 0.06
C LYS B 579 25.61 -6.74 0.24
N GLY B 580 25.28 -5.53 0.69
CA GLY B 580 26.22 -4.42 0.70
C GLY B 580 26.12 -3.51 -0.50
N GLU B 581 25.73 -4.05 -1.66
CA GLU B 581 25.62 -3.24 -2.89
C GLU B 581 24.39 -2.31 -2.87
N ARG B 582 24.54 -1.17 -3.53
CA ARG B 582 23.55 -0.07 -3.51
C ARG B 582 22.31 -0.44 -4.38
N TYR B 583 22.57 -0.90 -5.58
CA TYR B 583 21.52 -1.07 -6.57
C TYR B 583 20.81 -2.46 -6.52
N VAL B 584 20.21 -2.74 -5.37
CA VAL B 584 19.38 -3.89 -5.17
C VAL B 584 18.20 -3.47 -4.29
N SER B 585 17.17 -4.29 -4.30
CA SER B 585 15.96 -4.03 -3.53
C SER B 585 16.22 -4.14 -2.04
N HIS B 586 16.31 -2.99 -1.38
CA HIS B 586 16.65 -2.93 0.05
C HIS B 586 16.21 -1.58 0.59
N TYR B 587 16.20 -1.50 1.91
CA TYR B 587 16.06 -0.25 2.64
C TYR B 587 17.40 0.19 3.21
N LEU B 588 17.63 1.49 3.30
CA LEU B 588 18.86 2.05 3.84
C LEU B 588 18.87 1.88 5.34
N ASP B 589 17.71 1.82 5.98
CA ASP B 589 17.65 1.91 7.42
C ASP B 589 17.14 0.65 8.13
N ILE B 590 16.59 -0.34 7.42
CA ILE B 590 16.18 -1.61 8.05
C ILE B 590 16.51 -2.79 7.14
N PRO B 591 16.60 -4.01 7.70
CA PRO B 591 16.57 -5.21 6.86
C PRO B 591 15.26 -5.43 6.06
N ASN B 592 15.33 -6.21 4.98
CA ASN B 592 14.16 -6.61 4.19
C ASN B 592 13.28 -7.58 4.95
N GLU B 593 13.91 -8.43 5.73
CA GLU B 593 13.17 -9.45 6.41
C GLU B 593 12.31 -8.81 7.53
N PRO B 594 11.15 -9.38 7.78
CA PRO B 594 10.38 -8.96 8.97
C PRO B 594 11.14 -9.39 10.21
N PHE B 595 10.74 -8.86 11.36
CA PHE B 595 11.49 -9.15 12.57
C PHE B 595 11.31 -10.64 12.91
N TYR B 596 10.10 -11.18 12.71
CA TYR B 596 9.79 -12.59 12.83
C TYR B 596 8.93 -13.00 11.63
N PRO B 597 9.23 -14.15 11.04
CA PRO B 597 8.56 -14.54 9.83
C PRO B 597 7.40 -15.47 10.01
N PHE B 598 6.60 -15.58 8.93
CA PHE B 598 5.50 -16.52 8.85
C PHE B 598 5.97 -17.93 9.21
N GLY B 599 5.18 -18.64 10.03
CA GLY B 599 5.46 -20.04 10.40
C GLY B 599 6.50 -20.24 11.51
N TYR B 600 6.97 -19.15 12.10
CA TYR B 600 8.06 -19.20 13.10
C TYR B 600 7.52 -19.29 14.49
N GLY B 601 8.12 -20.14 15.28
CA GLY B 601 7.81 -20.18 16.68
C GLY B 601 8.64 -21.24 17.34
N LYS B 602 8.97 -21.01 18.60
CA LYS B 602 9.79 -21.92 19.38
C LYS B 602 9.03 -23.01 20.15
N SER B 603 9.80 -23.90 20.77
CA SER B 603 9.24 -25.01 21.55
C SER B 603 10.23 -25.33 22.67
N TYR B 604 9.76 -25.94 23.75
CA TYR B 604 10.68 -26.50 24.78
C TYR B 604 11.31 -27.83 24.32
N SER B 605 10.78 -28.44 23.24
CA SER B 605 11.28 -29.66 22.64
C SER B 605 12.22 -29.31 21.51
N GLU B 606 12.81 -30.33 20.92
CA GLU B 606 13.60 -30.18 19.74
C GLU B 606 13.22 -31.38 18.88
N PHE B 607 13.19 -31.17 17.57
CA PHE B 607 12.60 -32.07 16.60
C PHE B 607 13.58 -32.23 15.44
N GLU B 608 13.56 -33.36 14.75
CA GLU B 608 14.35 -33.57 13.55
C GLU B 608 13.45 -34.05 12.45
N LEU B 609 13.64 -33.54 11.23
CA LEU B 609 12.75 -33.90 10.12
C LEU B 609 13.57 -34.38 8.95
N LYS B 610 13.00 -35.30 8.21
CA LYS B 610 13.64 -35.77 7.00
C LYS B 610 12.53 -36.20 6.03
N THR B 611 12.73 -35.83 4.78
CA THR B 611 11.70 -35.92 3.77
C THR B 611 12.10 -37.12 2.93
N SER B 612 11.18 -38.06 2.76
CA SER B 612 11.45 -39.20 1.92
C SER B 612 11.61 -38.75 0.48
N SER B 613 12.28 -39.61 -0.24
CA SER B 613 12.74 -39.38 -1.57
C SER B 613 11.63 -38.92 -2.53
N LEU B 614 11.78 -37.74 -3.09
CA LEU B 614 10.81 -37.18 -4.04
C LEU B 614 11.18 -37.55 -5.46
N PRO B 615 10.17 -37.64 -6.36
CA PRO B 615 10.49 -37.75 -7.78
C PRO B 615 11.19 -36.50 -8.37
N LYS B 616 12.02 -36.68 -9.39
CA LYS B 616 12.69 -35.57 -10.09
C LYS B 616 11.73 -34.90 -11.09
N GLU B 617 10.81 -35.68 -11.64
CA GLU B 617 9.85 -35.25 -12.65
C GLU B 617 8.44 -35.67 -12.30
N LEU B 618 7.48 -34.95 -12.89
CA LEU B 618 6.04 -35.12 -12.64
C LEU B 618 5.34 -34.79 -13.96
N ASN B 619 4.25 -35.46 -14.29
CA ASN B 619 3.40 -35.00 -15.40
C ASN B 619 2.51 -33.83 -14.98
N LEU B 620 2.06 -33.03 -15.92
CA LEU B 620 1.02 -32.05 -15.62
C LEU B 620 -0.24 -32.79 -15.13
N GLY B 621 -1.01 -32.18 -14.22
CA GLY B 621 -2.14 -32.84 -13.63
C GLY B 621 -1.81 -33.89 -12.57
N GLU B 622 -0.54 -34.19 -12.33
CA GLU B 622 -0.20 -35.29 -11.44
C GLU B 622 0.01 -34.68 -10.03
N SER B 623 -0.42 -35.40 -9.00
CA SER B 623 -0.11 -35.00 -7.64
C SER B 623 1.31 -35.31 -7.20
N LEU B 624 1.85 -34.46 -6.33
CA LEU B 624 3.09 -34.73 -5.64
C LEU B 624 2.81 -35.17 -4.24
N HIS B 625 3.32 -36.36 -3.89
CA HIS B 625 3.11 -36.98 -2.60
C HIS B 625 4.36 -36.76 -1.81
N VAL B 626 4.22 -36.21 -0.59
CA VAL B 626 5.36 -35.77 0.22
C VAL B 626 5.31 -36.46 1.55
N GLU B 627 6.33 -37.26 1.81
CA GLU B 627 6.40 -38.03 3.05
C GLU B 627 7.50 -37.49 3.94
N VAL B 628 7.11 -37.20 5.17
CA VAL B 628 8.01 -36.57 6.15
C VAL B 628 8.04 -37.40 7.44
N THR B 629 9.24 -37.73 7.89
CA THR B 629 9.45 -38.43 9.13
C THR B 629 9.97 -37.45 10.15
N ILE B 630 9.24 -37.26 11.23
CA ILE B 630 9.66 -36.32 12.29
C ILE B 630 9.95 -37.08 13.58
N LYS B 631 11.04 -36.72 14.25
CA LYS B 631 11.40 -37.30 15.54
C LYS B 631 11.56 -36.19 16.58
N ASN B 632 10.91 -36.37 17.74
CA ASN B 632 11.18 -35.60 18.91
C ASN B 632 12.43 -36.12 19.61
N ILE B 633 13.53 -35.35 19.56
CA ILE B 633 14.85 -35.83 20.03
C ILE B 633 15.23 -35.25 21.38
N SER B 634 14.24 -34.70 22.08
CA SER B 634 14.41 -34.17 23.43
C SER B 634 13.64 -35.07 24.42
N ASP B 635 13.72 -34.69 25.67
CA ASP B 635 13.11 -35.43 26.73
C ASP B 635 11.78 -34.85 27.10
N ILE B 636 11.29 -33.93 26.27
CA ILE B 636 10.11 -33.16 26.61
C ILE B 636 9.06 -33.38 25.53
N ALA B 637 7.87 -33.80 25.93
CA ALA B 637 6.83 -34.02 24.95
C ALA B 637 6.41 -32.61 24.39
N GLY B 638 5.95 -32.58 23.15
CA GLY B 638 5.51 -31.33 22.50
C GLY B 638 5.02 -31.56 21.10
N LYS B 639 4.54 -30.46 20.50
CA LYS B 639 4.11 -30.42 19.11
C LYS B 639 4.93 -29.49 18.20
N GLU B 640 5.15 -29.97 16.98
CA GLU B 640 5.75 -29.24 15.86
C GLU B 640 4.73 -29.10 14.73
N VAL B 641 4.83 -28.03 14.00
CA VAL B 641 3.97 -27.81 12.83
C VAL B 641 4.78 -28.04 11.61
N ILE B 642 4.55 -29.17 10.95
CA ILE B 642 5.28 -29.40 9.70
C ILE B 642 4.69 -28.54 8.54
N GLN B 643 5.50 -27.86 7.75
CA GLN B 643 4.95 -26.96 6.72
C GLN B 643 5.59 -27.32 5.42
N VAL B 644 4.78 -27.32 4.36
CA VAL B 644 5.28 -27.59 3.02
C VAL B 644 4.98 -26.41 2.14
N TYR B 645 6.02 -25.88 1.49
CA TYR B 645 5.83 -24.77 0.58
C TYR B 645 6.12 -25.18 -0.82
N LEU B 646 5.50 -24.50 -1.78
CA LEU B 646 5.86 -24.66 -3.19
C LEU B 646 6.26 -23.27 -3.75
N GLN B 647 7.30 -23.26 -4.63
CA GLN B 647 7.62 -22.15 -5.47
C GLN B 647 7.61 -22.47 -7.00
N ASP B 648 7.19 -21.50 -7.83
CA ASP B 648 7.18 -21.65 -9.26
C ASP B 648 8.23 -20.79 -9.89
N VAL B 649 9.33 -21.43 -10.31
CA VAL B 649 10.58 -20.71 -10.47
C VAL B 649 10.47 -19.70 -11.60
N THR B 650 9.81 -20.13 -12.66
CA THR B 650 9.54 -19.35 -13.89
C THR B 650 8.12 -19.46 -14.37
N ALA B 651 7.45 -18.34 -14.54
CA ALA B 651 6.09 -18.48 -14.96
C ALA B 651 5.73 -17.33 -15.85
N SER B 652 4.58 -17.41 -16.52
CA SER B 652 4.14 -16.23 -17.24
C SER B 652 3.58 -15.07 -16.34
N ILE B 653 3.50 -15.26 -15.02
CA ILE B 653 3.29 -14.15 -14.05
C ILE B 653 4.45 -14.38 -13.09
N SER B 654 5.00 -13.30 -12.56
CA SER B 654 6.09 -13.41 -11.54
C SER B 654 5.45 -13.98 -10.28
N ARG B 655 5.93 -15.14 -9.82
CA ARG B 655 5.22 -15.90 -8.78
C ARG B 655 5.93 -15.74 -7.46
N PRO B 656 5.21 -15.94 -6.38
CA PRO B 656 5.84 -15.74 -5.08
C PRO B 656 6.98 -16.70 -4.83
N VAL B 657 7.95 -16.29 -4.01
CA VAL B 657 9.12 -17.10 -3.70
C VAL B 657 8.81 -18.37 -2.92
N LYS B 658 7.68 -18.34 -2.22
CA LYS B 658 7.07 -19.51 -1.62
C LYS B 658 5.58 -19.26 -1.41
N GLU B 659 4.79 -20.33 -1.38
CA GLU B 659 3.42 -20.32 -0.90
C GLU B 659 3.24 -21.56 -0.07
N LEU B 660 2.58 -21.41 1.06
CA LEU B 660 2.15 -22.58 1.87
C LEU B 660 1.11 -23.42 1.11
N LYS B 661 1.39 -24.73 1.02
CA LYS B 661 0.42 -25.64 0.44
C LYS B 661 0.03 -26.83 1.29
N ALA B 662 0.65 -27.04 2.45
CA ALA B 662 0.20 -28.04 3.38
C ALA B 662 0.84 -27.79 4.69
N PHE B 663 0.22 -28.34 5.70
CA PHE B 663 0.67 -28.20 7.04
C PHE B 663 -0.04 -29.23 7.91
N GLU B 664 0.65 -29.72 8.94
CA GLU B 664 0.05 -30.62 9.91
C GLU B 664 0.83 -30.46 11.17
N LYS B 665 0.12 -30.39 12.28
CA LYS B 665 0.71 -30.20 13.57
C LYS B 665 0.80 -31.57 14.22
N VAL B 666 2.03 -31.96 14.50
CA VAL B 666 2.35 -33.32 15.04
C VAL B 666 2.70 -33.30 16.56
N ALA B 667 1.93 -34.07 17.35
CA ALA B 667 2.24 -34.36 18.76
C ALA B 667 3.17 -35.58 18.90
N LEU B 668 4.24 -35.38 19.66
CA LEU B 668 5.26 -36.39 19.87
C LEU B 668 5.76 -36.41 21.34
N GLN B 669 5.74 -37.61 21.93
CA GLN B 669 6.36 -37.87 23.22
C GLN B 669 7.89 -37.80 23.09
N ALA B 670 8.59 -37.60 24.18
CA ALA B 670 10.05 -37.67 24.17
C ALA B 670 10.48 -38.90 23.44
N GLY B 671 11.33 -38.74 22.45
CA GLY B 671 11.83 -39.86 21.68
C GLY B 671 10.87 -40.38 20.62
N GLU B 672 9.59 -40.01 20.66
CA GLU B 672 8.66 -40.53 19.66
C GLU B 672 8.99 -40.07 18.25
N GLU B 673 8.71 -40.96 17.32
CA GLU B 673 8.86 -40.68 15.91
C GLU B 673 7.55 -41.02 15.18
N LYS B 674 7.18 -40.17 14.21
CA LYS B 674 6.01 -40.37 13.39
C LYS B 674 6.30 -40.03 11.95
N THR B 675 5.52 -40.62 11.06
CA THR B 675 5.56 -40.34 9.63
C THR B 675 4.26 -39.69 9.24
N VAL B 676 4.35 -38.59 8.48
CA VAL B 676 3.14 -37.91 7.97
C VAL B 676 3.33 -37.82 6.48
N THR B 677 2.23 -37.88 5.76
CA THR B 677 2.27 -37.73 4.28
C THR B 677 1.32 -36.62 3.78
N PHE B 678 1.73 -35.89 2.75
CA PHE B 678 0.94 -34.78 2.21
C PHE B 678 0.72 -35.08 0.70
N GLU B 679 -0.41 -34.71 0.14
CA GLU B 679 -0.58 -34.74 -1.32
C GLU B 679 -0.74 -33.29 -1.84
N LEU B 680 0.18 -32.85 -2.66
CA LEU B 680 0.03 -31.56 -3.25
C LEU B 680 -0.56 -31.90 -4.61
N THR B 681 -1.83 -31.58 -4.81
CA THR B 681 -2.47 -31.85 -6.11
C THR B 681 -1.96 -30.90 -7.14
N SER B 682 -2.29 -31.16 -8.40
CA SER B 682 -1.86 -30.29 -9.49
C SER B 682 -2.41 -28.91 -9.26
N GLU B 683 -3.51 -28.79 -8.53
CA GLU B 683 -4.00 -27.47 -8.20
C GLU B 683 -2.99 -26.61 -7.35
N ALA B 684 -2.23 -27.20 -6.44
CA ALA B 684 -1.17 -26.48 -5.69
C ALA B 684 -0.11 -25.90 -6.63
N PHE B 685 -0.05 -26.41 -7.85
CA PHE B 685 0.98 -26.04 -8.85
C PHE B 685 0.42 -24.95 -9.81
N SER B 686 -0.89 -24.69 -9.65
CA SER B 686 -1.62 -23.80 -10.56
C SER B 686 -1.73 -22.36 -10.05
N PHE B 687 -1.87 -21.40 -10.97
CA PHE B 687 -2.11 -20.03 -10.64
C PHE B 687 -2.95 -19.39 -11.74
N TYR B 688 -3.46 -18.19 -11.45
CA TYR B 688 -4.12 -17.34 -12.41
C TYR B 688 -3.22 -16.54 -13.32
N ASN B 689 -3.47 -16.64 -14.62
CA ASN B 689 -2.63 -15.95 -15.55
C ASN B 689 -3.22 -14.60 -15.90
N HIS B 690 -2.53 -13.89 -16.78
CA HIS B 690 -2.89 -12.52 -17.09
C HIS B 690 -4.23 -12.47 -17.84
N GLN B 691 -4.60 -13.49 -18.59
CA GLN B 691 -5.99 -13.56 -19.06
C GLN B 691 -6.99 -14.07 -17.96
N LEU B 692 -6.55 -14.19 -16.70
CA LEU B 692 -7.44 -14.72 -15.58
C LEU B 692 -7.89 -16.20 -15.74
N GLU B 693 -7.15 -16.96 -16.52
CA GLU B 693 -7.29 -18.42 -16.51
C GLU B 693 -6.53 -19.10 -15.37
N LYS B 694 -7.19 -20.12 -14.79
CA LYS B 694 -6.55 -20.99 -13.81
C LYS B 694 -5.79 -22.02 -14.59
N VAL B 695 -4.47 -21.99 -14.46
CA VAL B 695 -3.54 -22.68 -15.33
C VAL B 695 -2.41 -23.42 -14.60
N GLN B 696 -1.88 -24.42 -15.31
CA GLN B 696 -0.71 -25.15 -14.92
C GLN B 696 0.26 -25.11 -16.12
N GLU B 697 1.43 -24.60 -15.86
CA GLU B 697 2.52 -24.51 -16.84
C GLU B 697 3.65 -25.51 -16.53
N PRO B 698 4.23 -26.09 -17.60
CA PRO B 698 5.35 -26.97 -17.40
C PRO B 698 6.57 -26.15 -16.99
N GLY B 699 7.43 -26.81 -16.21
CA GLY B 699 8.63 -26.17 -15.68
C GLY B 699 9.02 -26.58 -14.29
N LEU B 700 10.05 -25.90 -13.75
CA LEU B 700 10.66 -26.22 -12.47
C LEU B 700 9.85 -25.62 -11.32
N HIS B 701 9.67 -26.41 -10.29
CA HIS B 701 9.18 -25.95 -9.02
C HIS B 701 10.18 -26.39 -7.96
N ARG B 702 10.24 -25.64 -6.86
CA ARG B 702 10.93 -26.06 -5.68
C ARG B 702 9.88 -26.37 -4.64
N VAL B 703 10.16 -27.40 -3.86
CA VAL B 703 9.42 -27.84 -2.72
C VAL B 703 10.28 -27.66 -1.48
N PHE B 704 9.65 -27.03 -0.48
CA PHE B 704 10.30 -26.70 0.76
C PHE B 704 9.53 -27.42 1.85
N VAL B 705 10.26 -28.21 2.60
CA VAL B 705 9.69 -28.86 3.76
C VAL B 705 10.43 -28.37 4.99
N GLY B 706 9.70 -27.99 6.02
CA GLY B 706 10.34 -27.56 7.26
C GLY B 706 9.34 -27.10 8.29
N THR B 707 9.80 -26.26 9.21
CA THR B 707 9.05 -25.85 10.38
C THR B 707 8.88 -24.31 10.54
N SER B 708 9.36 -23.58 9.54
CA SER B 708 8.92 -22.22 9.27
C SER B 708 8.99 -21.95 7.76
N SER B 709 8.59 -20.75 7.34
CA SER B 709 8.88 -20.29 5.98
C SER B 709 10.36 -20.10 5.73
N GLU B 710 11.17 -20.12 6.79
CA GLU B 710 12.61 -19.91 6.67
C GLU B 710 13.45 -21.17 6.98
N ASP B 711 13.04 -21.94 7.97
CA ASP B 711 13.67 -23.23 8.37
C ASP B 711 13.12 -24.45 7.57
N VAL B 712 13.70 -24.66 6.39
CA VAL B 712 13.24 -25.64 5.41
C VAL B 712 14.39 -26.34 4.69
N ASP B 713 14.15 -27.57 4.25
CA ASP B 713 15.00 -28.18 3.24
C ASP B 713 14.33 -27.94 1.93
N VAL B 714 15.10 -27.88 0.85
CA VAL B 714 14.57 -27.57 -0.50
C VAL B 714 14.84 -28.68 -1.50
N PHE B 715 13.85 -28.99 -2.33
CA PHE B 715 13.91 -30.04 -3.34
C PHE B 715 13.33 -29.51 -4.63
N GLU B 716 13.79 -30.03 -5.76
CA GLU B 716 13.35 -29.60 -7.08
C GLU B 716 12.59 -30.68 -7.81
N VAL B 717 11.53 -30.26 -8.46
CA VAL B 717 10.74 -31.12 -9.36
C VAL B 717 10.41 -30.38 -10.62
N GLU B 718 10.72 -31.03 -11.74
CA GLU B 718 10.52 -30.54 -13.06
C GLU B 718 9.22 -31.12 -13.60
N VAL B 719 8.22 -30.25 -13.73
CA VAL B 719 6.92 -30.63 -14.31
C VAL B 719 6.89 -30.44 -15.83
N GLY B 720 6.53 -31.50 -16.56
CA GLY B 720 6.27 -31.37 -17.99
C GLY B 720 5.51 -32.52 -18.61
N GLY B 721 5.75 -32.79 -19.89
CA GLY B 721 5.28 -34.05 -20.52
C GLY B 721 3.84 -33.90 -20.89
N TYR B 722 3.03 -34.95 -20.66
CA TYR B 722 1.56 -34.97 -20.91
C TYR B 722 0.71 -34.65 -19.72
N VAL B 723 -0.61 -34.55 -19.93
CA VAL B 723 -1.55 -34.23 -18.79
C VAL B 723 -2.36 -35.43 -18.29
N LEU B 724 -2.43 -35.63 -16.99
CA LEU B 724 -3.40 -36.57 -16.36
C LEU B 724 -4.83 -36.02 -16.26
#